data_8E8O
#
_entry.id   8E8O
#
_cell.length_a   1.00
_cell.length_b   1.00
_cell.length_c   1.00
_cell.angle_alpha   90.00
_cell.angle_beta   90.00
_cell.angle_gamma   90.00
#
_symmetry.space_group_name_H-M   'P 1'
#
loop_
_entity.id
_entity.type
_entity.pdbx_description
1 polymer 'NADP-dependent malic enzyme, mitochondrial'
2 non-polymer 'NADP NICOTINAMIDE-ADENINE-DINUCLEOTIDE PHOSPHATE'
#
_entity_poly.entity_id   1
_entity_poly.type   'polypeptide(L)'
_entity_poly.pdbx_seq_one_letter_code
;MGAALGTGTRLAPWPGRACGALPRWTPTAPAQGCHSKPGPARPVPLKKRGYDVTRNPHLNKGMAFTLEERLQLGIHGLIP
PCFLSQDVQLLRIMRYYERQQSDLDKYIILMTLQDRNEKLFYRVLTSDVEKFMPIVYTPTVGLACQHYGLTFRRPRGLFI
TIHDKGHLATMLNSWPEDNIKAVVVTDGERILGLGDLGCYGMGIPVGKLALYTACGGVNPQQCLPVLLDVGTNNEELLRD
PLYIGLKHQRVHGKAYDDLLDEFMQAVTDKFGINCLIQFEDFANANAFRLLNKYRNKYCMFNDDIQGTASVAVAGILAAL
RITKNKLSNHVFVFQGAGEAAMGIAHLLVMALEKEGVPKAEATRKIWMVDSKGLIVKGRSHLNHEKEMFAQDHPEVNSLE
EVVRLVKPTAIIGVAAIAGAFTEQILRDMASFHERPIIFALSNPTSKAECTAEKCYRVTEGRGIFASGSPFKSVTLEDGK
TFIPGQGNNAYVFPGVALGVIAGGIRHIPDEIFLLTAEQIAQEVSEQHLSQGRLYPPLSTIRDVSLRIAIKVLDYAYKHN
LASYYPEPKDKEAFVRSLVYTPDYDSFTLDSYTWPKEAMNVQTV
;
_entity_poly.pdbx_strand_id   A,B,C,D
#
loop_
_chem_comp.id
_chem_comp.type
_chem_comp.name
_chem_comp.formula
NAP non-polymer 'NADP NICOTINAMIDE-ADENINE-DINUCLEOTIDE PHOSPHATE' 'C21 H28 N7 O17 P3'
#
# COMPACT_ATOMS: atom_id res chain seq x y z
N ARG A 49 6.64 6.27 -0.52
CA ARG A 49 6.42 5.74 0.82
C ARG A 49 5.56 6.70 1.64
N GLY A 50 6.02 7.93 1.79
CA GLY A 50 5.21 8.94 2.45
C GLY A 50 5.22 8.80 3.95
N TYR A 51 4.10 9.22 4.56
CA TYR A 51 4.00 9.24 6.02
C TYR A 51 4.31 7.89 6.64
N ASP A 52 4.15 6.81 5.88
CA ASP A 52 4.39 5.47 6.43
C ASP A 52 5.86 5.16 6.63
N VAL A 53 6.77 5.90 5.99
CA VAL A 53 8.19 5.63 6.17
C VAL A 53 8.73 6.27 7.44
N THR A 54 7.94 7.12 8.09
CA THR A 54 8.32 7.72 9.36
C THR A 54 7.73 6.98 10.56
N ARG A 55 6.73 6.13 10.33
CA ARG A 55 6.20 5.26 11.38
C ARG A 55 6.85 3.89 11.36
N ASN A 56 7.81 3.66 10.48
CA ASN A 56 8.54 2.42 10.41
C ASN A 56 9.89 2.60 11.07
N PRO A 57 10.14 1.99 12.22
CA PRO A 57 11.40 2.25 12.93
C PRO A 57 12.64 1.79 12.19
N HIS A 58 12.52 0.82 11.28
CA HIS A 58 13.67 0.39 10.50
C HIS A 58 14.03 1.37 9.41
N LEU A 59 13.07 2.12 8.90
CA LEU A 59 13.30 3.12 7.87
C LEU A 59 13.41 4.53 8.40
N ASN A 60 12.64 4.85 9.43
CA ASN A 60 12.64 6.19 9.99
C ASN A 60 14.03 6.61 10.43
N LYS A 61 14.53 7.70 9.86
CA LYS A 61 15.79 8.29 10.27
C LYS A 61 15.59 9.55 11.09
N GLY A 62 14.35 9.94 11.35
CA GLY A 62 14.10 11.15 12.11
C GLY A 62 14.57 12.37 11.35
N MET A 63 15.19 13.31 12.06
CA MET A 63 15.72 14.53 11.46
C MET A 63 17.03 14.29 10.74
N ALA A 64 17.42 13.03 10.55
CA ALA A 64 18.62 12.75 9.78
C ALA A 64 18.34 12.57 8.30
N PHE A 65 17.07 12.47 7.91
CA PHE A 65 16.70 12.53 6.51
C PHE A 65 17.20 13.84 5.92
N THR A 66 17.99 13.75 4.86
CA THR A 66 18.39 14.96 4.17
C THR A 66 17.20 15.58 3.46
N LEU A 67 17.37 16.82 3.00
CA LEU A 67 16.29 17.48 2.27
C LEU A 67 15.93 16.71 1.01
N GLU A 68 16.95 16.22 0.30
CA GLU A 68 16.69 15.45 -0.91
C GLU A 68 15.94 14.16 -0.59
N GLU A 69 16.31 13.49 0.50
CA GLU A 69 15.61 12.26 0.87
C GLU A 69 14.17 12.55 1.26
N ARG A 70 13.92 13.66 1.97
CA ARG A 70 12.56 14.01 2.33
C ARG A 70 11.73 14.32 1.10
N LEU A 71 12.31 15.02 0.13
CA LEU A 71 11.56 15.33 -1.08
C LEU A 71 11.29 14.07 -1.89
N GLN A 72 12.24 13.13 -1.93
CA GLN A 72 12.05 11.92 -2.71
C GLN A 72 11.14 10.92 -2.01
N LEU A 73 11.02 10.98 -0.69
CA LEU A 73 10.18 10.05 0.04
C LEU A 73 8.78 10.57 0.28
N GLY A 74 8.52 11.83 -0.05
CA GLY A 74 7.21 12.39 0.22
C GLY A 74 6.96 12.64 1.70
N ILE A 75 7.99 13.06 2.43
CA ILE A 75 7.83 13.30 3.87
C ILE A 75 8.35 14.68 4.23
N HIS A 76 8.54 15.54 3.24
CA HIS A 76 8.99 16.89 3.56
C HIS A 76 7.86 17.64 4.25
N GLY A 77 8.20 18.36 5.32
CA GLY A 77 7.24 18.98 6.18
C GLY A 77 6.89 18.15 7.39
N LEU A 78 6.90 16.83 7.28
CA LEU A 78 6.63 15.98 8.42
C LEU A 78 7.79 15.97 9.42
N ILE A 79 8.97 16.39 9.00
CA ILE A 79 10.15 16.44 9.86
C ILE A 79 10.44 17.91 10.14
N PRO A 80 10.89 18.27 11.34
CA PRO A 80 11.32 19.64 11.58
C PRO A 80 12.44 20.02 10.62
N PRO A 81 12.63 21.32 10.37
CA PRO A 81 13.56 21.75 9.32
C PRO A 81 15.00 21.80 9.77
N CYS A 82 15.45 20.80 10.51
CA CYS A 82 16.84 20.68 10.88
C CYS A 82 17.35 19.35 10.37
N PHE A 83 18.56 19.35 9.85
CA PHE A 83 19.18 18.16 9.26
C PHE A 83 20.33 17.76 10.16
N LEU A 84 20.15 16.66 10.88
CA LEU A 84 21.13 16.21 11.85
C LEU A 84 21.93 15.02 11.32
N SER A 85 23.06 14.78 11.97
CA SER A 85 23.81 13.54 11.84
C SER A 85 23.35 12.59 12.93
N GLN A 86 23.70 11.31 12.76
CA GLN A 86 23.40 10.37 13.83
C GLN A 86 24.17 10.72 15.11
N ASP A 87 25.25 11.49 14.99
CA ASP A 87 25.96 11.95 16.18
C ASP A 87 25.12 12.94 16.97
N VAL A 88 24.49 13.89 16.29
CA VAL A 88 23.67 14.89 16.99
C VAL A 88 22.42 14.24 17.56
N GLN A 89 21.83 13.30 16.83
CA GLN A 89 20.72 12.56 17.39
C GLN A 89 21.14 11.76 18.61
N LEU A 90 22.33 11.16 18.56
CA LEU A 90 22.85 10.44 19.71
C LEU A 90 23.03 11.37 20.89
N LEU A 91 23.51 12.59 20.64
CA LEU A 91 23.68 13.56 21.71
C LEU A 91 22.35 13.94 22.33
N ARG A 92 21.32 14.14 21.50
CA ARG A 92 20.00 14.45 22.05
C ARG A 92 19.49 13.29 22.90
N ILE A 93 19.60 12.08 22.40
CA ILE A 93 19.10 10.91 23.14
C ILE A 93 19.86 10.77 24.44
N MET A 94 21.17 11.01 24.43
CA MET A 94 21.96 10.87 25.65
C MET A 94 21.61 11.95 26.66
N ARG A 95 21.43 13.19 26.21
CA ARG A 95 21.08 14.25 27.11
C ARG A 95 19.71 14.00 27.75
N TYR A 96 18.79 13.42 26.99
CA TYR A 96 17.49 13.09 27.58
C TYR A 96 17.57 11.84 28.44
N TYR A 97 18.53 10.96 28.17
CA TYR A 97 18.68 9.69 28.86
C TYR A 97 19.30 9.87 30.23
N GLU A 98 20.32 10.72 30.34
CA GLU A 98 21.00 10.94 31.60
C GLU A 98 20.12 11.68 32.61
N ARG A 99 19.03 12.27 32.16
CA ARG A 99 18.13 13.00 33.04
C ARG A 99 17.11 12.11 33.74
N GLN A 100 17.28 10.80 33.67
CA GLN A 100 16.43 9.89 34.43
C GLN A 100 17.16 9.39 35.66
N GLN A 101 16.39 8.98 36.66
CA GLN A 101 16.93 8.52 37.92
C GLN A 101 16.90 7.01 38.07
N SER A 102 15.75 6.39 37.81
CA SER A 102 15.64 4.95 37.91
C SER A 102 16.02 4.29 36.60
N ASP A 103 16.57 3.07 36.69
CA ASP A 103 16.94 2.34 35.50
C ASP A 103 15.73 1.95 34.67
N LEU A 104 14.57 1.84 35.30
CA LEU A 104 13.36 1.55 34.53
C LEU A 104 13.01 2.70 33.60
N ASP A 105 13.25 3.94 34.02
CA ASP A 105 13.02 5.07 33.13
C ASP A 105 13.96 5.04 31.94
N LYS A 106 15.21 4.67 32.17
CA LYS A 106 16.16 4.56 31.07
C LYS A 106 15.78 3.43 30.13
N TYR A 107 15.32 2.31 30.67
CA TYR A 107 14.82 1.22 29.85
C TYR A 107 13.65 1.67 28.99
N ILE A 108 12.73 2.43 29.58
CA ILE A 108 11.58 2.92 28.82
C ILE A 108 12.03 3.88 27.73
N ILE A 109 13.00 4.74 28.03
CA ILE A 109 13.53 5.65 27.01
C ILE A 109 14.11 4.86 25.86
N LEU A 110 14.94 3.87 26.16
CA LEU A 110 15.58 3.09 25.10
C LEU A 110 14.56 2.30 24.30
N MET A 111 13.53 1.79 24.94
CA MET A 111 12.54 1.01 24.22
C MET A 111 11.68 1.89 23.32
N THR A 112 11.34 3.09 23.79
CA THR A 112 10.66 4.03 22.91
C THR A 112 11.55 4.44 21.74
N LEU A 113 12.84 4.62 21.99
CA LEU A 113 13.75 4.95 20.90
C LEU A 113 13.83 3.81 19.89
N GLN A 114 13.76 2.57 20.38
CA GLN A 114 13.73 1.43 19.47
C GLN A 114 12.47 1.42 18.63
N ASP A 115 11.34 1.77 19.24
CA ASP A 115 10.10 1.85 18.46
C ASP A 115 10.10 3.03 17.50
N ARG A 116 10.93 4.04 17.73
CA ARG A 116 10.96 5.21 16.85
C ARG A 116 12.00 5.07 15.74
N ASN A 117 13.26 4.90 16.12
CA ASN A 117 14.38 4.92 15.17
C ASN A 117 15.32 3.79 15.57
N GLU A 118 15.24 2.66 14.86
CA GLU A 118 16.01 1.50 15.26
C GLU A 118 17.49 1.68 15.02
N LYS A 119 17.88 2.33 13.93
CA LYS A 119 19.30 2.54 13.70
C LYS A 119 19.88 3.47 14.75
N LEU A 120 19.13 4.47 15.19
CA LEU A 120 19.59 5.28 16.31
C LEU A 120 19.56 4.50 17.61
N PHE A 121 18.62 3.58 17.77
CA PHE A 121 18.59 2.76 18.97
C PHE A 121 19.86 1.93 19.08
N TYR A 122 20.25 1.27 17.99
CA TYR A 122 21.45 0.47 18.02
C TYR A 122 22.71 1.30 17.99
N ARG A 123 22.64 2.52 17.47
CA ARG A 123 23.74 3.46 17.67
C ARG A 123 23.93 3.78 19.14
N VAL A 124 22.83 3.98 19.86
CA VAL A 124 22.91 4.20 21.30
C VAL A 124 23.52 2.98 21.98
N LEU A 125 23.03 1.79 21.65
CA LEU A 125 23.53 0.58 22.29
C LEU A 125 25.02 0.37 22.03
N THR A 126 25.40 0.26 20.76
CA THR A 126 26.80 0.08 20.40
C THR A 126 27.65 1.29 20.73
N SER A 127 27.06 2.40 21.16
CA SER A 127 27.85 3.55 21.58
C SER A 127 28.70 3.20 22.79
N ASP A 128 28.08 2.62 23.82
CA ASP A 128 28.81 2.06 24.95
C ASP A 128 28.00 0.85 25.42
N VAL A 129 28.34 -0.31 24.87
CA VAL A 129 27.52 -1.50 25.10
C VAL A 129 27.65 -1.98 26.53
N GLU A 130 28.76 -1.67 27.19
CA GLU A 130 28.94 -2.11 28.57
C GLU A 130 27.99 -1.40 29.53
N LYS A 131 27.54 -0.20 29.18
CA LYS A 131 26.62 0.53 30.04
C LYS A 131 25.16 0.39 29.63
N PHE A 132 24.88 -0.09 28.43
CA PHE A 132 23.51 -0.27 27.99
C PHE A 132 23.05 -1.72 27.99
N MET A 133 23.99 -2.67 28.05
CA MET A 133 23.61 -4.05 28.26
C MET A 133 22.89 -4.26 29.59
N PRO A 134 23.30 -3.65 30.71
CA PRO A 134 22.52 -3.82 31.94
C PRO A 134 21.13 -3.21 31.88
N ILE A 135 20.88 -2.29 30.95
CA ILE A 135 19.58 -1.63 30.88
C ILE A 135 18.64 -2.36 29.93
N VAL A 136 19.10 -2.68 28.73
CA VAL A 136 18.24 -3.33 27.75
C VAL A 136 18.00 -4.78 28.12
N TYR A 137 18.96 -5.42 28.76
CA TYR A 137 18.85 -6.80 29.18
C TYR A 137 19.12 -6.86 30.68
N THR A 138 19.32 -8.08 31.19
CA THR A 138 19.48 -8.29 32.63
C THR A 138 20.51 -7.32 33.19
N PRO A 139 20.30 -6.77 34.39
CA PRO A 139 19.17 -7.07 35.28
C PRO A 139 17.96 -6.17 35.12
N THR A 140 18.07 -5.07 34.37
CA THR A 140 16.99 -4.09 34.32
C THR A 140 15.76 -4.64 33.62
N VAL A 141 15.95 -5.46 32.58
CA VAL A 141 14.81 -6.03 31.89
C VAL A 141 13.98 -6.89 32.82
N GLY A 142 14.56 -7.38 33.91
CA GLY A 142 13.78 -8.17 34.85
C GLY A 142 12.75 -7.33 35.59
N LEU A 143 13.18 -6.23 36.19
CA LEU A 143 12.24 -5.33 36.85
C LEU A 143 11.31 -4.67 35.84
N ALA A 144 11.76 -4.55 34.59
CA ALA A 144 10.87 -4.09 33.54
C ALA A 144 9.73 -5.07 33.32
N CYS A 145 10.05 -6.36 33.18
CA CYS A 145 9.02 -7.38 32.99
C CYS A 145 8.15 -7.52 34.23
N GLN A 146 8.70 -7.27 35.42
CA GLN A 146 7.90 -7.31 36.63
C GLN A 146 6.81 -6.26 36.60
N HIS A 147 7.14 -5.08 36.09
CA HIS A 147 6.20 -3.96 35.96
C HIS A 147 5.91 -3.67 34.49
N TYR A 148 5.76 -4.73 33.69
CA TYR A 148 5.57 -4.57 32.26
C TYR A 148 4.25 -3.88 31.95
N GLY A 149 3.14 -4.48 32.36
CA GLY A 149 1.83 -3.92 32.04
C GLY A 149 1.63 -2.53 32.58
N LEU A 150 2.36 -2.19 33.65
CA LEU A 150 2.26 -0.85 34.23
C LEU A 150 2.73 0.20 33.24
N THR A 151 3.96 0.05 32.75
CA THR A 151 4.55 0.99 31.80
C THR A 151 4.33 0.55 30.35
N PHE A 152 3.56 -0.51 30.14
CA PHE A 152 3.35 -1.03 28.79
C PHE A 152 2.59 -0.03 27.95
N ARG A 153 3.23 0.45 26.89
CA ARG A 153 2.61 1.42 26.01
C ARG A 153 2.53 0.90 24.58
N ARG A 154 3.61 0.34 24.06
CA ARG A 154 3.59 -0.14 22.68
C ARG A 154 3.92 -1.63 22.64
N PRO A 155 3.05 -2.46 22.07
CA PRO A 155 3.34 -3.90 22.03
C PRO A 155 4.47 -4.20 21.06
N ARG A 156 5.41 -5.01 21.51
CA ARG A 156 6.58 -5.41 20.74
C ARG A 156 6.61 -6.93 20.67
N GLY A 157 7.01 -7.45 19.51
CA GLY A 157 7.11 -8.89 19.35
C GLY A 157 5.84 -9.54 18.85
N LEU A 158 5.75 -10.84 19.08
CA LEU A 158 4.66 -11.67 18.57
C LEU A 158 4.15 -12.55 19.70
N PHE A 159 2.88 -12.42 20.03
CA PHE A 159 2.27 -13.15 21.15
C PHE A 159 1.45 -14.30 20.57
N ILE A 160 1.91 -15.52 20.79
CA ILE A 160 1.24 -16.71 20.28
C ILE A 160 0.77 -17.52 21.48
N THR A 161 -0.52 -17.81 21.54
CA THR A 161 -1.08 -18.43 22.73
C THR A 161 -1.37 -19.89 22.49
N ILE A 162 -1.83 -20.57 23.54
CA ILE A 162 -2.20 -21.98 23.42
C ILE A 162 -3.49 -22.12 22.62
N HIS A 163 -4.38 -21.14 22.71
CA HIS A 163 -5.67 -21.19 22.02
C HIS A 163 -5.55 -20.88 20.54
N ASP A 164 -4.35 -20.72 20.03
CA ASP A 164 -4.12 -20.48 18.62
C ASP A 164 -3.64 -21.71 17.88
N LYS A 165 -3.70 -22.88 18.52
CA LYS A 165 -3.19 -24.10 17.90
C LYS A 165 -3.94 -24.40 16.62
N GLY A 166 -3.20 -24.52 15.52
CA GLY A 166 -3.76 -24.74 14.22
C GLY A 166 -3.68 -23.54 13.31
N HIS A 167 -3.43 -22.35 13.86
CA HIS A 167 -3.47 -21.10 13.11
C HIS A 167 -2.22 -20.28 13.36
N LEU A 168 -1.10 -20.92 13.64
CA LEU A 168 0.13 -20.18 13.88
C LEU A 168 0.74 -19.62 12.60
N ALA A 169 0.42 -20.22 11.45
CA ALA A 169 0.93 -19.67 10.19
C ALA A 169 0.39 -18.27 9.94
N THR A 170 -0.90 -18.05 10.23
CA THR A 170 -1.47 -16.73 10.04
C THR A 170 -0.85 -15.73 11.01
N MET A 171 -0.69 -16.10 12.27
CA MET A 171 -0.09 -15.20 13.24
C MET A 171 1.35 -14.87 12.87
N LEU A 172 2.07 -15.82 12.28
CA LEU A 172 3.39 -15.48 11.76
C LEU A 172 3.29 -14.56 10.56
N ASN A 173 2.20 -14.67 9.79
CA ASN A 173 1.97 -13.73 8.70
C ASN A 173 1.63 -12.34 9.19
N SER A 174 1.19 -12.21 10.45
CA SER A 174 0.94 -10.88 11.00
C SER A 174 2.22 -10.07 11.12
N TRP A 175 3.36 -10.73 11.27
CA TRP A 175 4.62 -10.01 11.43
C TRP A 175 4.97 -9.30 10.13
N PRO A 176 5.38 -8.03 10.18
CA PRO A 176 5.65 -7.30 8.93
C PRO A 176 6.76 -7.91 8.10
N GLU A 177 7.93 -8.14 8.70
CA GLU A 177 9.06 -8.67 7.96
C GLU A 177 8.86 -10.16 7.67
N ASP A 178 9.17 -10.55 6.43
CA ASP A 178 9.02 -11.93 6.01
C ASP A 178 10.35 -12.64 5.81
N ASN A 179 11.48 -11.92 5.87
CA ASN A 179 12.79 -12.54 5.79
C ASN A 179 13.38 -12.58 7.20
N ILE A 180 12.99 -13.61 7.94
CA ILE A 180 13.36 -13.76 9.34
C ILE A 180 14.41 -14.86 9.45
N LYS A 181 15.51 -14.56 10.12
CA LYS A 181 16.59 -15.52 10.35
C LYS A 181 16.63 -16.03 11.78
N ALA A 182 16.47 -15.16 12.77
CA ALA A 182 16.52 -15.53 14.17
C ALA A 182 15.14 -15.38 14.80
N VAL A 183 14.84 -16.26 15.74
CA VAL A 183 13.58 -16.24 16.47
C VAL A 183 13.90 -16.59 17.92
N VAL A 184 13.75 -15.62 18.82
CA VAL A 184 13.94 -15.86 20.25
C VAL A 184 12.56 -16.04 20.85
N VAL A 185 12.15 -17.28 21.01
CA VAL A 185 10.87 -17.57 21.65
C VAL A 185 11.10 -17.69 23.14
N THR A 186 10.11 -17.28 23.92
CA THR A 186 10.15 -17.42 25.36
C THR A 186 8.84 -17.99 25.85
N ASP A 187 8.88 -18.56 27.05
CA ASP A 187 7.70 -19.17 27.64
C ASP A 187 7.17 -18.37 28.82
N GLY A 188 8.04 -17.60 29.48
CA GLY A 188 7.66 -16.85 30.63
C GLY A 188 7.64 -17.61 31.93
N GLU A 189 8.06 -18.87 31.94
CA GLU A 189 7.88 -19.70 33.13
C GLU A 189 9.01 -19.49 34.13
N ARG A 190 10.19 -19.12 33.66
CA ARG A 190 11.34 -18.94 34.55
C ARG A 190 12.20 -17.82 33.98
N ILE A 191 11.95 -16.60 34.43
CA ILE A 191 12.63 -15.42 33.90
C ILE A 191 13.54 -14.88 34.97
N LEU A 192 14.85 -14.95 34.73
CA LEU A 192 15.86 -14.21 35.48
C LEU A 192 15.75 -14.47 36.98
N GLY A 193 15.33 -15.68 37.33
CA GLY A 193 15.08 -16.00 38.72
C GLY A 193 13.91 -15.29 39.35
N LEU A 194 13.26 -14.39 38.62
CA LEU A 194 12.03 -13.77 39.12
C LEU A 194 10.87 -14.74 39.10
N GLY A 195 11.00 -15.84 38.35
CA GLY A 195 9.97 -16.85 38.32
C GLY A 195 8.99 -16.66 37.19
N ASP A 196 7.79 -17.21 37.36
CA ASP A 196 6.76 -17.15 36.33
C ASP A 196 6.25 -15.72 36.16
N LEU A 197 6.64 -15.07 35.08
CA LEU A 197 6.09 -13.76 34.75
C LEU A 197 5.04 -13.83 33.66
N GLY A 198 4.82 -14.99 33.07
CA GLY A 198 3.79 -15.11 32.06
C GLY A 198 4.06 -14.19 30.88
N CYS A 199 2.99 -13.63 30.33
CA CYS A 199 3.09 -12.79 29.15
C CYS A 199 3.83 -11.50 29.40
N TYR A 200 4.09 -11.15 30.66
CA TYR A 200 4.97 -10.03 30.95
C TYR A 200 6.38 -10.26 30.46
N GLY A 201 6.75 -11.51 30.20
CA GLY A 201 8.10 -11.85 29.81
C GLY A 201 8.51 -11.42 28.42
N MET A 202 7.66 -10.69 27.70
CA MET A 202 8.00 -10.30 26.34
C MET A 202 9.22 -9.38 26.30
N GLY A 203 9.54 -8.72 27.41
CA GLY A 203 10.75 -7.91 27.43
C GLY A 203 12.01 -8.73 27.30
N ILE A 204 11.95 -10.02 27.60
CA ILE A 204 13.15 -10.85 27.61
C ILE A 204 13.59 -11.21 26.19
N PRO A 205 12.73 -11.77 25.32
CA PRO A 205 13.18 -11.95 23.93
C PRO A 205 13.55 -10.64 23.27
N VAL A 206 12.66 -9.65 23.32
CA VAL A 206 12.95 -8.34 22.72
C VAL A 206 14.30 -7.85 23.20
N GLY A 207 14.46 -7.71 24.51
CA GLY A 207 15.75 -7.29 25.05
C GLY A 207 16.89 -8.15 24.56
N LYS A 208 16.71 -9.48 24.60
CA LYS A 208 17.78 -10.37 24.16
C LYS A 208 18.10 -10.14 22.69
N LEU A 209 17.08 -9.90 21.88
CA LEU A 209 17.33 -9.69 20.46
C LEU A 209 18.15 -8.42 20.23
N ALA A 210 18.01 -7.44 21.11
CA ALA A 210 18.87 -6.27 21.01
C ALA A 210 20.33 -6.67 21.12
N LEU A 211 20.62 -7.58 22.06
CA LEU A 211 21.99 -8.07 22.21
C LEU A 211 22.42 -8.88 21.00
N TYR A 212 21.48 -9.46 20.26
CA TYR A 212 21.86 -10.11 19.00
C TYR A 212 22.47 -9.11 18.04
N THR A 213 21.95 -7.89 18.05
CA THR A 213 22.36 -6.87 17.09
C THR A 213 23.38 -5.91 17.66
N ALA A 214 23.23 -5.49 18.90
CA ALA A 214 24.22 -4.61 19.51
C ALA A 214 25.52 -5.34 19.76
N CYS A 215 25.44 -6.52 20.39
CA CYS A 215 26.65 -7.27 20.70
C CYS A 215 27.19 -7.98 19.47
N GLY A 216 26.38 -8.81 18.84
CA GLY A 216 26.78 -9.45 17.60
C GLY A 216 26.69 -8.50 16.43
N GLY A 217 26.09 -8.94 15.34
CA GLY A 217 25.83 -8.05 14.24
C GLY A 217 24.55 -8.43 13.51
N VAL A 218 23.69 -9.19 14.16
CA VAL A 218 22.50 -9.72 13.52
C VAL A 218 21.59 -8.57 13.11
N ASN A 219 21.25 -8.53 11.83
CA ASN A 219 20.33 -7.54 11.29
C ASN A 219 19.02 -7.59 12.07
N PRO A 220 18.67 -6.56 12.82
CA PRO A 220 17.49 -6.64 13.70
C PRO A 220 16.20 -6.82 12.95
N GLN A 221 16.18 -6.47 11.67
CA GLN A 221 15.01 -6.65 10.83
C GLN A 221 14.76 -8.10 10.48
N GLN A 222 15.73 -8.98 10.72
CA GLN A 222 15.58 -10.41 10.50
C GLN A 222 15.32 -11.17 11.79
N CYS A 223 15.03 -10.48 12.89
CA CYS A 223 14.84 -11.08 14.18
C CYS A 223 13.40 -10.93 14.63
N LEU A 224 12.83 -12.00 15.18
CA LEU A 224 11.43 -12.00 15.59
C LEU A 224 11.32 -12.50 17.02
N PRO A 225 10.92 -11.66 17.98
CA PRO A 225 10.73 -12.13 19.35
C PRO A 225 9.35 -12.70 19.55
N VAL A 226 9.26 -13.93 20.04
CA VAL A 226 7.98 -14.59 20.23
C VAL A 226 7.79 -14.85 21.72
N LEU A 227 6.54 -14.79 22.16
CA LEU A 227 6.17 -15.24 23.49
C LEU A 227 5.03 -16.24 23.36
N LEU A 228 5.27 -17.46 23.83
CA LEU A 228 4.26 -18.50 23.83
C LEU A 228 3.50 -18.42 25.15
N ASP A 229 2.31 -17.82 25.10
CA ASP A 229 1.48 -17.62 26.28
C ASP A 229 0.58 -18.83 26.46
N VAL A 230 0.98 -19.72 27.36
CA VAL A 230 0.17 -20.87 27.72
C VAL A 230 -0.55 -20.65 29.05
N GLY A 231 -0.67 -19.40 29.48
CA GLY A 231 -1.18 -19.07 30.79
C GLY A 231 -0.07 -18.66 31.73
N THR A 232 -0.39 -18.67 33.02
CA THR A 232 0.61 -18.40 34.03
C THR A 232 0.16 -19.00 35.35
N ASN A 233 1.14 -19.41 36.15
CA ASN A 233 0.88 -19.90 37.50
C ASN A 233 1.13 -18.84 38.55
N ASN A 234 1.62 -17.67 38.16
CA ASN A 234 1.81 -16.57 39.08
C ASN A 234 0.44 -16.04 39.49
N GLU A 235 0.02 -16.36 40.71
CA GLU A 235 -1.29 -15.89 41.18
C GLU A 235 -1.35 -14.38 41.29
N GLU A 236 -0.19 -13.72 41.47
CA GLU A 236 -0.17 -12.27 41.49
C GLU A 236 -0.61 -11.68 40.16
N LEU A 237 -0.28 -12.35 39.04
CA LEU A 237 -0.69 -11.88 37.73
C LEU A 237 -2.08 -12.36 37.33
N LEU A 238 -2.57 -13.43 37.95
CA LEU A 238 -3.91 -13.90 37.63
C LEU A 238 -4.99 -12.96 38.16
N ARG A 239 -4.66 -12.08 39.10
CA ARG A 239 -5.59 -11.12 39.63
C ARG A 239 -5.21 -9.67 39.32
N ASP A 240 -4.01 -9.43 38.81
CA ASP A 240 -3.59 -8.10 38.42
C ASP A 240 -4.44 -7.61 37.25
N PRO A 241 -5.21 -6.54 37.42
CA PRO A 241 -6.00 -6.04 36.29
C PRO A 241 -5.16 -5.48 35.16
N LEU A 242 -3.92 -5.12 35.43
CA LEU A 242 -3.02 -4.61 34.40
C LEU A 242 -2.23 -5.72 33.71
N TYR A 243 -2.57 -6.98 33.96
CA TYR A 243 -1.81 -8.09 33.39
C TYR A 243 -2.21 -8.27 31.94
N ILE A 244 -1.26 -8.04 31.04
CA ILE A 244 -1.51 -8.15 29.60
C ILE A 244 -1.22 -9.60 29.22
N GLY A 245 -2.10 -10.48 29.64
CA GLY A 245 -1.81 -11.89 29.53
C GLY A 245 -3.06 -12.71 29.40
N LEU A 246 -2.92 -14.00 29.68
CA LEU A 246 -3.97 -14.93 29.33
C LEU A 246 -4.82 -15.33 30.53
N LYS A 247 -4.30 -15.21 31.75
CA LYS A 247 -5.09 -15.22 32.99
C LYS A 247 -5.78 -16.55 33.25
N HIS A 248 -5.10 -17.65 33.00
CA HIS A 248 -5.48 -18.96 33.53
C HIS A 248 -4.19 -19.71 33.82
N GLN A 249 -4.32 -20.87 34.47
CA GLN A 249 -3.13 -21.61 34.83
C GLN A 249 -2.46 -22.18 33.58
N ARG A 250 -1.18 -22.54 33.73
CA ARG A 250 -0.40 -23.02 32.60
C ARG A 250 -1.04 -24.25 31.99
N VAL A 251 -1.14 -24.25 30.66
CA VAL A 251 -1.48 -25.46 29.94
C VAL A 251 -0.21 -26.29 29.81
N HIS A 252 -0.24 -27.51 30.33
CA HIS A 252 0.90 -28.41 30.28
C HIS A 252 0.43 -29.76 29.77
N GLY A 253 1.39 -30.64 29.51
CA GLY A 253 1.06 -31.95 28.97
C GLY A 253 1.18 -31.98 27.46
N LYS A 254 0.30 -32.73 26.80
CA LYS A 254 0.42 -32.88 25.35
C LYS A 254 -0.06 -31.66 24.59
N ALA A 255 -0.95 -30.85 25.19
CA ALA A 255 -1.39 -29.64 24.51
C ALA A 255 -0.24 -28.66 24.34
N TYR A 256 0.55 -28.46 25.40
CA TYR A 256 1.71 -27.58 25.33
C TYR A 256 2.74 -28.11 24.34
N ASP A 257 2.97 -29.42 24.36
CA ASP A 257 3.95 -30.01 23.46
C ASP A 257 3.51 -29.88 22.01
N ASP A 258 2.22 -30.09 21.73
CA ASP A 258 1.72 -29.91 20.37
C ASP A 258 1.80 -28.44 19.96
N LEU A 259 1.55 -27.53 20.88
CA LEU A 259 1.69 -26.11 20.57
C LEU A 259 3.11 -25.78 20.14
N LEU A 260 4.10 -26.30 20.88
CA LEU A 260 5.49 -26.00 20.51
C LEU A 260 5.91 -26.73 19.23
N ASP A 261 5.44 -27.96 19.04
CA ASP A 261 5.69 -28.66 17.78
C ASP A 261 5.18 -27.84 16.61
N GLU A 262 3.93 -27.38 16.68
CA GLU A 262 3.37 -26.57 15.62
C GLU A 262 4.09 -25.24 15.49
N PHE A 263 4.58 -24.68 16.60
CA PHE A 263 5.31 -23.42 16.50
C PHE A 263 6.58 -23.61 15.69
N MET A 264 7.35 -24.65 15.99
CA MET A 264 8.57 -24.90 15.23
C MET A 264 8.24 -25.20 13.78
N GLN A 265 7.23 -26.04 13.55
CA GLN A 265 6.83 -26.37 12.18
C GLN A 265 6.43 -25.13 11.40
N ALA A 266 5.66 -24.23 12.02
CA ALA A 266 5.18 -23.05 11.32
C ALA A 266 6.28 -22.03 11.10
N VAL A 267 7.17 -21.86 12.08
CA VAL A 267 8.29 -20.93 11.93
C VAL A 267 9.19 -21.39 10.79
N THR A 268 9.44 -22.69 10.70
CA THR A 268 10.31 -23.16 9.63
C THR A 268 9.58 -23.28 8.31
N ASP A 269 8.25 -23.43 8.32
CA ASP A 269 7.50 -23.35 7.08
C ASP A 269 7.54 -21.97 6.48
N LYS A 270 7.36 -20.93 7.30
CA LYS A 270 7.33 -19.59 6.75
C LYS A 270 8.72 -19.02 6.50
N PHE A 271 9.66 -19.24 7.42
CA PHE A 271 10.97 -18.62 7.34
C PHE A 271 12.08 -19.57 6.92
N GLY A 272 11.80 -20.85 6.75
CA GLY A 272 12.82 -21.78 6.30
C GLY A 272 13.37 -22.65 7.40
N ILE A 273 13.99 -23.77 7.03
CA ILE A 273 14.57 -24.66 8.02
C ILE A 273 15.82 -24.05 8.62
N ASN A 274 16.39 -23.03 7.99
CA ASN A 274 17.60 -22.39 8.47
C ASN A 274 17.32 -21.32 9.51
N CYS A 275 16.05 -21.04 9.81
CA CYS A 275 15.70 -20.04 10.80
C CYS A 275 16.22 -20.47 12.18
N LEU A 276 17.18 -19.72 12.70
CA LEU A 276 17.71 -20.01 14.03
C LEU A 276 16.64 -19.70 15.08
N ILE A 277 16.36 -20.67 15.94
CA ILE A 277 15.33 -20.54 16.96
C ILE A 277 15.99 -20.72 18.30
N GLN A 278 16.04 -19.66 19.09
CA GLN A 278 16.61 -19.72 20.43
C GLN A 278 15.49 -19.80 21.45
N PHE A 279 15.52 -20.85 22.26
CA PHE A 279 14.60 -20.97 23.38
C PHE A 279 15.18 -20.25 24.58
N GLU A 280 14.33 -19.53 25.30
CA GLU A 280 14.82 -18.67 26.36
C GLU A 280 13.84 -18.66 27.52
N ASP A 281 14.36 -18.90 28.72
CA ASP A 281 13.59 -18.77 29.96
C ASP A 281 12.38 -19.70 29.97
N PHE A 282 12.64 -20.98 29.70
CA PHE A 282 11.68 -22.04 29.90
C PHE A 282 11.95 -22.71 31.25
N ALA A 283 10.97 -23.48 31.72
CA ALA A 283 11.17 -24.24 32.94
C ALA A 283 12.22 -25.32 32.71
N ASN A 284 12.94 -25.67 33.79
CA ASN A 284 14.04 -26.63 33.69
C ASN A 284 13.63 -27.90 32.93
N ALA A 285 12.55 -28.54 33.39
CA ALA A 285 12.04 -29.71 32.70
C ALA A 285 11.78 -29.42 31.23
N ASN A 286 10.99 -28.39 30.95
CA ASN A 286 10.68 -28.04 29.57
C ASN A 286 11.92 -27.61 28.82
N ALA A 287 12.79 -26.82 29.44
CA ALA A 287 14.00 -26.38 28.77
C ALA A 287 14.78 -27.57 28.23
N PHE A 288 15.14 -28.51 29.11
CA PHE A 288 15.96 -29.64 28.66
C PHE A 288 15.18 -30.56 27.72
N ARG A 289 13.90 -30.79 28.00
CA ARG A 289 13.11 -31.69 27.18
C ARG A 289 13.01 -31.18 25.75
N LEU A 290 12.67 -29.91 25.59
CA LEU A 290 12.54 -29.35 24.24
C LEU A 290 13.90 -29.17 23.58
N LEU A 291 14.94 -28.91 24.36
CA LEU A 291 16.28 -28.86 23.78
C LEU A 291 16.64 -30.19 23.15
N ASN A 292 16.44 -31.29 23.88
CA ASN A 292 16.74 -32.59 23.32
C ASN A 292 15.75 -33.01 22.25
N LYS A 293 14.56 -32.43 22.24
CA LYS A 293 13.57 -32.78 21.22
C LYS A 293 13.88 -32.12 19.88
N TYR A 294 14.06 -30.80 19.86
CA TYR A 294 14.31 -30.08 18.62
C TYR A 294 15.78 -29.77 18.41
N ARG A 295 16.66 -30.49 19.11
CA ARG A 295 18.10 -30.28 18.93
C ARG A 295 18.50 -30.52 17.49
N ASN A 296 18.11 -31.66 16.92
CA ASN A 296 18.56 -32.11 15.62
C ASN A 296 17.50 -32.03 14.55
N LYS A 297 16.32 -31.52 14.87
CA LYS A 297 15.30 -31.29 13.84
C LYS A 297 15.40 -29.90 13.23
N TYR A 298 15.65 -28.90 14.05
CA TYR A 298 15.69 -27.51 13.62
C TYR A 298 17.01 -26.88 14.06
N CYS A 299 17.22 -25.64 13.63
CA CYS A 299 18.38 -24.89 14.07
C CYS A 299 18.10 -24.27 15.43
N MET A 300 17.72 -25.11 16.39
CA MET A 300 17.33 -24.65 17.71
C MET A 300 18.52 -24.66 18.65
N PHE A 301 18.57 -23.69 19.55
CA PHE A 301 19.46 -23.80 20.69
C PHE A 301 18.86 -23.06 21.88
N ASN A 302 19.23 -23.49 23.07
CA ASN A 302 18.75 -22.92 24.31
C ASN A 302 19.92 -22.27 25.03
N ASP A 303 19.88 -20.96 25.18
CA ASP A 303 21.03 -20.25 25.73
C ASP A 303 21.15 -20.36 27.24
N ASP A 304 20.04 -20.57 27.94
CA ASP A 304 20.14 -20.82 29.38
C ASP A 304 20.90 -22.10 29.67
N ILE A 305 20.77 -23.10 28.80
CA ILE A 305 21.44 -24.37 28.99
C ILE A 305 22.82 -24.39 28.34
N GLN A 306 22.93 -23.88 27.12
CA GLN A 306 24.16 -24.01 26.34
C GLN A 306 25.01 -22.76 26.35
N GLY A 307 24.42 -21.57 26.37
CA GLY A 307 25.22 -20.37 26.49
C GLY A 307 25.88 -20.25 27.85
N THR A 308 25.16 -20.62 28.91
CA THR A 308 25.75 -20.68 30.24
C THR A 308 26.94 -21.63 30.26
N ALA A 309 26.76 -22.83 29.72
CA ALA A 309 27.84 -23.81 29.67
C ALA A 309 29.02 -23.26 28.89
N SER A 310 28.76 -22.65 27.74
CA SER A 310 29.84 -22.15 26.91
C SER A 310 30.62 -21.06 27.63
N VAL A 311 29.94 -20.13 28.29
CA VAL A 311 30.67 -19.04 28.92
C VAL A 311 31.39 -19.51 30.17
N ALA A 312 30.82 -20.46 30.92
CA ALA A 312 31.53 -20.98 32.09
C ALA A 312 32.78 -21.76 31.67
N VAL A 313 32.66 -22.60 30.65
CA VAL A 313 33.81 -23.34 30.18
C VAL A 313 34.84 -22.40 29.55
N ALA A 314 34.40 -21.31 28.94
CA ALA A 314 35.34 -20.31 28.44
C ALA A 314 36.13 -19.70 29.57
N GLY A 315 35.45 -19.36 30.67
CA GLY A 315 36.16 -18.85 31.83
C GLY A 315 37.15 -19.86 32.39
N ILE A 316 36.76 -21.13 32.44
CA ILE A 316 37.66 -22.15 32.97
C ILE A 316 38.88 -22.32 32.09
N LEU A 317 38.68 -22.37 30.78
CA LEU A 317 39.81 -22.48 29.86
C LEU A 317 40.71 -21.25 29.91
N ALA A 318 40.12 -20.08 30.19
CA ALA A 318 40.95 -18.89 30.35
C ALA A 318 41.77 -18.96 31.63
N ALA A 319 41.17 -19.45 32.71
CA ALA A 319 41.91 -19.63 33.95
C ALA A 319 43.02 -20.67 33.80
N LEU A 320 42.83 -21.62 32.88
CA LEU A 320 43.92 -22.55 32.56
C LEU A 320 45.16 -21.81 32.10
N ARG A 321 44.99 -20.65 31.45
CA ARG A 321 46.14 -19.86 31.02
C ARG A 321 46.82 -19.17 32.19
N ILE A 322 46.18 -19.10 33.35
CA ILE A 322 46.80 -18.56 34.55
C ILE A 322 47.45 -19.67 35.37
N THR A 323 46.71 -20.76 35.57
CA THR A 323 47.25 -21.89 36.31
C THR A 323 48.41 -22.55 35.57
N LYS A 324 48.49 -22.36 34.25
CA LYS A 324 49.57 -22.92 33.44
C LYS A 324 49.65 -24.43 33.57
N ASN A 325 48.54 -25.09 33.28
CA ASN A 325 48.49 -26.55 33.26
C ASN A 325 47.39 -26.97 32.29
N LYS A 326 47.07 -28.26 32.31
CA LYS A 326 46.06 -28.80 31.42
C LYS A 326 44.74 -28.98 32.16
N LEU A 327 43.65 -29.01 31.39
CA LEU A 327 42.33 -29.26 31.98
C LEU A 327 42.24 -30.64 32.60
N SER A 328 43.11 -31.56 32.18
CA SER A 328 43.05 -32.93 32.70
C SER A 328 43.37 -32.99 34.18
N ASN A 329 44.29 -32.15 34.65
CA ASN A 329 44.72 -32.16 36.04
C ASN A 329 43.91 -31.19 36.89
N HIS A 330 42.65 -31.00 36.55
CA HIS A 330 41.71 -30.20 37.34
C HIS A 330 40.56 -31.09 37.78
N VAL A 331 40.12 -30.90 39.02
CA VAL A 331 38.91 -31.54 39.54
C VAL A 331 37.94 -30.44 39.94
N PHE A 332 36.68 -30.61 39.56
CA PHE A 332 35.69 -29.54 39.64
C PHE A 332 34.58 -29.92 40.62
N VAL A 333 34.29 -29.00 41.54
CA VAL A 333 33.17 -29.14 42.45
C VAL A 333 32.10 -28.13 42.03
N PHE A 334 30.89 -28.62 41.83
CA PHE A 334 29.76 -27.77 41.50
C PHE A 334 28.89 -27.57 42.73
N GLN A 335 28.37 -26.37 42.89
CA GLN A 335 27.50 -26.02 44.01
C GLN A 335 26.06 -25.96 43.54
N GLY A 336 25.65 -26.94 42.74
CA GLY A 336 24.29 -27.07 42.27
C GLY A 336 24.17 -28.21 41.28
N ALA A 337 23.08 -28.97 41.35
CA ALA A 337 22.72 -29.88 40.27
C ALA A 337 21.55 -29.29 39.49
N GLY A 338 21.84 -28.25 38.74
CA GLY A 338 20.78 -27.47 38.13
C GLY A 338 20.81 -27.41 36.63
N GLU A 339 19.98 -26.55 36.05
CA GLU A 339 19.95 -26.39 34.60
C GLU A 339 21.27 -25.85 34.09
N ALA A 340 21.84 -24.88 34.78
CA ALA A 340 23.14 -24.35 34.37
C ALA A 340 24.27 -25.31 34.73
N ALA A 341 24.17 -25.97 35.88
CA ALA A 341 25.25 -26.82 36.35
C ALA A 341 25.42 -28.04 35.45
N MET A 342 24.31 -28.67 35.07
CA MET A 342 24.39 -29.82 34.18
C MET A 342 25.00 -29.43 32.84
N GLY A 343 24.60 -28.29 32.30
CA GLY A 343 25.17 -27.86 31.03
C GLY A 343 26.65 -27.60 31.12
N ILE A 344 27.07 -26.88 32.17
CA ILE A 344 28.49 -26.60 32.34
C ILE A 344 29.27 -27.89 32.50
N ALA A 345 28.72 -28.84 33.25
CA ALA A 345 29.42 -30.11 33.46
C ALA A 345 29.52 -30.92 32.18
N HIS A 346 28.47 -30.91 31.36
CA HIS A 346 28.51 -31.67 30.12
C HIS A 346 29.49 -31.07 29.14
N LEU A 347 29.48 -29.74 28.97
CA LEU A 347 30.46 -29.13 28.09
C LEU A 347 31.87 -29.26 28.63
N LEU A 348 32.02 -29.32 29.95
CA LEU A 348 33.35 -29.52 30.52
C LEU A 348 33.84 -30.93 30.29
N VAL A 349 32.95 -31.93 30.40
CA VAL A 349 33.33 -33.29 30.06
C VAL A 349 33.73 -33.38 28.59
N MET A 350 33.00 -32.67 27.72
CA MET A 350 33.38 -32.65 26.32
C MET A 350 34.75 -32.01 26.11
N ALA A 351 35.02 -30.92 26.82
CA ALA A 351 36.33 -30.28 26.71
C ALA A 351 37.44 -31.19 27.23
N LEU A 352 37.14 -32.00 28.24
CA LEU A 352 38.14 -32.94 28.75
C LEU A 352 38.38 -34.07 27.76
N GLU A 353 37.31 -34.58 27.15
CA GLU A 353 37.46 -35.60 26.13
C GLU A 353 38.24 -35.09 24.93
N LYS A 354 38.05 -33.82 24.58
CA LYS A 354 38.80 -33.24 23.48
C LYS A 354 40.29 -33.21 23.78
N GLU A 355 40.67 -33.12 25.05
CA GLU A 355 42.07 -33.13 25.43
C GLU A 355 42.65 -34.53 25.53
N GLY A 356 41.87 -35.56 25.25
CA GLY A 356 42.36 -36.92 25.32
C GLY A 356 42.12 -37.59 26.65
N VAL A 357 40.87 -37.54 27.12
CA VAL A 357 40.49 -38.17 28.38
C VAL A 357 39.23 -39.00 28.13
N PRO A 358 39.18 -40.25 28.56
CA PRO A 358 37.98 -41.05 28.35
C PRO A 358 36.76 -40.46 29.06
N LYS A 359 35.59 -40.91 28.63
CA LYS A 359 34.34 -40.33 29.12
C LYS A 359 34.15 -40.57 30.61
N ALA A 360 34.44 -41.78 31.08
CA ALA A 360 34.23 -42.10 32.49
C ALA A 360 35.20 -41.36 33.38
N GLU A 361 36.48 -41.36 33.02
CA GLU A 361 37.46 -40.65 33.85
C GLU A 361 37.25 -39.15 33.80
N ALA A 362 36.75 -38.63 32.68
CA ALA A 362 36.41 -37.21 32.62
C ALA A 362 35.24 -36.89 33.52
N THR A 363 34.17 -37.70 33.47
CA THR A 363 33.05 -37.48 34.36
C THR A 363 33.45 -37.58 35.82
N ARG A 364 34.40 -38.45 36.13
CA ARG A 364 34.81 -38.62 37.52
C ARG A 364 35.56 -37.42 38.09
N LYS A 365 35.71 -36.35 37.31
CA LYS A 365 36.32 -35.13 37.81
C LYS A 365 35.29 -34.08 38.21
N ILE A 366 34.01 -34.37 38.05
CA ILE A 366 32.94 -33.42 38.35
C ILE A 366 32.18 -33.92 39.58
N TRP A 367 32.17 -33.11 40.63
CA TRP A 367 31.44 -33.39 41.86
C TRP A 367 30.40 -32.29 42.05
N MET A 368 29.16 -32.68 42.32
CA MET A 368 28.07 -31.73 42.43
C MET A 368 27.39 -31.85 43.78
N VAL A 369 26.80 -30.75 44.24
CA VAL A 369 26.09 -30.70 45.52
C VAL A 369 24.73 -30.05 45.28
N ASP A 370 23.65 -30.75 45.66
CA ASP A 370 22.29 -30.28 45.40
C ASP A 370 21.45 -30.35 46.68
N SER A 371 21.56 -29.33 47.52
CA SER A 371 20.61 -29.12 48.61
C SER A 371 20.64 -30.23 49.65
N LYS A 372 21.41 -31.28 49.39
CA LYS A 372 21.46 -32.44 50.27
C LYS A 372 22.91 -32.86 50.48
N GLY A 373 23.78 -32.48 49.56
CA GLY A 373 25.16 -32.86 49.62
C GLY A 373 25.61 -33.42 48.29
N LEU A 374 26.75 -34.10 48.32
CA LEU A 374 27.32 -34.68 47.12
C LEU A 374 26.37 -35.71 46.51
N ILE A 375 26.23 -35.67 45.19
CA ILE A 375 25.44 -36.68 44.49
C ILE A 375 26.24 -37.98 44.47
N VAL A 376 25.71 -39.00 45.14
CA VAL A 376 26.42 -40.22 45.47
C VAL A 376 25.55 -41.43 45.15
N LYS A 377 25.96 -42.62 45.61
CA LYS A 377 25.21 -43.85 45.31
C LYS A 377 23.75 -43.72 45.75
N GLY A 378 22.84 -43.69 44.77
CA GLY A 378 21.41 -43.70 44.98
C GLY A 378 20.93 -43.01 46.24
N ARG A 379 21.21 -41.71 46.38
CA ARG A 379 21.22 -41.13 47.72
C ARG A 379 19.81 -40.91 48.26
N SER A 380 19.06 -39.96 47.69
CA SER A 380 17.65 -39.91 48.02
C SER A 380 16.73 -39.49 46.87
N HIS A 381 17.19 -38.70 45.91
CA HIS A 381 16.28 -38.11 44.93
C HIS A 381 16.86 -38.02 43.53
N LEU A 382 18.00 -38.65 43.27
CA LEU A 382 18.73 -38.41 42.03
C LEU A 382 17.93 -38.92 40.83
N ASN A 383 17.41 -37.98 40.04
CA ASN A 383 16.83 -38.35 38.76
C ASN A 383 17.93 -38.67 37.76
N HIS A 384 17.55 -39.14 36.58
CA HIS A 384 18.54 -39.64 35.63
C HIS A 384 19.53 -38.56 35.18
N GLU A 385 19.22 -37.29 35.38
CA GLU A 385 20.14 -36.23 35.00
C GLU A 385 21.27 -36.05 36.00
N LYS A 386 21.01 -36.26 37.29
CA LYS A 386 22.06 -36.25 38.29
C LYS A 386 22.79 -37.59 38.39
N GLU A 387 22.20 -38.66 37.86
CA GLU A 387 22.85 -39.96 37.91
C GLU A 387 24.17 -39.95 37.15
N MET A 388 24.27 -39.12 36.11
CA MET A 388 25.45 -39.15 35.25
C MET A 388 26.70 -38.75 36.01
N PHE A 389 26.64 -37.65 36.76
CA PHE A 389 27.80 -37.15 37.49
C PHE A 389 27.83 -37.64 38.93
N ALA A 390 27.06 -38.68 39.23
CA ALA A 390 27.08 -39.26 40.57
C ALA A 390 28.42 -39.93 40.82
N GLN A 391 29.07 -39.58 41.92
CA GLN A 391 30.31 -40.22 42.31
C GLN A 391 30.02 -41.38 43.26
N ASP A 392 30.89 -42.39 43.21
CA ASP A 392 30.73 -43.59 44.03
C ASP A 392 31.48 -43.35 45.33
N HIS A 393 30.82 -42.66 46.26
CA HIS A 393 31.46 -42.17 47.46
C HIS A 393 30.47 -42.14 48.60
N PRO A 394 30.93 -42.19 49.85
CA PRO A 394 30.02 -41.98 50.98
C PRO A 394 29.34 -40.62 50.89
N GLU A 395 28.12 -40.57 51.41
CA GLU A 395 27.32 -39.34 51.34
C GLU A 395 27.95 -38.25 52.19
N VAL A 396 27.84 -37.01 51.72
CA VAL A 396 28.43 -35.86 52.39
C VAL A 396 27.31 -34.90 52.76
N ASN A 397 27.43 -34.28 53.94
CA ASN A 397 26.35 -33.43 54.43
C ASN A 397 26.21 -32.16 53.59
N SER A 398 27.26 -31.37 53.50
CA SER A 398 27.21 -30.08 52.83
C SER A 398 28.43 -29.86 51.96
N LEU A 399 28.41 -28.76 51.23
CA LEU A 399 29.52 -28.40 50.34
C LEU A 399 30.79 -28.16 51.13
N GLU A 400 30.68 -27.53 52.30
CA GLU A 400 31.86 -27.08 53.02
C GLU A 400 32.69 -28.25 53.53
N GLU A 401 32.09 -29.43 53.64
CA GLU A 401 32.83 -30.64 54.00
C GLU A 401 33.34 -31.40 52.78
N VAL A 402 32.61 -31.38 51.67
CA VAL A 402 33.09 -32.11 50.50
C VAL A 402 34.20 -31.35 49.79
N VAL A 403 34.33 -30.04 50.03
CA VAL A 403 35.50 -29.32 49.55
C VAL A 403 36.75 -29.84 50.24
N ARG A 404 36.66 -30.12 51.55
CA ARG A 404 37.80 -30.70 52.25
C ARG A 404 37.98 -32.17 51.88
N LEU A 405 36.87 -32.89 51.68
CA LEU A 405 36.95 -34.30 51.35
C LEU A 405 37.64 -34.52 50.01
N VAL A 406 37.04 -34.05 48.92
CA VAL A 406 37.70 -33.99 47.62
C VAL A 406 38.18 -32.55 47.44
N LYS A 407 39.46 -32.34 47.68
CA LYS A 407 40.07 -31.04 47.48
C LYS A 407 40.07 -30.68 46.00
N PRO A 408 39.27 -29.69 45.59
CA PRO A 408 39.17 -29.34 44.18
C PRO A 408 40.13 -28.22 43.79
N THR A 409 40.50 -28.22 42.51
CA THR A 409 41.26 -27.13 41.95
C THR A 409 40.37 -26.00 41.47
N ALA A 410 39.09 -26.26 41.23
CA ALA A 410 38.18 -25.25 40.70
C ALA A 410 36.78 -25.55 41.22
N ILE A 411 36.21 -24.60 41.95
CA ILE A 411 34.86 -24.71 42.47
C ILE A 411 33.94 -23.78 41.67
N ILE A 412 32.75 -24.27 41.34
CA ILE A 412 31.78 -23.51 40.58
C ILE A 412 30.50 -23.45 41.37
N GLY A 413 30.00 -22.24 41.62
CA GLY A 413 28.80 -22.05 42.39
C GLY A 413 27.65 -21.60 41.52
N VAL A 414 26.71 -22.51 41.27
CA VAL A 414 25.46 -22.15 40.62
C VAL A 414 24.30 -22.69 41.44
N ALA A 415 23.88 -21.94 42.46
CA ALA A 415 22.69 -22.31 43.21
C ALA A 415 21.84 -21.12 43.61
N ALA A 416 22.26 -19.89 43.32
CA ALA A 416 21.59 -18.70 43.84
C ALA A 416 21.47 -18.77 45.36
N ILE A 417 22.50 -19.29 46.01
CA ILE A 417 22.54 -19.38 47.47
C ILE A 417 23.67 -18.47 47.91
N ALA A 418 23.29 -17.31 48.45
CA ALA A 418 24.26 -16.30 48.85
C ALA A 418 25.12 -16.81 50.01
N GLY A 419 26.42 -16.56 49.92
CA GLY A 419 27.33 -16.93 50.98
C GLY A 419 27.68 -18.39 51.06
N ALA A 420 27.36 -19.18 50.02
CA ALA A 420 27.69 -20.59 50.04
C ALA A 420 29.19 -20.82 50.09
N PHE A 421 29.97 -19.88 49.55
CA PHE A 421 31.43 -19.96 49.60
C PHE A 421 31.89 -19.22 50.86
N THR A 422 32.24 -19.99 51.88
CA THR A 422 32.62 -19.42 53.16
C THR A 422 34.09 -19.01 53.15
N GLU A 423 34.49 -18.28 54.20
CA GLU A 423 35.92 -18.03 54.43
C GLU A 423 36.66 -19.34 54.61
N GLN A 424 36.06 -20.27 55.35
CA GLN A 424 36.61 -21.62 55.48
C GLN A 424 36.91 -22.24 54.12
N ILE A 425 35.92 -22.20 53.20
CA ILE A 425 36.08 -22.87 51.91
C ILE A 425 37.22 -22.28 51.12
N LEU A 426 37.20 -20.96 50.90
CA LEU A 426 38.22 -20.33 50.08
C LEU A 426 39.60 -20.46 50.71
N ARG A 427 39.66 -20.39 52.04
CA ARG A 427 40.93 -20.57 52.73
C ARG A 427 41.51 -21.95 52.47
N ASP A 428 40.72 -22.99 52.70
CA ASP A 428 41.23 -24.34 52.46
C ASP A 428 41.48 -24.58 50.98
N MET A 429 40.75 -23.89 50.10
CA MET A 429 41.03 -23.98 48.66
C MET A 429 42.42 -23.45 48.36
N ALA A 430 42.72 -22.23 48.77
CA ALA A 430 44.04 -21.66 48.55
C ALA A 430 45.12 -22.47 49.26
N SER A 431 44.76 -23.23 50.29
CA SER A 431 45.75 -24.08 50.95
C SER A 431 46.00 -25.37 50.17
N PHE A 432 44.94 -26.01 49.66
CA PHE A 432 45.10 -27.29 48.98
C PHE A 432 45.89 -27.15 47.69
N HIS A 433 45.36 -26.39 46.75
CA HIS A 433 46.02 -26.13 45.48
C HIS A 433 46.46 -24.69 45.42
N GLU A 434 47.67 -24.47 44.92
CA GLU A 434 48.11 -23.12 44.63
C GLU A 434 47.30 -22.59 43.46
N ARG A 435 46.83 -21.36 43.60
CA ARG A 435 46.07 -20.69 42.55
C ARG A 435 44.78 -21.46 42.24
N PRO A 436 43.79 -21.43 43.12
CA PRO A 436 42.53 -22.11 42.83
C PRO A 436 41.57 -21.23 42.05
N ILE A 437 40.52 -21.86 41.52
CA ILE A 437 39.55 -21.19 40.65
C ILE A 437 38.20 -21.17 41.35
N ILE A 438 37.64 -19.97 41.51
CA ILE A 438 36.33 -19.79 42.14
C ILE A 438 35.41 -19.13 41.13
N PHE A 439 34.23 -19.73 40.91
CA PHE A 439 33.25 -19.25 39.96
C PHE A 439 31.93 -19.07 40.69
N ALA A 440 31.71 -17.86 41.20
CA ALA A 440 30.44 -17.54 41.85
C ALA A 440 29.50 -16.98 40.79
N LEU A 441 28.90 -17.90 40.03
CA LEU A 441 28.17 -17.54 38.82
C LEU A 441 26.74 -17.11 39.07
N SER A 442 26.25 -17.17 40.32
CA SER A 442 24.86 -16.80 40.61
C SER A 442 24.54 -15.40 40.10
N ASN A 443 23.40 -15.27 39.41
CA ASN A 443 23.16 -14.07 38.60
C ASN A 443 22.95 -12.82 39.46
N PRO A 444 22.03 -12.81 40.43
CA PRO A 444 21.88 -11.59 41.25
C PRO A 444 23.12 -11.37 42.10
N THR A 445 23.64 -10.14 42.07
CA THR A 445 24.80 -9.81 42.88
C THR A 445 24.56 -10.18 44.34
N SER A 446 23.30 -10.16 44.77
CA SER A 446 22.96 -10.58 46.12
C SER A 446 23.17 -12.08 46.29
N LYS A 447 22.79 -12.87 45.29
CA LYS A 447 22.81 -14.32 45.41
C LYS A 447 24.19 -14.92 45.20
N ALA A 448 25.21 -14.12 44.90
CA ALA A 448 26.53 -14.65 44.63
C ALA A 448 27.07 -15.42 45.81
N GLU A 449 27.51 -16.66 45.57
CA GLU A 449 28.07 -17.48 46.62
C GLU A 449 29.27 -16.82 47.28
N CYS A 450 29.97 -15.97 46.55
CA CYS A 450 31.12 -15.25 47.09
C CYS A 450 31.26 -13.95 46.33
N THR A 451 31.79 -12.94 47.02
CA THR A 451 32.08 -11.67 46.39
C THR A 451 33.52 -11.66 45.89
N ALA A 452 33.86 -10.63 45.11
CA ALA A 452 35.23 -10.51 44.63
C ALA A 452 36.19 -10.28 45.79
N GLU A 453 35.88 -9.30 46.64
CA GLU A 453 36.79 -8.94 47.71
C GLU A 453 36.99 -10.07 48.70
N LYS A 454 35.92 -10.79 49.04
CA LYS A 454 36.04 -11.90 49.98
C LYS A 454 36.98 -12.96 49.43
N CYS A 455 36.73 -13.41 48.21
CA CYS A 455 37.59 -14.41 47.57
C CYS A 455 39.03 -13.94 47.49
N TYR A 456 39.24 -12.69 47.09
CA TYR A 456 40.60 -12.21 46.87
C TYR A 456 41.35 -12.03 48.18
N ARG A 457 40.66 -11.67 49.27
CA ARG A 457 41.30 -11.62 50.57
C ARG A 457 41.64 -13.01 51.06
N VAL A 458 40.65 -13.89 51.12
CA VAL A 458 40.83 -15.17 51.78
C VAL A 458 41.85 -16.03 51.03
N THR A 459 41.85 -15.92 49.70
CA THR A 459 42.84 -16.60 48.89
C THR A 459 44.18 -15.86 48.84
N GLU A 460 44.35 -14.85 49.69
CA GLU A 460 45.57 -14.05 49.73
C GLU A 460 45.96 -13.53 48.35
N GLY A 461 44.94 -13.14 47.58
CA GLY A 461 45.17 -12.65 46.23
C GLY A 461 45.77 -13.68 45.30
N ARG A 462 45.43 -14.96 45.48
CA ARG A 462 45.99 -16.03 44.67
C ARG A 462 44.91 -16.88 44.01
N GLY A 463 43.66 -16.41 43.98
CA GLY A 463 42.60 -17.20 43.40
C GLY A 463 41.95 -16.54 42.22
N ILE A 464 41.80 -17.28 41.12
CA ILE A 464 41.12 -16.76 39.93
C ILE A 464 39.64 -16.68 40.26
N PHE A 465 39.12 -15.48 40.40
CA PHE A 465 37.69 -15.32 40.66
C PHE A 465 36.97 -14.92 39.39
N ALA A 466 35.75 -15.45 39.24
CA ALA A 466 34.85 -14.98 38.19
C ALA A 466 33.42 -15.11 38.68
N SER A 467 32.57 -14.21 38.20
CA SER A 467 31.20 -14.13 38.68
C SER A 467 30.26 -13.89 37.51
N GLY A 468 28.96 -14.03 37.78
CA GLY A 468 27.96 -13.79 36.76
C GLY A 468 27.43 -12.37 36.82
N SER A 469 27.54 -11.76 37.99
CA SER A 469 27.17 -10.39 38.24
C SER A 469 28.42 -9.51 38.35
N PRO A 470 28.34 -8.24 37.98
CA PRO A 470 29.54 -7.39 37.96
C PRO A 470 29.98 -7.03 39.37
N PHE A 471 31.17 -7.50 39.74
CA PHE A 471 31.91 -6.99 40.89
C PHE A 471 33.03 -6.11 40.34
N LYS A 472 33.09 -4.87 40.80
CA LYS A 472 34.10 -3.95 40.28
C LYS A 472 35.47 -4.29 40.86
N SER A 473 36.47 -3.49 40.50
CA SER A 473 37.85 -3.79 40.82
C SER A 473 38.04 -3.95 42.33
N VAL A 474 39.13 -4.63 42.69
CA VAL A 474 39.45 -4.94 44.08
C VAL A 474 40.92 -4.63 44.32
N THR A 475 41.19 -3.72 45.25
CA THR A 475 42.53 -3.47 45.73
C THR A 475 42.69 -4.13 47.09
N LEU A 476 43.90 -4.62 47.38
CA LEU A 476 44.14 -5.40 48.58
C LEU A 476 45.50 -5.01 49.16
N GLU A 477 46.02 -5.89 50.00
CA GLU A 477 47.41 -5.88 50.44
C GLU A 477 48.35 -5.68 49.26
N ASP A 478 49.51 -5.09 49.51
CA ASP A 478 50.61 -4.95 48.56
C ASP A 478 50.17 -4.51 47.16
N GLY A 479 49.12 -3.69 47.08
CA GLY A 479 48.71 -3.09 45.81
C GLY A 479 48.34 -4.07 44.73
N LYS A 480 47.88 -5.27 45.09
CA LYS A 480 47.42 -6.25 44.11
C LYS A 480 46.03 -5.86 43.65
N THR A 481 45.92 -5.35 42.43
CA THR A 481 44.64 -5.01 41.84
C THR A 481 44.11 -6.18 41.03
N PHE A 482 42.83 -6.48 41.20
CA PHE A 482 42.17 -7.53 40.45
C PHE A 482 40.92 -6.96 39.80
N ILE A 483 40.71 -7.32 38.54
CA ILE A 483 39.48 -6.97 37.83
C ILE A 483 38.69 -8.26 37.63
N PRO A 484 37.87 -8.67 38.61
CA PRO A 484 37.13 -9.93 38.45
C PRO A 484 36.21 -9.92 37.24
N GLY A 485 36.50 -10.76 36.26
CA GLY A 485 35.68 -10.80 35.07
C GLY A 485 34.27 -11.26 35.36
N GLN A 486 33.35 -10.86 34.49
CA GLN A 486 31.94 -11.20 34.63
C GLN A 486 31.57 -12.15 33.50
N GLY A 487 31.27 -13.40 33.84
CA GLY A 487 30.84 -14.35 32.84
C GLY A 487 29.45 -14.03 32.37
N ASN A 488 29.35 -13.48 31.17
CA ASN A 488 28.09 -12.99 30.62
C ASN A 488 27.72 -13.84 29.42
N ASN A 489 26.47 -14.30 29.39
CA ASN A 489 26.02 -15.10 28.25
C ASN A 489 26.16 -14.34 26.94
N ALA A 490 26.19 -13.01 27.00
CA ALA A 490 26.37 -12.19 25.82
C ALA A 490 27.71 -12.42 25.14
N TYR A 491 28.64 -13.11 25.77
CA TYR A 491 29.86 -13.50 25.06
C TYR A 491 29.62 -14.62 24.08
N VAL A 492 28.53 -15.38 24.26
CA VAL A 492 28.32 -16.62 23.53
C VAL A 492 27.33 -16.42 22.39
N PHE A 493 26.07 -16.15 22.74
CA PHE A 493 25.02 -16.25 21.73
C PHE A 493 25.09 -15.21 20.61
N PRO A 494 25.62 -14.00 20.81
CA PRO A 494 25.69 -13.08 19.66
C PRO A 494 26.57 -13.59 18.55
N GLY A 495 27.82 -13.98 18.84
CA GLY A 495 28.69 -14.47 17.78
C GLY A 495 28.24 -15.81 17.23
N VAL A 496 27.75 -16.69 18.09
CA VAL A 496 27.25 -17.98 17.63
C VAL A 496 26.08 -17.78 16.69
N ALA A 497 25.13 -16.92 17.08
CA ALA A 497 23.98 -16.63 16.22
C ALA A 497 24.41 -15.97 14.94
N LEU A 498 25.40 -15.08 15.00
CA LEU A 498 25.87 -14.42 13.79
C LEU A 498 26.46 -15.42 12.81
N GLY A 499 27.28 -16.34 13.31
CA GLY A 499 27.86 -17.34 12.44
C GLY A 499 26.84 -18.31 11.90
N VAL A 500 25.89 -18.72 12.73
CA VAL A 500 24.82 -19.62 12.28
C VAL A 500 23.99 -18.96 11.19
N ILE A 501 23.61 -17.70 11.38
CA ILE A 501 22.80 -17.01 10.40
C ILE A 501 23.60 -16.77 9.13
N ALA A 502 24.89 -16.46 9.26
CA ALA A 502 25.72 -16.22 8.10
C ALA A 502 25.84 -17.47 7.25
N GLY A 503 26.24 -18.59 7.86
CA GLY A 503 26.43 -19.80 7.10
C GLY A 503 25.21 -20.65 6.92
N GLY A 504 24.07 -20.27 7.49
CA GLY A 504 22.89 -21.10 7.38
C GLY A 504 23.08 -22.46 8.02
N ILE A 505 23.78 -22.51 9.15
CA ILE A 505 24.09 -23.77 9.80
C ILE A 505 22.80 -24.47 10.19
N ARG A 506 22.68 -25.74 9.82
CA ARG A 506 21.41 -26.44 9.97
C ARG A 506 21.12 -26.80 11.41
N HIS A 507 22.16 -27.18 12.17
CA HIS A 507 21.99 -27.57 13.55
C HIS A 507 23.17 -27.07 14.35
N ILE A 508 22.96 -26.88 15.64
CA ILE A 508 24.00 -26.38 16.52
C ILE A 508 24.40 -27.49 17.48
N PRO A 509 25.40 -28.31 17.15
CA PRO A 509 25.87 -29.31 18.09
C PRO A 509 26.69 -28.67 19.19
N ASP A 510 26.94 -29.46 20.24
CA ASP A 510 27.70 -28.96 21.37
C ASP A 510 29.12 -28.56 21.00
N GLU A 511 29.66 -29.12 19.91
CA GLU A 511 31.03 -28.78 19.51
C GLU A 511 31.15 -27.32 19.13
N ILE A 512 30.09 -26.72 18.59
CA ILE A 512 30.12 -25.30 18.29
C ILE A 512 30.26 -24.50 19.59
N PHE A 513 29.53 -24.89 20.62
CA PHE A 513 29.64 -24.18 21.89
C PHE A 513 30.99 -24.39 22.54
N LEU A 514 31.58 -25.58 22.37
CA LEU A 514 32.91 -25.81 22.92
C LEU A 514 33.96 -24.97 22.19
N LEU A 515 33.91 -24.90 20.87
CA LEU A 515 34.89 -24.09 20.16
C LEU A 515 34.63 -22.61 20.39
N THR A 516 33.38 -22.23 20.66
CA THR A 516 33.08 -20.87 21.08
C THR A 516 33.73 -20.55 22.41
N ALA A 517 33.62 -21.48 23.37
CA ALA A 517 34.31 -21.32 24.64
C ALA A 517 35.81 -21.19 24.45
N GLU A 518 36.38 -21.99 23.55
CA GLU A 518 37.81 -21.90 23.29
C GLU A 518 38.19 -20.55 22.69
N GLN A 519 37.40 -20.06 21.74
CA GLN A 519 37.67 -18.76 21.15
C GLN A 519 37.58 -17.65 22.18
N ILE A 520 36.55 -17.70 23.03
CA ILE A 520 36.40 -16.70 24.09
C ILE A 520 37.60 -16.74 25.02
N ALA A 521 38.04 -17.94 25.40
CA ALA A 521 39.20 -18.05 26.27
C ALA A 521 40.45 -17.52 25.61
N GLN A 522 40.56 -17.65 24.29
CA GLN A 522 41.68 -17.06 23.57
C GLN A 522 41.55 -15.56 23.39
N GLU A 523 40.35 -15.01 23.57
CA GLU A 523 40.15 -13.57 23.40
C GLU A 523 40.84 -12.74 24.46
N VAL A 524 41.12 -13.31 25.62
CA VAL A 524 41.64 -12.54 26.75
C VAL A 524 43.12 -12.28 26.54
N SER A 525 43.54 -11.04 26.74
CA SER A 525 44.94 -10.69 26.57
C SER A 525 45.76 -11.17 27.76
N GLU A 526 47.07 -11.24 27.55
CA GLU A 526 47.99 -11.57 28.65
C GLU A 526 47.95 -10.48 29.71
N GLN A 527 47.86 -9.22 29.30
CA GLN A 527 47.77 -8.12 30.26
C GLN A 527 46.54 -8.28 31.14
N HIS A 528 45.39 -8.56 30.52
CA HIS A 528 44.17 -8.75 31.31
C HIS A 528 44.28 -9.96 32.22
N LEU A 529 44.97 -11.00 31.75
CA LEU A 529 45.14 -12.19 32.58
C LEU A 529 46.00 -11.90 33.79
N SER A 530 46.95 -10.98 33.66
CA SER A 530 47.74 -10.56 34.81
C SER A 530 46.88 -9.90 35.88
N GLN A 531 45.69 -9.42 35.52
CA GLN A 531 44.78 -8.77 36.46
C GLN A 531 43.62 -9.65 36.87
N GLY A 532 43.70 -10.96 36.63
CA GLY A 532 42.64 -11.86 37.00
C GLY A 532 41.37 -11.74 36.18
N ARG A 533 41.40 -10.99 35.08
CA ARG A 533 40.25 -10.82 34.21
C ARG A 533 40.14 -12.03 33.29
N LEU A 534 39.11 -12.85 33.49
CA LEU A 534 38.97 -14.08 32.73
C LEU A 534 38.26 -13.91 31.40
N TYR A 535 37.56 -12.81 31.20
CA TYR A 535 36.81 -12.62 29.98
C TYR A 535 37.23 -11.33 29.29
N PRO A 536 37.10 -11.26 27.97
CA PRO A 536 37.48 -10.03 27.29
C PRO A 536 36.55 -8.89 27.68
N PRO A 537 37.03 -7.66 27.67
CA PRO A 537 36.17 -6.53 28.01
C PRO A 537 35.01 -6.43 27.03
N LEU A 538 33.83 -6.10 27.55
CA LEU A 538 32.64 -6.04 26.72
C LEU A 538 32.73 -4.95 25.66
N SER A 539 33.57 -3.94 25.86
CA SER A 539 33.75 -2.91 24.85
C SER A 539 34.29 -3.46 23.53
N THR A 540 34.75 -4.71 23.52
CA THR A 540 35.24 -5.36 22.32
C THR A 540 34.33 -6.48 21.85
N ILE A 541 33.20 -6.71 22.54
CA ILE A 541 32.40 -7.91 22.32
C ILE A 541 32.02 -8.04 20.86
N ARG A 542 31.74 -6.92 20.18
CA ARG A 542 31.37 -6.97 18.78
C ARG A 542 32.44 -7.71 17.98
N ASP A 543 33.69 -7.25 18.06
CA ASP A 543 34.78 -7.97 17.41
C ASP A 543 34.83 -9.41 17.88
N VAL A 544 34.70 -9.63 19.19
CA VAL A 544 34.67 -10.99 19.73
C VAL A 544 33.62 -11.80 19.00
N SER A 545 32.41 -11.25 18.90
CA SER A 545 31.34 -11.95 18.21
C SER A 545 31.76 -12.33 16.81
N LEU A 546 32.33 -11.37 16.08
CA LEU A 546 32.82 -11.65 14.75
C LEU A 546 33.79 -12.82 14.77
N ARG A 547 34.79 -12.76 15.65
CA ARG A 547 35.79 -13.82 15.69
C ARG A 547 35.19 -15.15 16.09
N ILE A 548 34.05 -15.15 16.78
CA ILE A 548 33.38 -16.42 17.04
C ILE A 548 32.68 -16.90 15.78
N ALA A 549 31.95 -15.99 15.12
CA ALA A 549 31.17 -16.35 13.95
C ALA A 549 32.04 -17.06 12.92
N ILE A 550 33.08 -16.36 12.45
CA ILE A 550 34.02 -16.96 11.50
C ILE A 550 34.41 -18.35 11.96
N LYS A 551 34.77 -18.50 13.23
CA LYS A 551 35.20 -19.80 13.72
C LYS A 551 34.07 -20.81 13.61
N VAL A 552 32.90 -20.47 14.17
CA VAL A 552 31.77 -21.40 14.06
C VAL A 552 31.32 -21.55 12.62
N LEU A 553 31.83 -20.72 11.73
CA LEU A 553 31.59 -20.92 10.31
C LEU A 553 32.51 -21.98 9.76
N ASP A 554 33.82 -21.86 10.04
CA ASP A 554 34.78 -22.84 9.56
C ASP A 554 34.37 -24.24 9.96
N TYR A 555 34.10 -24.44 11.25
CA TYR A 555 33.62 -25.73 11.72
C TYR A 555 32.45 -26.21 10.88
N ALA A 556 31.45 -25.36 10.69
CA ALA A 556 30.24 -25.79 10.01
C ALA A 556 30.52 -26.16 8.56
N TYR A 557 31.58 -25.61 7.97
CA TYR A 557 31.92 -25.98 6.60
C TYR A 557 32.79 -27.21 6.54
N LYS A 558 33.51 -27.53 7.61
CA LYS A 558 34.31 -28.74 7.64
C LYS A 558 33.56 -29.93 8.21
N HIS A 559 32.35 -29.73 8.70
CA HIS A 559 31.49 -30.84 9.12
C HIS A 559 30.20 -30.88 8.34
N ASN A 560 30.13 -30.17 7.22
CA ASN A 560 28.99 -30.20 6.32
C ASN A 560 27.70 -29.81 7.05
N LEU A 561 27.79 -28.72 7.82
CA LEU A 561 26.66 -28.19 8.55
C LEU A 561 26.09 -26.93 7.95
N ALA A 562 26.89 -26.14 7.26
CA ALA A 562 26.43 -24.92 6.65
C ALA A 562 25.63 -25.20 5.39
N SER A 563 24.63 -24.36 5.13
CA SER A 563 23.80 -24.49 3.95
C SER A 563 24.05 -23.40 2.92
N TYR A 564 24.76 -22.34 3.28
CA TYR A 564 25.13 -21.33 2.29
C TYR A 564 26.05 -21.96 1.26
N TYR A 565 25.56 -22.17 0.04
CA TYR A 565 26.27 -23.05 -0.88
C TYR A 565 27.60 -22.48 -1.33
N PRO A 566 27.68 -21.35 -2.04
CA PRO A 566 28.98 -20.94 -2.58
C PRO A 566 29.91 -20.55 -1.45
N GLU A 567 30.45 -21.56 -0.75
CA GLU A 567 31.28 -21.41 0.43
C GLU A 567 32.33 -20.33 0.24
N PRO A 568 32.29 -19.27 1.05
CA PRO A 568 33.22 -18.16 0.86
C PRO A 568 34.65 -18.57 1.17
N LYS A 569 35.56 -18.18 0.28
CA LYS A 569 36.98 -18.40 0.55
C LYS A 569 37.44 -17.55 1.72
N ASP A 570 37.04 -16.27 1.73
CA ASP A 570 37.36 -15.37 2.83
C ASP A 570 36.12 -15.25 3.71
N LYS A 571 36.04 -16.14 4.71
CA LYS A 571 34.86 -16.17 5.55
C LYS A 571 34.76 -14.94 6.45
N GLU A 572 35.89 -14.30 6.74
CA GLU A 572 35.84 -13.09 7.56
C GLU A 572 35.11 -11.97 6.82
N ALA A 573 35.49 -11.71 5.57
CA ALA A 573 34.78 -10.71 4.79
C ALA A 573 33.32 -11.09 4.58
N PHE A 574 33.05 -12.39 4.43
CA PHE A 574 31.67 -12.84 4.26
C PHE A 574 30.84 -12.49 5.47
N VAL A 575 31.34 -12.79 6.67
CA VAL A 575 30.57 -12.49 7.87
C VAL A 575 30.51 -10.99 8.11
N ARG A 576 31.57 -10.25 7.77
CA ARG A 576 31.55 -8.80 7.93
C ARG A 576 30.52 -8.15 7.02
N SER A 577 30.27 -8.74 5.85
CA SER A 577 29.27 -8.18 4.96
C SER A 577 27.86 -8.35 5.50
N LEU A 578 27.66 -9.20 6.49
CA LEU A 578 26.35 -9.41 7.10
C LEU A 578 26.23 -8.77 8.48
N VAL A 579 27.32 -8.26 9.05
CA VAL A 579 27.27 -7.60 10.33
C VAL A 579 26.51 -6.30 10.18
N TYR A 580 25.40 -6.18 10.89
CA TYR A 580 24.58 -4.98 10.83
C TYR A 580 25.28 -3.83 11.52
N THR A 581 25.33 -2.69 10.86
CA THR A 581 25.91 -1.50 11.42
C THR A 581 24.82 -0.45 11.66
N PRO A 582 24.94 0.35 12.71
CA PRO A 582 23.94 1.39 12.98
C PRO A 582 23.98 2.55 12.01
N ASP A 583 24.94 2.58 11.09
CA ASP A 583 25.04 3.70 10.15
C ASP A 583 23.80 3.76 9.27
N TYR A 584 23.39 4.98 8.96
CA TYR A 584 22.19 5.18 8.17
C TYR A 584 22.42 4.84 6.71
N ASP A 585 21.45 4.16 6.10
CA ASP A 585 21.47 3.95 4.68
C ASP A 585 20.91 5.17 3.96
N SER A 586 21.35 5.36 2.72
CA SER A 586 20.83 6.44 1.90
C SER A 586 19.53 6.00 1.24
N PHE A 587 18.50 6.84 1.34
CA PHE A 587 17.19 6.55 0.78
C PHE A 587 16.98 7.21 -0.58
N THR A 588 18.00 7.86 -1.13
CA THR A 588 17.85 8.50 -2.43
C THR A 588 17.77 7.46 -3.54
N LEU A 589 17.08 7.81 -4.60
CA LEU A 589 16.93 6.95 -5.76
C LEU A 589 18.08 7.21 -6.72
N ASP A 590 18.74 6.15 -7.16
CA ASP A 590 19.82 6.28 -8.13
C ASP A 590 19.25 6.67 -9.48
N SER A 591 19.68 7.81 -10.00
CA SER A 591 19.16 8.33 -11.26
C SER A 591 20.30 8.38 -12.26
N TYR A 592 20.50 7.30 -13.01
CA TYR A 592 21.46 7.29 -14.10
C TYR A 592 20.78 7.69 -15.40
N THR A 593 21.56 7.69 -16.46
CA THR A 593 21.12 8.26 -17.72
C THR A 593 21.70 7.45 -18.87
N TRP A 594 20.85 7.03 -19.79
CA TRP A 594 21.31 6.37 -20.99
C TRP A 594 21.99 7.38 -21.91
N PRO A 595 22.81 6.91 -22.85
CA PRO A 595 23.38 7.83 -23.84
C PRO A 595 22.28 8.56 -24.60
N LYS A 596 22.53 9.82 -24.94
CA LYS A 596 21.44 10.65 -25.45
C LYS A 596 21.18 10.35 -26.93
N GLU A 597 21.11 9.07 -27.26
CA GLU A 597 20.57 8.61 -28.54
C GLU A 597 19.75 7.34 -28.38
N ALA A 598 19.83 6.64 -27.25
CA ALA A 598 18.94 5.54 -26.95
C ALA A 598 17.81 5.94 -26.03
N MET A 599 17.87 7.12 -25.43
CA MET A 599 16.86 7.60 -24.50
C MET A 599 16.04 8.75 -25.08
N ASN A 600 16.20 9.06 -26.36
CA ASN A 600 15.44 10.14 -26.95
C ASN A 600 14.01 9.70 -27.21
N VAL A 601 13.07 10.61 -26.99
CA VAL A 601 11.66 10.32 -27.16
C VAL A 601 11.31 10.39 -28.64
N GLN A 602 10.73 9.32 -29.16
CA GLN A 602 10.37 9.26 -30.58
C GLN A 602 9.10 10.05 -30.82
N THR A 603 9.15 10.96 -31.80
CA THR A 603 8.05 11.86 -32.09
C THR A 603 7.48 11.60 -33.48
N VAL A 604 7.65 10.39 -33.99
CA VAL A 604 7.19 10.06 -35.33
C VAL A 604 5.72 9.68 -35.31
N ARG B 49 -4.99 -4.60 6.13
CA ARG B 49 -4.21 -3.51 6.69
C ARG B 49 -2.92 -4.03 7.33
N GLY B 50 -3.06 -4.94 8.28
CA GLY B 50 -1.89 -5.59 8.85
C GLY B 50 -1.17 -4.71 9.84
N TYR B 51 0.15 -4.91 9.92
CA TYR B 51 0.97 -4.21 10.90
C TYR B 51 0.83 -2.70 10.81
N ASP B 52 0.41 -2.19 9.66
CA ASP B 52 0.29 -0.75 9.48
C ASP B 52 -0.91 -0.16 10.20
N VAL B 53 -1.90 -0.98 10.58
CA VAL B 53 -3.06 -0.45 11.29
C VAL B 53 -2.79 -0.26 12.77
N THR B 54 -1.66 -0.78 13.26
CA THR B 54 -1.26 -0.58 14.64
C THR B 54 -0.27 0.56 14.81
N ARG B 55 0.34 1.02 13.73
CA ARG B 55 1.18 2.21 13.76
C ARG B 55 0.42 3.46 13.38
N ASN B 56 -0.87 3.35 13.12
CA ASN B 56 -1.72 4.48 12.81
C ASN B 56 -2.51 4.86 14.04
N PRO B 57 -2.24 6.01 14.67
CA PRO B 57 -2.92 6.33 15.93
C PRO B 57 -4.42 6.53 15.79
N HIS B 58 -4.91 6.88 14.61
CA HIS B 58 -6.35 7.02 14.41
C HIS B 58 -7.06 5.68 14.32
N LEU B 59 -6.38 4.64 13.87
CA LEU B 59 -6.95 3.31 13.76
C LEU B 59 -6.56 2.40 14.91
N ASN B 60 -5.34 2.53 15.41
CA ASN B 60 -4.86 1.67 16.47
C ASN B 60 -5.77 1.75 17.69
N LYS B 61 -6.31 0.61 18.09
CA LYS B 61 -7.09 0.50 19.31
C LYS B 61 -6.32 -0.19 20.43
N GLY B 62 -5.08 -0.57 20.18
CA GLY B 62 -4.31 -1.25 21.21
C GLY B 62 -4.91 -2.60 21.53
N MET B 63 -4.94 -2.95 22.81
CA MET B 63 -5.51 -4.21 23.27
C MET B 63 -7.02 -4.17 23.29
N ALA B 64 -7.64 -3.14 22.72
CA ALA B 64 -9.10 -3.11 22.64
C ALA B 64 -9.62 -3.75 21.37
N PHE B 65 -8.74 -4.05 20.41
CA PHE B 65 -9.12 -4.87 19.27
C PHE B 65 -9.65 -6.20 19.77
N THR B 66 -10.87 -6.55 19.37
CA THR B 66 -11.37 -7.86 19.71
C THR B 66 -10.62 -8.93 18.92
N LEU B 67 -10.82 -10.19 19.31
CA LEU B 67 -10.16 -11.28 18.60
C LEU B 67 -10.60 -11.31 17.14
N GLU B 68 -11.89 -11.11 16.90
CA GLU B 68 -12.39 -11.10 15.53
C GLU B 68 -11.79 -9.96 14.73
N GLU B 69 -11.65 -8.78 15.34
CA GLU B 69 -11.05 -7.66 14.63
C GLU B 69 -9.59 -7.91 14.33
N ARG B 70 -8.86 -8.54 15.26
CA ARG B 70 -7.46 -8.85 15.01
C ARG B 70 -7.32 -9.86 13.88
N LEU B 71 -8.20 -10.86 13.85
CA LEU B 71 -8.12 -11.85 12.78
C LEU B 71 -8.49 -11.22 11.44
N GLN B 72 -9.45 -10.32 11.42
CA GLN B 72 -9.86 -9.71 10.16
C GLN B 72 -8.89 -8.64 9.69
N LEU B 73 -8.11 -8.04 10.58
CA LEU B 73 -7.17 -7.01 10.21
C LEU B 73 -5.78 -7.53 9.94
N GLY B 74 -5.53 -8.80 10.21
CA GLY B 74 -4.19 -9.34 10.04
C GLY B 74 -3.21 -8.84 11.07
N ILE B 75 -3.65 -8.68 12.31
CA ILE B 75 -2.77 -8.18 13.37
C ILE B 75 -2.82 -9.09 14.58
N HIS B 76 -3.35 -10.30 14.42
CA HIS B 76 -3.37 -11.21 15.54
C HIS B 76 -1.96 -11.67 15.85
N GLY B 77 -1.60 -11.68 17.13
CA GLY B 77 -0.26 -11.92 17.57
C GLY B 77 0.52 -10.65 17.83
N LEU B 78 0.26 -9.59 17.08
CA LEU B 78 0.93 -8.33 17.32
C LEU B 78 0.44 -7.64 18.59
N ILE B 79 -0.71 -8.03 19.10
CA ILE B 79 -1.28 -7.47 20.33
C ILE B 79 -1.16 -8.53 21.41
N PRO B 80 -0.90 -8.16 22.66
CA PRO B 80 -0.94 -9.14 23.74
C PRO B 80 -2.32 -9.79 23.82
N PRO B 81 -2.41 -10.99 24.39
CA PRO B 81 -3.67 -11.75 24.34
C PRO B 81 -4.67 -11.35 25.40
N CYS B 82 -4.82 -10.06 25.64
CA CYS B 82 -5.84 -9.56 26.54
C CYS B 82 -6.73 -8.61 25.76
N PHE B 83 -8.03 -8.69 26.00
CA PHE B 83 -9.02 -7.89 25.30
C PHE B 83 -9.61 -6.92 26.30
N LEU B 84 -9.27 -5.65 26.16
CA LEU B 84 -9.68 -4.63 27.10
C LEU B 84 -10.80 -3.77 26.53
N SER B 85 -11.48 -3.07 27.43
CA SER B 85 -12.37 -1.98 27.08
C SER B 85 -11.58 -0.68 27.14
N GLN B 86 -12.14 0.37 26.54
CA GLN B 86 -11.50 1.67 26.67
C GLN B 86 -11.46 2.13 28.13
N ASP B 87 -12.33 1.58 28.98
CA ASP B 87 -12.27 1.90 30.40
C ASP B 87 -11.01 1.33 31.04
N VAL B 88 -10.67 0.08 30.73
CA VAL B 88 -9.47 -0.53 31.32
C VAL B 88 -8.22 0.12 30.76
N GLN B 89 -8.22 0.47 29.48
CA GLN B 89 -7.10 1.22 28.94
C GLN B 89 -6.97 2.58 29.60
N LEU B 90 -8.10 3.23 29.86
CA LEU B 90 -8.08 4.50 30.56
C LEU B 90 -7.50 4.34 31.96
N LEU B 91 -7.85 3.25 32.63
CA LEU B 91 -7.32 2.99 33.96
C LEU B 91 -5.81 2.78 33.92
N ARG B 92 -5.32 2.04 32.93
CA ARG B 92 -3.88 1.86 32.81
C ARG B 92 -3.18 3.19 32.57
N ILE B 93 -3.71 3.99 31.65
CA ILE B 93 -3.09 5.28 31.33
C ILE B 93 -3.11 6.18 32.56
N MET B 94 -4.19 6.15 33.33
CA MET B 94 -4.28 7.01 34.51
C MET B 94 -3.32 6.55 35.59
N ARG B 95 -3.21 5.25 35.81
CA ARG B 95 -2.29 4.75 36.81
C ARG B 95 -0.84 5.08 36.44
N TYR B 96 -0.52 5.06 35.15
CA TYR B 96 0.83 5.43 34.75
C TYR B 96 1.01 6.95 34.76
N TYR B 97 -0.08 7.70 34.61
CA TYR B 97 -0.05 9.15 34.53
C TYR B 97 0.13 9.78 35.89
N GLU B 98 -0.56 9.26 36.91
CA GLU B 98 -0.47 9.82 38.24
C GLU B 98 0.89 9.58 38.89
N ARG B 99 1.69 8.68 38.33
CA ARG B 99 3.00 8.37 38.87
C ARG B 99 4.09 9.33 38.39
N GLN B 100 3.71 10.44 37.76
CA GLN B 100 4.68 11.46 37.41
C GLN B 100 4.60 12.62 38.39
N GLN B 101 5.70 13.36 38.50
CA GLN B 101 5.80 14.47 39.43
C GLN B 101 5.68 15.83 38.75
N SER B 102 6.44 16.05 37.68
CA SER B 102 6.36 17.31 36.97
C SER B 102 5.28 17.26 35.90
N ASP B 103 4.69 18.42 35.62
CA ASP B 103 3.66 18.50 34.60
C ASP B 103 4.22 18.22 33.22
N LEU B 104 5.51 18.47 33.02
CA LEU B 104 6.12 18.14 31.73
C LEU B 104 6.12 16.65 31.48
N ASP B 105 6.31 15.84 32.52
CA ASP B 105 6.23 14.39 32.36
C ASP B 105 4.83 13.96 31.98
N LYS B 106 3.82 14.58 32.58
CA LYS B 106 2.44 14.25 32.22
C LYS B 106 2.13 14.68 30.80
N TYR B 107 2.63 15.84 30.39
CA TYR B 107 2.48 16.27 29.01
C TYR B 107 3.11 15.28 28.05
N ILE B 108 4.30 14.80 28.38
CA ILE B 108 4.98 13.83 27.52
C ILE B 108 4.20 12.53 27.46
N ILE B 109 3.65 12.09 28.60
CA ILE B 109 2.82 10.88 28.60
C ILE B 109 1.63 11.05 27.69
N LEU B 110 0.92 12.18 27.81
CA LEU B 110 -0.27 12.39 26.99
C LEU B 110 0.08 12.50 25.52
N MET B 111 1.21 13.11 25.19
CA MET B 111 1.57 13.26 23.80
C MET B 111 1.99 11.93 23.18
N THR B 112 2.69 11.10 23.95
CA THR B 112 2.97 9.75 23.46
C THR B 112 1.69 8.95 23.30
N LEU B 113 0.74 9.11 24.21
CA LEU B 113 -0.53 8.42 24.07
C LEU B 113 -1.28 8.88 22.83
N GLN B 114 -1.16 10.17 22.51
CA GLN B 114 -1.76 10.68 21.27
C GLN B 114 -1.10 10.08 20.05
N ASP B 115 0.22 9.92 20.08
CA ASP B 115 0.90 9.28 18.96
C ASP B 115 0.60 7.78 18.88
N ARG B 116 0.15 7.17 19.97
CA ARG B 116 -0.14 5.73 19.96
C ARG B 116 -1.60 5.44 19.63
N ASN B 117 -2.52 5.96 20.44
CA ASN B 117 -3.94 5.63 20.34
C ASN B 117 -4.71 6.93 20.52
N GLU B 118 -5.17 7.52 19.41
CA GLU B 118 -5.80 8.83 19.49
C GLU B 118 -7.16 8.78 20.15
N LYS B 119 -7.93 7.73 19.91
CA LYS B 119 -9.22 7.64 20.57
C LYS B 119 -9.06 7.47 22.07
N LEU B 120 -8.05 6.74 22.50
CA LEU B 120 -7.76 6.68 23.93
C LEU B 120 -7.20 8.00 24.44
N PHE B 121 -6.45 8.72 23.62
CA PHE B 121 -5.95 10.02 24.03
C PHE B 121 -7.11 10.97 24.32
N TYR B 122 -8.08 11.04 23.42
CA TYR B 122 -9.21 11.91 23.63
C TYR B 122 -10.18 11.37 24.66
N ARG B 123 -10.19 10.06 24.88
CA ARG B 123 -10.90 9.54 26.04
C ARG B 123 -10.27 10.04 27.34
N VAL B 124 -8.94 10.06 27.39
CA VAL B 124 -8.25 10.62 28.55
C VAL B 124 -8.62 12.09 28.72
N LEU B 125 -8.54 12.86 27.64
CA LEU B 125 -8.83 14.29 27.73
C LEU B 125 -10.27 14.55 28.18
N THR B 126 -11.24 14.06 27.42
CA THR B 126 -12.64 14.24 27.78
C THR B 126 -13.02 13.51 29.05
N SER B 127 -12.13 12.69 29.62
CA SER B 127 -12.43 12.05 30.90
C SER B 127 -12.60 13.08 31.99
N ASP B 128 -11.64 14.00 32.11
CA ASP B 128 -11.78 15.16 32.99
C ASP B 128 -11.03 16.31 32.30
N VAL B 129 -11.77 17.07 31.50
CA VAL B 129 -11.14 18.07 30.65
C VAL B 129 -10.60 19.22 31.47
N GLU B 130 -11.17 19.46 32.65
CA GLU B 130 -10.70 20.56 33.48
C GLU B 130 -9.31 20.29 34.04
N LYS B 131 -8.92 19.03 34.18
CA LYS B 131 -7.60 18.71 34.69
C LYS B 131 -6.57 18.40 33.61
N PHE B 132 -7.01 18.16 32.37
CA PHE B 132 -6.09 17.89 31.28
C PHE B 132 -5.91 19.05 30.33
N MET B 133 -6.82 20.03 30.36
CA MET B 133 -6.60 21.25 29.61
C MET B 133 -5.35 22.00 30.08
N PRO B 134 -5.05 22.11 31.38
CA PRO B 134 -3.79 22.76 31.77
C PRO B 134 -2.55 22.00 31.34
N ILE B 135 -2.66 20.72 31.03
CA ILE B 135 -1.50 19.93 30.66
C ILE B 135 -1.27 19.93 29.16
N VAL B 136 -2.32 19.66 28.38
CA VAL B 136 -2.17 19.58 26.94
C VAL B 136 -1.99 20.97 26.35
N TYR B 137 -2.59 21.98 26.95
CA TYR B 137 -2.49 23.35 26.49
C TYR B 137 -1.98 24.20 27.65
N THR B 138 -2.07 25.52 27.49
CA THR B 138 -1.52 26.45 28.47
C THR B 138 -1.98 26.07 29.88
N PRO B 139 -1.11 26.18 30.89
CA PRO B 139 0.25 26.71 30.80
C PRO B 139 1.34 25.68 30.54
N THR B 140 1.03 24.39 30.62
CA THR B 140 2.07 23.37 30.54
C THR B 140 2.69 23.30 29.16
N VAL B 141 1.89 23.50 28.11
CA VAL B 141 2.43 23.46 26.76
C VAL B 141 3.47 24.54 26.56
N GLY B 142 3.45 25.59 27.37
CA GLY B 142 4.47 26.63 27.24
C GLY B 142 5.84 26.13 27.67
N LEU B 143 5.94 25.57 28.87
CA LEU B 143 7.21 25.00 29.32
C LEU B 143 7.59 23.78 28.47
N ALA B 144 6.60 23.12 27.89
CA ALA B 144 6.90 22.07 26.93
C ALA B 144 7.62 22.61 25.71
N CYS B 145 7.08 23.69 25.12
CA CYS B 145 7.71 24.31 23.95
C CYS B 145 9.06 24.92 24.32
N GLN B 146 9.22 25.40 25.55
CA GLN B 146 10.50 25.92 25.98
C GLN B 146 11.58 24.85 25.95
N HIS B 147 11.22 23.64 26.35
CA HIS B 147 12.12 22.49 26.36
C HIS B 147 11.67 21.45 25.33
N TYR B 148 11.24 21.93 24.16
CA TYR B 148 10.72 21.04 23.13
C TYR B 148 11.78 20.10 22.61
N GLY B 149 12.85 20.65 22.04
CA GLY B 149 13.88 19.82 21.44
C GLY B 149 14.53 18.88 22.42
N LEU B 150 14.50 19.24 23.72
CA LEU B 150 15.07 18.38 24.75
C LEU B 150 14.33 17.05 24.82
N THR B 151 13.02 17.12 25.01
CA THR B 151 12.18 15.93 25.11
C THR B 151 11.57 15.53 23.77
N PHE B 152 11.96 16.22 22.69
CA PHE B 152 11.39 15.95 21.38
C PHE B 152 11.77 14.55 20.92
N ARG B 153 10.77 13.71 20.74
CA ARG B 153 11.00 12.34 20.29
C ARG B 153 10.28 12.05 18.99
N ARG B 154 9.01 12.43 18.88
CA ARG B 154 8.27 12.13 17.66
C ARG B 154 7.74 13.43 17.05
N PRO B 155 8.08 13.71 15.79
CA PRO B 155 7.59 14.96 15.17
C PRO B 155 6.10 14.89 14.91
N ARG B 156 5.40 15.95 15.28
CA ARG B 156 3.96 16.07 15.13
C ARG B 156 3.67 17.33 14.32
N GLY B 157 2.68 17.25 13.44
CA GLY B 157 2.29 18.40 12.65
C GLY B 157 3.04 18.51 11.34
N LEU B 158 3.03 19.72 10.80
CA LEU B 158 3.58 20.01 9.47
C LEU B 158 4.45 21.25 9.57
N PHE B 159 5.72 21.12 9.23
CA PHE B 159 6.69 22.21 9.34
C PHE B 159 6.93 22.77 7.94
N ILE B 160 6.47 23.99 7.70
CA ILE B 160 6.61 24.65 6.41
C ILE B 160 7.48 25.87 6.61
N THR B 161 8.57 25.95 5.86
CA THR B 161 9.55 27.00 6.11
C THR B 161 9.46 28.08 5.04
N ILE B 162 10.28 29.12 5.21
CA ILE B 162 10.33 30.19 4.23
C ILE B 162 11.01 29.72 2.95
N HIS B 163 11.96 28.80 3.07
CA HIS B 163 12.70 28.30 1.91
C HIS B 163 11.90 27.31 1.09
N ASP B 164 10.65 27.09 1.41
CA ASP B 164 9.78 26.21 0.66
C ASP B 164 8.83 26.95 -0.24
N LYS B 165 9.02 28.26 -0.42
CA LYS B 165 8.10 29.05 -1.22
C LYS B 165 8.05 28.55 -2.65
N GLY B 166 6.85 28.21 -3.10
CA GLY B 166 6.64 27.65 -4.42
C GLY B 166 6.30 26.19 -4.40
N HIS B 167 6.54 25.49 -3.29
CA HIS B 167 6.38 24.05 -3.20
C HIS B 167 5.56 23.66 -1.99
N LEU B 168 4.65 24.51 -1.55
CA LEU B 168 3.83 24.19 -0.39
C LEU B 168 2.76 23.15 -0.71
N ALA B 169 2.36 23.03 -1.98
CA ALA B 169 1.38 22.01 -2.33
C ALA B 169 1.92 20.62 -2.07
N THR B 170 3.20 20.38 -2.40
CA THR B 170 3.80 19.08 -2.15
C THR B 170 3.90 18.80 -0.65
N MET B 171 4.34 19.79 0.13
CA MET B 171 4.44 19.60 1.56
C MET B 171 3.08 19.35 2.19
N LEU B 172 2.03 19.96 1.66
CA LEU B 172 0.69 19.61 2.12
C LEU B 172 0.31 18.20 1.70
N ASN B 173 0.84 17.75 0.56
CA ASN B 173 0.63 16.36 0.14
C ASN B 173 1.37 15.38 1.03
N SER B 174 2.40 15.84 1.75
CA SER B 174 3.08 14.95 2.69
C SER B 174 2.17 14.52 3.83
N TRP B 175 1.18 15.32 4.17
CA TRP B 175 0.29 14.98 5.27
C TRP B 175 -0.55 13.76 4.90
N PRO B 176 -0.69 12.78 5.78
CA PRO B 176 -1.43 11.56 5.41
C PRO B 176 -2.89 11.82 5.07
N GLU B 177 -3.62 12.50 5.97
CA GLU B 177 -5.03 12.74 5.73
C GLU B 177 -5.23 13.82 4.68
N ASP B 178 -6.17 13.58 3.77
CA ASP B 178 -6.46 14.52 2.70
C ASP B 178 -7.80 15.22 2.86
N ASN B 179 -8.62 14.81 3.83
CA ASN B 179 -9.88 15.49 4.12
C ASN B 179 -9.68 16.32 5.38
N ILE B 180 -9.13 17.51 5.19
CA ILE B 180 -8.77 18.41 6.29
C ILE B 180 -9.77 19.55 6.33
N LYS B 181 -10.33 19.80 7.50
CA LYS B 181 -11.28 20.89 7.72
C LYS B 181 -10.68 22.05 8.49
N ALA B 182 -9.91 21.79 9.54
CA ALA B 182 -9.31 22.82 10.36
C ALA B 182 -7.80 22.81 10.19
N VAL B 183 -7.20 23.99 10.26
CA VAL B 183 -5.75 24.15 10.15
C VAL B 183 -5.36 25.23 11.15
N VAL B 184 -4.63 24.84 12.20
CA VAL B 184 -4.12 25.80 13.17
C VAL B 184 -2.67 26.05 12.81
N VAL B 185 -2.42 27.12 12.10
CA VAL B 185 -1.06 27.50 11.75
C VAL B 185 -0.52 28.39 12.86
N THR B 186 0.78 28.29 13.12
CA THR B 186 1.44 29.14 14.08
C THR B 186 2.72 29.68 13.48
N ASP B 187 3.20 30.78 14.05
CA ASP B 187 4.41 31.42 13.57
C ASP B 187 5.58 31.26 14.54
N GLY B 188 5.27 31.07 15.82
CA GLY B 188 6.29 30.95 16.83
C GLY B 188 6.84 32.26 17.34
N GLU B 189 6.30 33.39 16.92
CA GLU B 189 6.93 34.67 17.25
C GLU B 189 6.50 35.17 18.62
N ARG B 190 5.31 34.79 19.08
CA ARG B 190 4.80 35.26 20.36
C ARG B 190 3.94 34.15 20.96
N ILE B 191 4.57 33.30 21.76
CA ILE B 191 3.89 32.14 22.33
C ILE B 191 3.74 32.35 23.82
N LEU B 192 2.49 32.49 24.26
CA LEU B 192 2.12 32.38 25.67
C LEU B 192 2.92 33.35 26.53
N GLY B 193 3.28 34.49 25.96
CA GLY B 193 4.13 35.43 26.64
C GLY B 193 5.55 34.97 26.86
N LEU B 194 5.88 33.74 26.48
CA LEU B 194 7.27 33.29 26.53
C LEU B 194 8.10 33.93 25.45
N GLY B 195 7.45 34.50 24.43
CA GLY B 195 8.16 35.19 23.39
C GLY B 195 8.46 34.31 22.19
N ASP B 196 9.49 34.68 21.43
CA ASP B 196 9.87 33.96 20.23
C ASP B 196 10.42 32.58 20.58
N LEU B 197 9.65 31.54 20.34
CA LEU B 197 10.14 30.19 20.50
C LEU B 197 10.49 29.53 19.17
N GLY B 198 10.21 30.18 18.06
CA GLY B 198 10.56 29.62 16.77
C GLY B 198 9.88 28.29 16.54
N CYS B 199 10.60 27.37 15.91
CA CYS B 199 10.05 26.08 15.55
C CYS B 199 9.74 25.22 16.75
N TYR B 200 10.19 25.59 17.95
CA TYR B 200 9.76 24.92 19.15
C TYR B 200 8.27 25.08 19.40
N GLY B 201 7.65 26.07 18.77
CA GLY B 201 6.24 26.36 19.00
C GLY B 201 5.26 25.35 18.45
N MET B 202 5.74 24.24 17.88
CA MET B 202 4.82 23.27 17.30
C MET B 202 3.90 22.65 18.34
N GLY B 203 4.28 22.69 19.61
CA GLY B 203 3.38 22.20 20.64
C GLY B 203 2.12 23.02 20.77
N ILE B 204 2.13 24.26 20.30
CA ILE B 204 0.98 25.15 20.48
C ILE B 204 -0.15 24.80 19.53
N PRO B 205 0.06 24.70 18.21
CA PRO B 205 -1.05 24.22 17.36
C PRO B 205 -1.49 22.83 17.74
N VAL B 206 -0.57 21.88 17.83
CA VAL B 206 -0.92 20.51 18.22
C VAL B 206 -1.76 20.53 19.48
N GLY B 207 -1.22 21.11 20.55
CA GLY B 207 -1.98 21.21 21.79
C GLY B 207 -3.33 21.86 21.58
N LYS B 208 -3.35 22.99 20.85
CA LYS B 208 -4.61 23.68 20.62
C LYS B 208 -5.59 22.79 19.86
N LEU B 209 -5.09 22.02 18.90
CA LEU B 209 -5.99 21.16 18.14
C LEU B 209 -6.61 20.10 19.03
N ALA B 210 -5.90 19.68 20.08
CA ALA B 210 -6.52 18.76 21.03
C ALA B 210 -7.76 19.38 21.63
N LEU B 211 -7.68 20.67 21.98
CA LEU B 211 -8.85 21.36 22.52
C LEU B 211 -9.94 21.50 21.48
N TYR B 212 -9.59 21.48 20.19
CA TYR B 212 -10.64 21.46 19.17
C TYR B 212 -11.49 20.21 19.31
N THR B 213 -10.86 19.10 19.67
CA THR B 213 -11.54 17.81 19.72
C THR B 213 -11.99 17.44 21.11
N ALA B 214 -11.18 17.69 22.12
CA ALA B 214 -11.58 17.39 23.49
C ALA B 214 -12.67 18.34 23.95
N CYS B 215 -12.47 19.64 23.75
CA CYS B 215 -13.45 20.62 24.20
C CYS B 215 -14.64 20.67 23.25
N GLY B 216 -14.38 20.95 21.98
CA GLY B 216 -15.44 20.92 20.98
C GLY B 216 -15.80 19.51 20.60
N GLY B 217 -15.90 19.24 19.31
CA GLY B 217 -16.10 17.88 18.85
C GLY B 217 -15.44 17.65 17.51
N VAL B 218 -14.48 18.50 17.15
CA VAL B 218 -13.87 18.44 15.84
C VAL B 218 -13.13 17.12 15.68
N ASN B 219 -13.47 16.39 14.63
CA ASN B 219 -12.81 15.14 14.29
C ASN B 219 -11.31 15.39 14.15
N PRO B 220 -10.48 14.83 15.03
CA PRO B 220 -9.05 15.18 15.01
C PRO B 220 -8.35 14.76 13.75
N GLN B 221 -8.92 13.81 13.02
CA GLN B 221 -8.38 13.36 11.76
C GLN B 221 -8.55 14.38 10.65
N GLN B 222 -9.39 15.39 10.85
CA GLN B 222 -9.58 16.48 9.91
C GLN B 222 -8.83 17.74 10.30
N CYS B 223 -7.93 17.66 11.27
CA CYS B 223 -7.21 18.80 11.78
C CYS B 223 -5.73 18.68 11.45
N LEU B 224 -5.13 19.78 11.01
CA LEU B 224 -3.74 19.79 10.60
C LEU B 224 -3.00 20.92 11.30
N PRO B 225 -2.06 20.63 12.19
CA PRO B 225 -1.28 21.70 12.83
C PRO B 225 -0.08 22.08 11.98
N VAL B 226 0.06 23.36 11.66
CA VAL B 226 1.15 23.82 10.82
C VAL B 226 2.02 24.76 11.64
N LEU B 227 3.31 24.75 11.35
CA LEU B 227 4.23 25.75 11.88
C LEU B 227 4.98 26.36 10.71
N LEU B 228 4.84 27.68 10.54
CA LEU B 228 5.54 28.42 9.51
C LEU B 228 6.86 28.89 10.10
N ASP B 229 7.94 28.19 9.77
CA ASP B 229 9.27 28.49 10.29
C ASP B 229 9.95 29.47 9.35
N VAL B 230 9.92 30.74 9.73
CA VAL B 230 10.63 31.78 9.00
C VAL B 230 11.93 32.16 9.68
N GLY B 231 12.44 31.31 10.56
CA GLY B 231 13.57 31.61 11.39
C GLY B 231 13.16 31.90 12.81
N THR B 232 14.08 32.51 13.55
CA THR B 232 13.77 32.94 14.90
C THR B 232 14.72 34.06 15.30
N ASN B 233 14.23 34.95 16.14
CA ASN B 233 15.05 36.01 16.72
C ASN B 233 15.53 35.69 18.11
N ASN B 234 15.08 34.57 18.68
CA ASN B 234 15.55 34.12 19.97
C ASN B 234 17.00 33.68 19.85
N GLU B 235 17.92 34.51 20.33
CA GLU B 235 19.34 34.15 20.25
C GLU B 235 19.67 32.91 21.06
N GLU B 236 18.88 32.62 22.10
CA GLU B 236 19.08 31.39 22.85
C GLU B 236 18.88 30.15 21.99
N LEU B 237 17.94 30.21 21.04
CA LEU B 237 17.70 29.08 20.15
C LEU B 237 18.61 29.08 18.93
N LEU B 238 19.19 30.23 18.57
CA LEU B 238 20.10 30.27 17.45
C LEU B 238 21.42 29.58 17.75
N ARG B 239 21.73 29.35 19.03
CA ARG B 239 22.95 28.67 19.42
C ARG B 239 22.68 27.34 20.12
N ASP B 240 21.44 27.06 20.48
CA ASP B 240 21.08 25.79 21.09
C ASP B 240 21.29 24.66 20.10
N PRO B 241 22.19 23.72 20.37
CA PRO B 241 22.38 22.60 19.44
C PRO B 241 21.19 21.68 19.35
N LEU B 242 20.31 21.69 20.34
CA LEU B 242 19.11 20.88 20.33
C LEU B 242 17.92 21.59 19.67
N TYR B 243 18.14 22.73 19.04
CA TYR B 243 17.05 23.50 18.46
C TYR B 243 16.63 22.86 17.15
N ILE B 244 15.41 22.35 17.11
CA ILE B 244 14.89 21.68 15.91
C ILE B 244 14.23 22.76 15.06
N GLY B 245 15.07 23.59 14.46
CA GLY B 245 14.55 24.78 13.82
C GLY B 245 15.43 25.22 12.69
N LEU B 246 15.26 26.48 12.30
CA LEU B 246 15.85 26.94 11.06
C LEU B 246 17.11 27.76 11.28
N LYS B 247 17.29 28.35 12.46
CA LYS B 247 18.58 28.87 12.92
C LYS B 247 19.10 30.03 12.09
N HIS B 248 18.23 30.94 11.70
CA HIS B 248 18.62 32.25 11.22
C HIS B 248 17.56 33.24 11.69
N GLN B 249 17.83 34.53 11.49
CA GLN B 249 16.88 35.51 11.97
C GLN B 249 15.60 35.47 11.13
N ARG B 250 14.54 36.04 11.70
CA ARG B 250 13.23 36.00 11.05
C ARG B 250 13.29 36.63 9.68
N VAL B 251 12.71 35.95 8.70
CA VAL B 251 12.45 36.56 7.41
C VAL B 251 11.18 37.39 7.54
N HIS B 252 11.29 38.69 7.26
CA HIS B 252 10.16 39.60 7.34
C HIS B 252 10.10 40.42 6.07
N GLY B 253 9.02 41.18 5.92
CA GLY B 253 8.84 41.96 4.71
C GLY B 253 7.98 41.24 3.70
N LYS B 254 8.28 41.41 2.42
CA LYS B 254 7.43 40.83 1.38
C LYS B 254 7.65 39.33 1.22
N ALA B 255 8.82 38.81 1.61
CA ALA B 255 9.04 37.38 1.52
C ALA B 255 8.12 36.63 2.47
N TYR B 256 8.01 37.12 3.72
CA TYR B 256 7.12 36.51 4.69
C TYR B 256 5.66 36.61 4.24
N ASP B 257 5.28 37.76 3.71
CA ASP B 257 3.91 37.96 3.26
C ASP B 257 3.58 37.04 2.09
N ASP B 258 4.50 36.89 1.15
CA ASP B 258 4.27 35.97 0.04
C ASP B 258 4.22 34.53 0.53
N LEU B 259 5.03 34.18 1.52
CA LEU B 259 4.97 32.85 2.09
C LEU B 259 3.59 32.56 2.66
N LEU B 260 3.04 33.52 3.41
CA LEU B 260 1.71 33.28 4.00
C LEU B 260 0.61 33.32 2.95
N ASP B 261 0.73 34.20 1.94
CA ASP B 261 -0.22 34.19 0.84
C ASP B 261 -0.25 32.83 0.17
N GLU B 262 0.92 32.29 -0.17
CA GLU B 262 0.99 30.98 -0.79
C GLU B 262 0.51 29.89 0.16
N PHE B 263 0.73 30.05 1.46
CA PHE B 263 0.24 29.04 2.40
C PHE B 263 -1.27 28.98 2.37
N MET B 264 -1.94 30.13 2.44
CA MET B 264 -3.39 30.14 2.39
C MET B 264 -3.89 29.62 1.05
N GLN B 265 -3.26 30.05 -0.04
CA GLN B 265 -3.66 29.59 -1.37
C GLN B 265 -3.52 28.07 -1.49
N ALA B 266 -2.42 27.51 -0.98
CA ALA B 266 -2.18 26.08 -1.12
C ALA B 266 -3.08 25.27 -0.21
N VAL B 267 -3.33 25.75 1.01
CA VAL B 267 -4.21 25.05 1.93
C VAL B 267 -5.62 25.00 1.35
N THR B 268 -6.07 26.09 0.76
CA THR B 268 -7.42 26.08 0.20
C THR B 268 -7.47 25.40 -1.15
N ASP B 269 -6.36 25.34 -1.88
CA ASP B 269 -6.33 24.54 -3.09
C ASP B 269 -6.46 23.07 -2.79
N LYS B 270 -5.74 22.57 -1.78
CA LYS B 270 -5.79 21.15 -1.51
C LYS B 270 -7.02 20.75 -0.69
N PHE B 271 -7.39 21.54 0.31
CA PHE B 271 -8.46 21.17 1.22
C PHE B 271 -9.75 21.93 1.01
N GLY B 272 -9.78 22.89 0.09
CA GLY B 272 -11.02 23.60 -0.19
C GLY B 272 -11.07 24.97 0.43
N ILE B 273 -11.95 25.83 -0.09
CA ILE B 273 -12.08 27.17 0.45
C ILE B 273 -12.76 27.15 1.80
N ASN B 274 -13.41 26.04 2.16
CA ASN B 274 -14.10 25.93 3.43
C ASN B 274 -13.19 25.50 4.57
N CYS B 275 -11.91 25.22 4.27
CA CYS B 275 -10.97 24.83 5.31
C CYS B 275 -10.78 25.97 6.31
N LEU B 276 -11.23 25.74 7.54
CA LEU B 276 -11.06 26.74 8.59
C LEU B 276 -9.58 26.85 8.95
N ILE B 277 -9.05 28.06 8.92
CA ILE B 277 -7.64 28.31 9.19
C ILE B 277 -7.56 29.25 10.37
N GLN B 278 -7.05 28.75 11.49
CA GLN B 278 -6.88 29.56 12.68
C GLN B 278 -5.42 29.98 12.80
N PHE B 279 -5.20 31.29 12.85
CA PHE B 279 -3.87 31.82 13.12
C PHE B 279 -3.66 31.90 14.61
N GLU B 280 -2.47 31.53 15.06
CA GLU B 280 -2.23 31.41 16.49
C GLU B 280 -0.81 31.84 16.82
N ASP B 281 -0.68 32.72 17.80
CA ASP B 281 0.61 33.13 18.35
C ASP B 281 1.50 33.75 17.28
N PHE B 282 0.96 34.73 16.58
CA PHE B 282 1.73 35.60 15.69
C PHE B 282 2.07 36.88 16.44
N ALA B 283 3.02 37.63 15.89
CA ALA B 283 3.35 38.93 16.46
C ALA B 283 2.18 39.88 16.28
N ASN B 284 2.05 40.83 17.22
CA ASN B 284 0.93 41.77 17.22
C ASN B 284 0.71 42.39 15.84
N ALA B 285 1.76 43.01 15.29
CA ALA B 285 1.68 43.58 13.96
C ALA B 285 1.21 42.55 12.94
N ASN B 286 1.89 41.41 12.88
CA ASN B 286 1.52 40.37 11.93
C ASN B 286 0.14 39.81 12.24
N ALA B 287 -0.17 39.59 13.51
CA ALA B 287 -1.47 39.06 13.87
C ALA B 287 -2.58 39.91 13.27
N PHE B 288 -2.59 41.20 13.59
CA PHE B 288 -3.68 42.05 13.12
C PHE B 288 -3.63 42.25 11.61
N ARG B 289 -2.43 42.39 11.05
CA ARG B 289 -2.30 42.63 9.62
C ARG B 289 -2.85 41.46 8.83
N LEU B 290 -2.45 40.24 9.18
CA LEU B 290 -2.93 39.07 8.45
C LEU B 290 -4.39 38.78 8.76
N LEU B 291 -4.86 39.11 9.96
CA LEU B 291 -6.28 38.97 10.25
C LEU B 291 -7.10 39.84 9.31
N ASN B 292 -6.72 41.11 9.17
CA ASN B 292 -7.45 41.98 8.27
C ASN B 292 -7.21 41.65 6.81
N LYS B 293 -6.11 40.97 6.49
CA LYS B 293 -5.83 40.60 5.11
C LYS B 293 -6.67 39.42 4.66
N TYR B 294 -6.63 38.30 5.40
CA TYR B 294 -7.36 37.10 5.02
C TYR B 294 -8.68 36.96 5.76
N ARG B 295 -9.18 38.05 6.33
CA ARG B 295 -10.47 38.00 7.03
C ARG B 295 -11.57 37.53 6.10
N ASN B 296 -11.69 38.15 4.93
CA ASN B 296 -12.79 37.95 4.01
C ASN B 296 -12.41 37.18 2.77
N LYS B 297 -11.16 36.73 2.66
CA LYS B 297 -10.78 35.87 1.55
C LYS B 297 -10.97 34.39 1.87
N TYR B 298 -10.62 33.99 3.08
CA TYR B 298 -10.66 32.60 3.50
C TYR B 298 -11.48 32.48 4.78
N CYS B 299 -11.68 31.24 5.21
CA CYS B 299 -12.34 31.00 6.49
C CYS B 299 -11.33 31.12 7.62
N MET B 300 -10.65 32.26 7.68
CA MET B 300 -9.59 32.48 8.64
C MET B 300 -10.13 33.15 9.89
N PHE B 301 -9.58 32.78 11.04
CA PHE B 301 -9.78 33.58 12.23
C PHE B 301 -8.56 33.47 13.14
N ASN B 302 -8.35 34.49 13.95
CA ASN B 302 -7.24 34.57 14.86
C ASN B 302 -7.78 34.56 16.28
N ASP B 303 -7.47 33.51 17.03
CA ASP B 303 -8.07 33.35 18.35
C ASP B 303 -7.44 34.22 19.41
N ASP B 304 -6.17 34.60 19.24
CA ASP B 304 -5.57 35.55 20.18
C ASP B 304 -6.27 36.90 20.12
N ILE B 305 -6.74 37.29 18.94
CA ILE B 305 -7.41 38.57 18.76
C ILE B 305 -8.90 38.46 18.99
N GLN B 306 -9.54 37.42 18.44
CA GLN B 306 -10.99 37.32 18.44
C GLN B 306 -11.54 36.39 19.51
N GLY B 307 -10.84 35.30 19.83
CA GLY B 307 -11.29 34.47 20.92
C GLY B 307 -11.15 35.15 22.27
N THR B 308 -10.06 35.89 22.46
CA THR B 308 -9.91 36.71 23.66
C THR B 308 -11.06 37.70 23.79
N ALA B 309 -11.35 38.42 22.72
CA ALA B 309 -12.43 39.38 22.72
C ALA B 309 -13.76 38.69 23.05
N SER B 310 -14.02 37.55 22.42
CA SER B 310 -15.28 36.88 22.63
C SER B 310 -15.43 36.43 24.08
N VAL B 311 -14.37 35.87 24.67
CA VAL B 311 -14.52 35.37 26.03
C VAL B 311 -14.58 36.52 27.03
N ALA B 312 -13.86 37.62 26.80
CA ALA B 312 -13.96 38.76 27.70
C ALA B 312 -15.34 39.38 27.64
N VAL B 313 -15.88 39.57 26.44
CA VAL B 313 -17.21 40.13 26.31
C VAL B 313 -18.26 39.17 26.86
N ALA B 314 -18.03 37.87 26.76
CA ALA B 314 -18.94 36.91 27.38
C ALA B 314 -18.95 37.07 28.89
N GLY B 315 -17.77 37.24 29.49
CA GLY B 315 -17.72 37.50 30.91
C GLY B 315 -18.43 38.79 31.29
N ILE B 316 -18.27 39.84 30.49
CA ILE B 316 -18.92 41.11 30.80
C ILE B 316 -20.43 40.98 30.71
N LEU B 317 -20.92 40.33 29.66
CA LEU B 317 -22.36 40.13 29.52
C LEU B 317 -22.91 39.25 30.63
N ALA B 318 -22.10 38.31 31.13
CA ALA B 318 -22.55 37.50 32.26
C ALA B 318 -22.62 38.33 33.53
N ALA B 319 -21.64 39.20 33.74
CA ALA B 319 -21.68 40.09 34.89
C ALA B 319 -22.85 41.06 34.81
N LEU B 320 -23.30 41.37 33.59
CA LEU B 320 -24.52 42.17 33.44
C LEU B 320 -25.70 41.49 34.11
N ARG B 321 -25.71 40.15 34.15
CA ARG B 321 -26.78 39.43 34.83
C ARG B 321 -26.68 39.54 36.34
N ILE B 322 -25.54 39.97 36.88
CA ILE B 322 -25.39 40.22 38.30
C ILE B 322 -25.69 41.67 38.64
N THR B 323 -25.13 42.59 37.86
CA THR B 323 -25.39 44.00 38.07
C THR B 323 -26.85 44.36 37.80
N LYS B 324 -27.55 43.54 37.01
CA LYS B 324 -28.96 43.77 36.70
C LYS B 324 -29.18 45.13 36.07
N ASN B 325 -28.48 45.38 34.97
CA ASN B 325 -28.67 46.60 34.19
C ASN B 325 -28.27 46.30 32.75
N LYS B 326 -28.18 47.36 31.95
CA LYS B 326 -27.84 47.22 30.54
C LYS B 326 -26.38 47.56 30.32
N LEU B 327 -25.84 47.03 29.21
CA LEU B 327 -24.46 47.34 28.84
C LEU B 327 -24.28 48.81 28.53
N SER B 328 -25.36 49.52 28.21
CA SER B 328 -25.25 50.92 27.85
C SER B 328 -24.79 51.78 29.02
N ASN B 329 -25.22 51.44 30.23
CA ASN B 329 -24.89 52.22 31.42
C ASN B 329 -23.63 51.70 32.10
N HIS B 330 -22.69 51.18 31.33
CA HIS B 330 -21.38 50.76 31.82
C HIS B 330 -20.31 51.57 31.10
N VAL B 331 -19.29 51.97 31.84
CA VAL B 331 -18.10 52.59 31.29
C VAL B 331 -16.90 51.72 31.64
N PHE B 332 -16.04 51.48 30.65
CA PHE B 332 -15.00 50.47 30.76
C PHE B 332 -13.62 51.11 30.70
N VAL B 333 -12.78 50.76 31.66
CA VAL B 333 -11.38 51.17 31.67
C VAL B 333 -10.53 49.95 31.35
N PHE B 334 -9.67 50.07 30.36
CA PHE B 334 -8.75 49.01 29.99
C PHE B 334 -7.36 49.35 30.52
N GLN B 335 -6.65 48.32 30.98
CA GLN B 335 -5.30 48.47 31.51
C GLN B 335 -4.30 47.96 30.49
N GLY B 336 -4.50 48.33 29.23
CA GLY B 336 -3.59 48.00 28.15
C GLY B 336 -4.15 48.45 26.82
N ALA B 337 -3.30 48.97 25.94
CA ALA B 337 -3.67 49.14 24.54
C ALA B 337 -2.97 48.07 23.71
N GLY B 338 -3.45 46.85 23.85
CA GLY B 338 -2.73 45.72 23.28
C GLY B 338 -3.50 44.92 22.27
N GLU B 339 -2.95 43.77 21.89
CA GLU B 339 -3.63 42.90 20.94
C GLU B 339 -4.93 42.38 21.51
N ALA B 340 -4.93 41.98 22.77
CA ALA B 340 -6.16 41.52 23.40
C ALA B 340 -7.09 42.68 23.73
N ALA B 341 -6.52 43.81 24.16
CA ALA B 341 -7.33 44.93 24.60
C ALA B 341 -8.11 45.54 23.43
N MET B 342 -7.45 45.73 22.29
CA MET B 342 -8.13 46.26 21.12
C MET B 342 -9.28 45.35 20.69
N GLY B 343 -9.03 44.04 20.68
CA GLY B 343 -10.08 43.11 20.29
C GLY B 343 -11.26 43.16 21.23
N ILE B 344 -10.99 43.14 22.54
CA ILE B 344 -12.07 43.20 23.52
C ILE B 344 -12.85 44.49 23.36
N ALA B 345 -12.14 45.60 23.14
CA ALA B 345 -12.83 46.89 22.99
C ALA B 345 -13.67 46.94 21.73
N HIS B 346 -13.19 46.37 20.64
CA HIS B 346 -13.96 46.39 19.39
C HIS B 346 -15.20 45.53 19.50
N LEU B 347 -15.07 44.32 20.05
CA LEU B 347 -16.26 43.49 20.24
C LEU B 347 -17.21 44.09 21.25
N LEU B 348 -16.68 44.83 22.23
CA LEU B 348 -17.56 45.49 23.19
C LEU B 348 -18.31 46.64 22.56
N VAL B 349 -17.64 47.41 21.69
CA VAL B 349 -18.33 48.45 20.95
C VAL B 349 -19.43 47.84 20.07
N MET B 350 -19.14 46.69 19.46
CA MET B 350 -20.15 46.02 18.67
C MET B 350 -21.33 45.58 19.53
N ALA B 351 -21.05 45.06 20.72
CA ALA B 351 -22.13 44.65 21.62
C ALA B 351 -22.95 45.84 22.08
N LEU B 352 -22.31 47.00 22.23
CA LEU B 352 -23.05 48.21 22.61
C LEU B 352 -23.91 48.70 21.47
N GLU B 353 -23.38 48.66 20.24
CA GLU B 353 -24.17 49.04 19.08
C GLU B 353 -25.36 48.12 18.89
N LYS B 354 -25.18 46.83 19.19
CA LYS B 354 -26.29 45.89 19.09
C LYS B 354 -27.41 46.24 20.06
N GLU B 355 -27.08 46.87 21.19
CA GLU B 355 -28.08 47.27 22.15
C GLU B 355 -28.74 48.60 21.80
N GLY B 356 -28.36 49.22 20.69
CA GLY B 356 -28.96 50.48 20.30
C GLY B 356 -28.18 51.68 20.77
N VAL B 357 -26.88 51.70 20.51
CA VAL B 357 -26.01 52.81 20.88
C VAL B 357 -25.18 53.20 19.66
N PRO B 358 -25.11 54.48 19.30
CA PRO B 358 -24.31 54.87 18.15
C PRO B 358 -22.83 54.55 18.34
N LYS B 359 -22.11 54.54 17.22
CA LYS B 359 -20.71 54.11 17.23
C LYS B 359 -19.84 55.04 18.06
N ALA B 360 -20.04 56.35 17.93
CA ALA B 360 -19.20 57.30 18.64
C ALA B 360 -19.47 57.26 20.13
N GLU B 361 -20.74 57.28 20.52
CA GLU B 361 -21.06 57.24 21.95
C GLU B 361 -20.68 55.91 22.57
N ALA B 362 -20.74 54.82 21.80
CA ALA B 362 -20.27 53.54 22.30
C ALA B 362 -18.77 53.54 22.52
N THR B 363 -18.01 54.06 21.54
CA THR B 363 -16.57 54.14 21.70
C THR B 363 -16.20 55.03 22.88
N ARG B 364 -16.98 56.07 23.14
CA ARG B 364 -16.66 56.98 24.24
C ARG B 364 -16.83 56.35 25.61
N LYS B 365 -17.19 55.07 25.69
CA LYS B 365 -17.28 54.38 26.96
C LYS B 365 -16.04 53.54 27.26
N ILE B 366 -15.08 53.51 26.35
CA ILE B 366 -13.87 52.70 26.51
C ILE B 366 -12.69 53.63 26.74
N TRP B 367 -12.03 53.47 27.88
CA TRP B 367 -10.84 54.22 28.24
C TRP B 367 -9.69 53.24 28.42
N MET B 368 -8.55 53.52 27.78
CA MET B 368 -7.43 52.60 27.80
C MET B 368 -6.19 53.29 28.35
N VAL B 369 -5.29 52.49 28.93
CA VAL B 369 -4.04 52.99 29.50
C VAL B 369 -2.90 52.12 28.98
N ASP B 370 -1.90 52.75 28.35
CA ASP B 370 -0.79 52.02 27.73
C ASP B 370 0.55 52.60 28.17
N SER B 371 1.03 52.18 29.33
CA SER B 371 2.41 52.40 29.72
C SER B 371 2.74 53.88 29.90
N LYS B 372 1.80 54.75 29.58
CA LYS B 372 2.03 56.19 29.64
C LYS B 372 0.83 56.87 30.30
N GLY B 373 -0.31 56.22 30.28
CA GLY B 373 -1.52 56.77 30.82
C GLY B 373 -2.65 56.64 29.82
N LEU B 374 -3.71 57.40 30.07
CA LEU B 374 -4.89 57.37 29.22
C LEU B 374 -4.53 57.80 27.80
N ILE B 375 -5.07 57.07 26.82
CA ILE B 375 -4.89 57.46 25.42
C ILE B 375 -5.77 58.67 25.15
N VAL B 376 -5.14 59.80 24.84
CA VAL B 376 -5.77 61.11 24.81
C VAL B 376 -5.36 61.85 23.53
N LYS B 377 -5.66 63.15 23.46
CA LYS B 377 -5.35 63.93 22.26
C LYS B 377 -3.87 63.83 21.90
N GLY B 378 -3.58 63.17 20.77
CA GLY B 378 -2.25 63.07 20.20
C GLY B 378 -1.12 63.05 21.19
N ARG B 379 -1.09 62.07 22.08
CA ARG B 379 -0.34 62.24 23.33
C ARG B 379 1.17 62.13 23.11
N SER B 380 1.66 60.92 22.82
CA SER B 380 3.04 60.83 22.37
C SER B 380 3.31 59.76 21.31
N HIS B 381 2.56 58.67 21.27
CA HIS B 381 2.93 57.54 20.43
C HIS B 381 1.74 56.83 19.78
N LEU B 382 0.55 57.41 19.84
CA LEU B 382 -0.66 56.69 19.46
C LEU B 382 -0.65 56.40 17.96
N ASN B 383 -0.46 55.12 17.62
CA ASN B 383 -0.66 54.70 16.25
C ASN B 383 -2.15 54.63 15.94
N HIS B 384 -2.48 54.38 14.68
CA HIS B 384 -3.88 54.46 14.25
C HIS B 384 -4.79 53.47 14.97
N GLU B 385 -4.24 52.44 15.60
CA GLU B 385 -5.05 51.49 16.33
C GLU B 385 -5.49 52.01 17.69
N LYS B 386 -4.65 52.81 18.36
CA LYS B 386 -5.05 53.46 19.60
C LYS B 386 -5.82 54.75 19.35
N GLU B 387 -5.74 55.31 18.14
CA GLU B 387 -6.46 56.53 17.84
C GLU B 387 -7.97 56.34 17.97
N MET B 388 -8.44 55.12 17.71
CA MET B 388 -9.89 54.89 17.69
C MET B 388 -10.52 55.12 19.05
N PHE B 389 -9.93 54.55 20.10
CA PHE B 389 -10.47 54.67 21.45
C PHE B 389 -9.85 55.82 22.22
N ALA B 390 -9.20 56.74 21.53
CA ALA B 390 -8.64 57.92 22.19
C ALA B 390 -9.75 58.81 22.69
N GLN B 391 -9.70 59.16 23.97
CA GLN B 391 -10.66 60.09 24.54
C GLN B 391 -10.11 61.51 24.48
N ASP B 392 -11.03 62.48 24.36
CA ASP B 392 -10.66 63.88 24.25
C ASP B 392 -10.61 64.45 25.66
N HIS B 393 -9.48 64.24 26.33
CA HIS B 393 -9.36 64.52 27.75
C HIS B 393 -7.94 64.93 28.07
N PRO B 394 -7.71 65.67 29.15
CA PRO B 394 -6.34 65.93 29.59
C PRO B 394 -5.60 64.63 29.88
N GLU B 395 -4.29 64.65 29.66
CA GLU B 395 -3.46 63.47 29.83
C GLU B 395 -3.41 63.07 31.29
N VAL B 396 -3.37 61.76 31.54
CA VAL B 396 -3.37 61.20 32.88
C VAL B 396 -2.09 60.41 33.07
N ASN B 397 -1.50 60.50 34.27
CA ASN B 397 -0.21 59.86 34.51
C ASN B 397 -0.32 58.34 34.49
N SER B 398 -1.14 57.78 35.35
CA SER B 398 -1.24 56.34 35.50
C SER B 398 -2.69 55.89 35.62
N LEU B 399 -2.87 54.58 35.65
CA LEU B 399 -4.21 53.99 35.76
C LEU B 399 -4.87 54.38 37.08
N GLU B 400 -4.09 54.42 38.16
CA GLU B 400 -4.67 54.57 39.48
C GLU B 400 -5.29 55.95 39.67
N GLU B 401 -4.91 56.92 38.85
CA GLU B 401 -5.54 58.23 38.86
C GLU B 401 -6.69 58.35 37.87
N VAL B 402 -6.63 57.66 36.74
CA VAL B 402 -7.73 57.75 35.79
C VAL B 402 -8.92 56.92 36.23
N VAL B 403 -8.72 55.95 37.12
CA VAL B 403 -9.84 55.27 37.73
C VAL B 403 -10.64 56.24 38.59
N ARG B 404 -9.95 57.12 39.31
CA ARG B 404 -10.66 58.15 40.08
C ARG B 404 -11.22 59.23 39.17
N LEU B 405 -10.49 59.59 38.11
CA LEU B 405 -10.93 60.63 37.21
C LEU B 405 -12.22 60.24 36.50
N VAL B 406 -12.18 59.19 35.67
CA VAL B 406 -13.39 58.59 35.12
C VAL B 406 -13.67 57.35 35.96
N LYS B 407 -14.61 57.47 36.87
CA LYS B 407 -15.03 56.36 37.70
C LYS B 407 -15.72 55.30 36.84
N PRO B 408 -15.09 54.13 36.65
CA PRO B 408 -15.67 53.11 35.79
C PRO B 408 -16.51 52.10 36.57
N THR B 409 -17.47 51.51 35.84
CA THR B 409 -18.24 50.42 36.38
C THR B 409 -17.55 49.08 36.18
N ALA B 410 -16.62 48.99 35.24
CA ALA B 410 -15.95 47.73 34.92
C ALA B 410 -14.54 48.03 34.43
N ILE B 411 -13.55 47.51 35.14
CA ILE B 411 -12.15 47.66 34.77
C ILE B 411 -11.63 46.34 34.22
N ILE B 412 -10.86 46.42 33.15
CA ILE B 412 -10.30 45.23 32.51
C ILE B 412 -8.80 45.40 32.46
N GLY B 413 -8.07 44.42 33.00
CA GLY B 413 -6.63 44.47 33.03
C GLY B 413 -6.02 43.47 32.07
N VAL B 414 -5.48 43.99 30.97
CA VAL B 414 -4.69 43.16 30.07
C VAL B 414 -3.36 43.86 29.79
N ALA B 415 -2.38 43.68 30.67
CA ALA B 415 -1.05 44.19 30.42
C ALA B 415 0.06 43.26 30.88
N ALA B 416 -0.26 42.13 31.50
CA ALA B 416 0.74 41.28 32.13
C ALA B 416 1.60 42.09 33.11
N ILE B 417 0.96 43.02 33.82
CA ILE B 417 1.64 43.84 34.82
C ILE B 417 1.04 43.46 36.16
N ALA B 418 1.80 42.69 36.93
CA ALA B 418 1.33 42.18 38.21
C ALA B 418 1.10 43.32 39.19
N GLY B 419 -0.02 43.26 39.91
CA GLY B 419 -0.31 44.24 40.93
C GLY B 419 -0.79 45.58 40.41
N ALA B 420 -1.16 45.68 39.12
CA ALA B 420 -1.64 46.93 38.59
C ALA B 420 -2.93 47.37 39.26
N PHE B 421 -3.73 46.42 39.74
CA PHE B 421 -4.96 46.73 40.47
C PHE B 421 -4.61 46.81 41.96
N THR B 422 -4.50 48.03 42.46
CA THR B 422 -4.11 48.25 43.84
C THR B 422 -5.30 48.12 44.78
N GLU B 423 -5.02 48.09 46.09
CA GLU B 423 -6.07 48.19 47.08
C GLU B 423 -6.82 49.52 46.92
N GLN B 424 -6.08 50.60 46.67
CA GLN B 424 -6.68 51.89 46.36
C GLN B 424 -7.71 51.77 45.23
N ILE B 425 -7.32 51.12 44.12
CA ILE B 425 -8.20 51.07 42.95
C ILE B 425 -9.48 50.33 43.27
N LEU B 426 -9.38 49.09 43.76
CA LEU B 426 -10.56 48.30 44.01
C LEU B 426 -11.44 48.93 45.09
N ARG B 427 -10.82 49.56 46.09
CA ARG B 427 -11.58 50.25 47.12
C ARG B 427 -12.42 51.38 46.53
N ASP B 428 -11.78 52.26 45.76
CA ASP B 428 -12.54 53.36 45.17
C ASP B 428 -13.53 52.85 44.13
N MET B 429 -13.24 51.71 43.49
CA MET B 429 -14.22 51.11 42.58
C MET B 429 -15.47 50.71 43.33
N ALA B 430 -15.34 49.92 44.39
CA ALA B 430 -16.50 49.53 45.19
C ALA B 430 -17.18 50.73 45.81
N SER B 431 -16.47 51.84 45.97
CA SER B 431 -17.10 53.05 46.50
C SER B 431 -17.90 53.79 45.43
N PHE B 432 -17.35 53.91 44.21
CA PHE B 432 -18.02 54.68 43.17
C PHE B 432 -19.31 54.03 42.73
N HIS B 433 -19.22 52.82 42.19
CA HIS B 433 -20.39 52.06 41.75
C HIS B 433 -20.57 50.87 42.66
N GLU B 434 -21.82 50.62 43.02
CA GLU B 434 -22.14 49.38 43.72
C GLU B 434 -21.96 48.22 42.77
N ARG B 435 -21.30 47.17 43.26
CA ARG B 435 -21.08 45.96 42.48
C ARG B 435 -20.25 46.27 41.22
N PRO B 436 -18.96 46.54 41.36
CA PRO B 436 -18.13 46.78 40.18
C PRO B 436 -17.57 45.50 39.60
N ILE B 437 -17.04 45.61 38.38
CA ILE B 437 -16.55 44.46 37.63
C ILE B 437 -15.04 44.59 37.46
N ILE B 438 -14.30 43.58 37.89
CA ILE B 438 -12.84 43.54 37.76
C ILE B 438 -12.46 42.33 36.93
N PHE B 439 -11.66 42.56 35.89
CA PHE B 439 -11.23 41.52 34.96
C PHE B 439 -9.71 41.54 34.91
N ALA B 440 -9.09 40.74 35.77
CA ALA B 440 -7.63 40.60 35.76
C ALA B 440 -7.27 39.46 34.83
N LEU B 441 -7.28 39.76 33.52
CA LEU B 441 -7.21 38.74 32.50
C LEU B 441 -5.80 38.29 32.17
N SER B 442 -4.77 38.89 32.77
CA SER B 442 -3.38 38.52 32.46
C SER B 442 -3.15 37.03 32.66
N ASN B 443 -2.51 36.40 31.67
CA ASN B 443 -2.53 34.93 31.59
C ASN B 443 -1.73 34.27 32.71
N PRO B 444 -0.47 34.62 32.94
CA PRO B 444 0.25 33.97 34.06
C PRO B 444 -0.35 34.41 35.39
N THR B 445 -0.62 33.42 36.25
CA THR B 445 -1.16 33.73 37.57
C THR B 445 -0.27 34.74 38.29
N SER B 446 1.02 34.76 37.97
CA SER B 446 1.92 35.75 38.54
C SER B 446 1.60 37.14 38.00
N LYS B 447 1.31 37.25 36.71
CA LYS B 447 1.14 38.54 36.06
C LYS B 447 -0.23 39.14 36.31
N ALA B 448 -1.13 38.46 37.01
CA ALA B 448 -2.48 38.97 37.21
C ALA B 448 -2.46 40.31 37.93
N GLU B 449 -3.14 41.30 37.34
CA GLU B 449 -3.21 42.62 37.95
C GLU B 449 -3.80 42.57 39.35
N CYS B 450 -4.65 41.58 39.62
CA CYS B 450 -5.25 41.41 40.93
C CYS B 450 -5.56 39.94 41.14
N THR B 451 -5.51 39.52 42.39
CA THR B 451 -5.88 38.16 42.74
C THR B 451 -7.36 38.11 43.11
N ALA B 452 -7.89 36.90 43.26
CA ALA B 452 -9.28 36.76 43.66
C ALA B 452 -9.48 37.28 45.07
N GLU B 453 -8.65 36.84 46.01
CA GLU B 453 -8.83 37.21 47.41
C GLU B 453 -8.68 38.70 47.62
N LYS B 454 -7.70 39.33 46.97
CA LYS B 454 -7.50 40.76 47.12
C LYS B 454 -8.73 41.53 46.67
N CYS B 455 -9.20 41.26 45.46
CA CYS B 455 -10.40 41.91 44.93
C CYS B 455 -11.60 41.68 45.84
N TYR B 456 -11.79 40.45 46.30
CA TYR B 456 -12.99 40.13 47.07
C TYR B 456 -12.95 40.75 48.45
N ARG B 457 -11.76 40.89 49.05
CA ARG B 457 -11.65 41.60 50.31
C ARG B 457 -11.90 43.08 50.13
N VAL B 458 -11.16 43.72 49.22
CA VAL B 458 -11.17 45.17 49.13
C VAL B 458 -12.54 45.67 48.67
N THR B 459 -13.20 44.91 47.80
CA THR B 459 -14.55 45.22 47.38
C THR B 459 -15.60 44.76 48.39
N GLU B 460 -15.17 44.35 49.59
CA GLU B 460 -16.08 43.89 50.63
C GLU B 460 -17.02 42.80 50.11
N GLY B 461 -16.48 41.92 49.26
CA GLY B 461 -17.28 40.86 48.69
C GLY B 461 -18.41 41.36 47.81
N ARG B 462 -18.21 42.48 47.11
CA ARG B 462 -19.26 43.06 46.29
C ARG B 462 -18.79 43.28 44.84
N GLY B 463 -17.67 42.70 44.44
CA GLY B 463 -17.17 42.91 43.10
C GLY B 463 -17.11 41.65 42.28
N ILE B 464 -17.65 41.70 41.05
CA ILE B 464 -17.58 40.56 40.15
C ILE B 464 -16.15 40.44 39.68
N PHE B 465 -15.45 39.42 40.12
CA PHE B 465 -14.08 39.20 39.67
C PHE B 465 -14.04 38.11 38.61
N ALA B 466 -13.15 38.30 37.64
CA ALA B 466 -12.84 37.24 36.69
C ALA B 466 -11.40 37.38 36.25
N SER B 467 -10.78 36.25 35.94
CA SER B 467 -9.36 36.22 35.63
C SER B 467 -9.11 35.28 34.46
N GLY B 468 -7.89 35.34 33.93
CA GLY B 468 -7.50 34.48 32.84
C GLY B 468 -6.81 33.22 33.33
N SER B 469 -6.23 33.31 34.52
CA SER B 469 -5.58 32.22 35.20
C SER B 469 -6.46 31.72 36.35
N PRO B 470 -6.39 30.43 36.70
CA PRO B 470 -7.30 29.89 37.71
C PRO B 470 -6.92 30.35 39.11
N PHE B 471 -7.82 31.12 39.72
CA PHE B 471 -7.80 31.37 41.15
C PHE B 471 -8.89 30.52 41.77
N LYS B 472 -8.54 29.70 42.76
CA LYS B 472 -9.51 28.81 43.36
C LYS B 472 -10.44 29.60 44.28
N SER B 473 -11.36 28.88 44.93
CA SER B 473 -12.42 29.50 45.70
C SER B 473 -11.85 30.44 46.77
N VAL B 474 -12.70 31.35 47.23
CA VAL B 474 -12.32 32.37 48.20
C VAL B 474 -13.42 32.45 49.27
N THR B 475 -13.04 32.19 50.52
CA THR B 475 -13.91 32.41 51.66
C THR B 475 -13.46 33.69 52.35
N LEU B 476 -14.42 34.43 52.91
CA LEU B 476 -14.15 35.73 53.48
C LEU B 476 -14.95 35.90 54.77
N GLU B 477 -15.11 37.15 55.18
CA GLU B 477 -16.07 37.57 56.18
C GLU B 477 -17.43 36.94 55.92
N ASP B 478 -18.21 36.74 56.98
CA ASP B 478 -19.60 36.30 56.93
C ASP B 478 -19.86 35.16 55.95
N GLY B 479 -18.89 34.27 55.79
CA GLY B 479 -19.08 33.06 54.99
C GLY B 479 -19.45 33.29 53.55
N LYS B 480 -19.06 34.42 52.97
CA LYS B 480 -19.31 34.69 51.55
C LYS B 480 -18.29 33.91 50.73
N THR B 481 -18.73 32.85 50.08
CA THR B 481 -17.88 32.07 49.20
C THR B 481 -18.01 32.57 47.77
N PHE B 482 -16.88 32.72 47.10
CA PHE B 482 -16.84 33.14 45.71
C PHE B 482 -16.02 32.15 44.91
N ILE B 483 -16.53 31.78 43.74
CA ILE B 483 -15.78 30.94 42.81
C ILE B 483 -15.40 31.82 41.62
N PRO B 484 -14.27 32.54 41.68
CA PRO B 484 -13.91 33.41 40.57
C PRO B 484 -13.72 32.66 39.26
N GLY B 485 -14.59 32.92 38.29
CA GLY B 485 -14.49 32.23 37.03
C GLY B 485 -13.21 32.56 36.29
N GLN B 486 -12.80 31.65 35.42
CA GLN B 486 -11.58 31.79 34.64
C GLN B 486 -11.96 31.97 33.18
N GLY B 487 -11.73 33.16 32.64
CA GLY B 487 -12.01 33.40 31.24
C GLY B 487 -11.01 32.68 30.37
N ASN B 488 -11.44 31.59 29.76
CA ASN B 488 -10.56 30.71 29.00
C ASN B 488 -10.98 30.77 27.54
N ASN B 489 -10.00 30.96 26.65
CA ASN B 489 -10.30 30.99 25.23
C ASN B 489 -10.96 29.71 24.76
N ALA B 490 -10.76 28.61 25.49
CA ALA B 490 -11.39 27.35 25.16
C ALA B 490 -12.91 27.39 25.24
N TYR B 491 -13.49 28.44 25.80
CA TYR B 491 -14.94 28.60 25.72
C TYR B 491 -15.39 29.01 24.34
N VAL B 492 -14.48 29.58 23.53
CA VAL B 492 -14.86 30.24 22.29
C VAL B 492 -14.54 29.34 21.10
N PHE B 493 -13.26 29.10 20.85
CA PHE B 493 -12.88 28.52 19.56
C PHE B 493 -13.35 27.08 19.34
N PRO B 494 -13.52 26.24 20.36
CA PRO B 494 -14.02 24.89 20.05
C PRO B 494 -15.40 24.88 19.45
N GLY B 495 -16.38 25.54 20.08
CA GLY B 495 -17.72 25.56 19.53
C GLY B 495 -17.82 26.35 18.24
N VAL B 496 -17.10 27.46 18.15
CA VAL B 496 -17.10 28.25 16.92
C VAL B 496 -16.54 27.43 15.77
N ALA B 497 -15.40 26.76 16.01
CA ALA B 497 -14.81 25.91 14.98
C ALA B 497 -15.72 24.76 14.63
N LEU B 498 -16.40 24.18 15.61
CA LEU B 498 -17.31 23.07 15.33
C LEU B 498 -18.45 23.52 14.44
N GLY B 499 -19.04 24.67 14.74
CA GLY B 499 -20.12 25.18 13.91
C GLY B 499 -19.66 25.57 12.52
N VAL B 500 -18.49 26.20 12.42
CA VAL B 500 -17.94 26.57 11.12
C VAL B 500 -17.68 25.34 10.27
N ILE B 501 -17.07 24.31 10.85
CA ILE B 501 -16.78 23.11 10.10
C ILE B 501 -18.06 22.38 9.73
N ALA B 502 -19.04 22.37 10.63
CA ALA B 502 -20.30 21.71 10.35
C ALA B 502 -21.01 22.36 9.18
N GLY B 503 -21.21 23.67 9.25
CA GLY B 503 -21.93 24.34 8.20
C GLY B 503 -21.11 24.80 7.03
N GLY B 504 -19.79 24.59 7.05
CA GLY B 504 -18.96 25.06 5.96
C GLY B 504 -19.01 26.57 5.82
N ILE B 505 -19.05 27.29 6.94
CA ILE B 505 -19.18 28.74 6.91
C ILE B 505 -17.99 29.33 6.18
N ARG B 506 -18.25 30.21 5.22
CA ARG B 506 -17.20 30.69 4.33
C ARG B 506 -16.29 31.69 5.03
N HIS B 507 -16.85 32.54 5.88
CA HIS B 507 -16.07 33.55 6.57
C HIS B 507 -16.61 33.70 7.98
N ILE B 508 -15.75 34.17 8.87
CA ILE B 508 -16.13 34.35 10.27
C ILE B 508 -16.16 35.83 10.58
N PRO B 509 -17.29 36.51 10.43
CA PRO B 509 -17.37 37.91 10.82
C PRO B 509 -17.43 38.05 12.33
N ASP B 510 -17.24 39.27 12.79
CA ASP B 510 -17.24 39.54 14.22
C ASP B 510 -18.58 39.22 14.87
N GLU B 511 -19.66 39.23 14.09
CA GLU B 511 -20.98 38.94 14.66
C GLU B 511 -21.06 37.53 15.21
N ILE B 512 -20.34 36.59 14.59
CA ILE B 512 -20.30 35.23 15.12
C ILE B 512 -19.65 35.23 16.51
N PHE B 513 -18.57 35.97 16.67
CA PHE B 513 -17.93 36.03 17.97
C PHE B 513 -18.78 36.74 19.00
N LEU B 514 -19.55 37.75 18.57
CA LEU B 514 -20.44 38.42 19.51
C LEU B 514 -21.58 37.49 19.95
N LEU B 515 -22.19 36.76 19.03
CA LEU B 515 -23.25 35.86 19.44
C LEU B 515 -22.70 34.67 20.21
N THR B 516 -21.44 34.31 19.97
CA THR B 516 -20.77 33.32 20.79
C THR B 516 -20.61 33.82 22.22
N ALA B 517 -20.17 35.08 22.37
CA ALA B 517 -20.10 35.69 23.69
C ALA B 517 -21.46 35.70 24.37
N GLU B 518 -22.51 36.00 23.62
CA GLU B 518 -23.85 36.02 24.19
C GLU B 518 -24.27 34.62 24.64
N GLN B 519 -24.00 33.61 23.84
CA GLN B 519 -24.34 32.24 24.21
C GLN B 519 -23.58 31.80 25.45
N ILE B 520 -22.28 32.13 25.52
CA ILE B 520 -21.48 31.79 26.69
C ILE B 520 -22.04 32.48 27.92
N ALA B 521 -22.40 33.75 27.80
CA ALA B 521 -22.97 34.46 28.94
C ALA B 521 -24.29 33.86 29.36
N GLN B 522 -25.07 33.32 28.43
CA GLN B 522 -26.29 32.62 28.78
C GLN B 522 -26.04 31.24 29.35
N GLU B 523 -24.85 30.68 29.15
CA GLU B 523 -24.55 29.34 29.66
C GLU B 523 -24.48 29.28 31.17
N VAL B 524 -24.23 30.39 31.84
CA VAL B 524 -23.99 30.38 33.28
C VAL B 524 -25.32 30.28 34.00
N SER B 525 -25.40 29.39 34.98
CA SER B 525 -26.62 29.21 35.74
C SER B 525 -26.80 30.35 36.75
N GLU B 526 -28.04 30.49 37.22
CA GLU B 526 -28.31 31.46 38.28
C GLU B 526 -27.59 31.07 39.56
N GLN B 527 -27.53 29.78 39.86
CA GLN B 527 -26.81 29.32 41.05
C GLN B 527 -25.34 29.71 40.97
N HIS B 528 -24.71 29.47 39.82
CA HIS B 528 -23.31 29.85 39.67
C HIS B 528 -23.13 31.35 39.75
N LEU B 529 -24.10 32.10 39.24
CA LEU B 529 -24.01 33.56 39.31
C LEU B 529 -24.10 34.06 40.74
N SER B 530 -24.83 33.34 41.59
CA SER B 530 -24.87 33.68 43.00
C SER B 530 -23.50 33.54 43.65
N GLN B 531 -22.59 32.78 43.05
CA GLN B 531 -21.26 32.56 43.59
C GLN B 531 -20.19 33.35 42.84
N GLY B 532 -20.57 34.34 42.05
CA GLY B 532 -19.62 35.14 41.33
C GLY B 532 -18.93 34.44 40.18
N ARG B 533 -19.39 33.25 39.80
CA ARG B 533 -18.82 32.49 38.70
C ARG B 533 -19.37 33.04 37.38
N LEU B 534 -18.51 33.68 36.60
CA LEU B 534 -18.96 34.32 35.36
C LEU B 534 -18.99 33.40 34.16
N TYR B 535 -18.32 32.26 34.23
CA TYR B 535 -18.27 31.37 33.09
C TYR B 535 -18.78 29.99 33.47
N PRO B 536 -19.32 29.24 32.52
CA PRO B 536 -19.80 27.90 32.85
C PRO B 536 -18.65 27.00 33.23
N PRO B 537 -18.88 26.02 34.09
CA PRO B 537 -17.80 25.10 34.47
C PRO B 537 -17.29 24.35 33.25
N LEU B 538 -15.98 24.16 33.20
CA LEU B 538 -15.36 23.51 32.05
C LEU B 538 -15.81 22.06 31.90
N SER B 539 -16.28 21.42 32.97
CA SER B 539 -16.79 20.06 32.87
C SER B 539 -17.98 19.95 31.94
N THR B 540 -18.57 21.07 31.53
CA THR B 540 -19.69 21.09 30.60
C THR B 540 -19.31 21.67 29.25
N ILE B 541 -18.04 22.04 29.05
CA ILE B 541 -17.64 22.83 27.89
C ILE B 541 -18.07 22.15 26.60
N ARG B 542 -18.00 20.81 26.56
CA ARG B 542 -18.40 20.09 25.36
C ARG B 542 -19.82 20.47 24.96
N ASP B 543 -20.78 20.31 25.88
CA ASP B 543 -22.14 20.75 25.60
C ASP B 543 -22.16 22.22 25.23
N VAL B 544 -21.43 23.05 25.98
CA VAL B 544 -21.34 24.47 25.65
C VAL B 544 -20.92 24.64 24.20
N SER B 545 -19.86 23.94 23.80
CA SER B 545 -19.39 24.03 22.42
C SER B 545 -20.51 23.71 21.46
N LEU B 546 -21.22 22.61 21.73
CA LEU B 546 -22.35 22.24 20.89
C LEU B 546 -23.34 23.39 20.79
N ARG B 547 -23.74 23.94 21.94
CA ARG B 547 -24.73 25.00 21.94
C ARG B 547 -24.22 26.25 21.24
N ILE B 548 -22.90 26.43 21.16
CA ILE B 548 -22.38 27.53 20.36
C ILE B 548 -22.49 27.20 18.89
N ALA B 549 -22.06 25.98 18.52
CA ALA B 549 -22.04 25.58 17.13
C ALA B 549 -23.40 25.79 16.48
N ILE B 550 -24.42 25.12 17.02
CA ILE B 550 -25.78 25.29 16.53
C ILE B 550 -26.10 26.76 16.33
N LYS B 551 -25.78 27.58 17.33
CA LYS B 551 -26.10 28.99 17.23
C LYS B 551 -25.34 29.63 16.08
N VAL B 552 -24.02 29.45 16.06
CA VAL B 552 -23.25 30.02 14.95
C VAL B 552 -23.60 29.36 13.63
N LEU B 553 -24.36 28.27 13.68
CA LEU B 553 -24.89 27.69 12.46
C LEU B 553 -26.12 28.45 12.00
N ASP B 554 -27.07 28.68 12.92
CA ASP B 554 -28.28 29.42 12.56
C ASP B 554 -27.94 30.75 11.93
N TYR B 555 -27.10 31.53 12.60
CA TYR B 555 -26.64 32.79 12.03
C TYR B 555 -26.14 32.60 10.62
N ALA B 556 -25.25 31.63 10.42
CA ALA B 556 -24.62 31.47 9.11
C ALA B 556 -25.64 31.09 8.05
N TYR B 557 -26.76 30.49 8.44
CA TYR B 557 -27.78 30.16 7.46
C TYR B 557 -28.74 31.30 7.23
N LYS B 558 -28.87 32.22 8.19
CA LYS B 558 -29.72 33.39 7.99
C LYS B 558 -28.97 34.58 7.42
N HIS B 559 -27.66 34.47 7.25
CA HIS B 559 -26.88 35.50 6.56
C HIS B 559 -26.18 34.95 5.35
N ASN B 560 -26.57 33.77 4.88
CA ASN B 560 -26.05 33.16 3.66
C ASN B 560 -24.53 33.01 3.73
N LEU B 561 -24.06 32.49 4.86
CA LEU B 561 -22.65 32.24 5.08
C LEU B 561 -22.28 30.78 5.01
N ALA B 562 -23.19 29.89 5.33
CA ALA B 562 -22.92 28.46 5.29
C ALA B 562 -22.92 27.95 3.86
N SER B 563 -22.06 26.96 3.60
CA SER B 563 -21.97 26.34 2.29
C SER B 563 -22.53 24.93 2.25
N TYR B 564 -22.80 24.32 3.39
CA TYR B 564 -23.46 23.02 3.39
C TYR B 564 -24.86 23.17 2.81
N TYR B 565 -25.08 22.66 1.60
CA TYR B 565 -26.27 23.04 0.86
C TYR B 565 -27.56 22.53 1.50
N PRO B 566 -27.80 21.23 1.61
CA PRO B 566 -29.12 20.80 2.09
C PRO B 566 -29.29 21.18 3.55
N GLU B 567 -29.55 22.46 3.80
CA GLU B 567 -29.64 23.07 5.12
C GLU B 567 -30.48 22.20 6.05
N PRO B 568 -29.88 21.71 7.14
CA PRO B 568 -30.60 20.80 8.04
C PRO B 568 -31.73 21.52 8.76
N LYS B 569 -32.89 20.88 8.79
CA LYS B 569 -34.01 21.41 9.58
C LYS B 569 -33.68 21.35 11.06
N ASP B 570 -33.15 20.21 11.52
CA ASP B 570 -32.74 20.05 12.91
C ASP B 570 -31.22 20.21 12.97
N LYS B 571 -30.78 21.45 13.17
CA LYS B 571 -29.36 21.74 13.16
C LYS B 571 -28.65 21.13 14.37
N GLU B 572 -29.36 20.90 15.46
CA GLU B 572 -28.73 20.28 16.62
C GLU B 572 -28.31 18.84 16.30
N ALA B 573 -29.22 18.05 15.74
CA ALA B 573 -28.86 16.70 15.35
C ALA B 573 -27.77 16.70 14.28
N PHE B 574 -27.81 17.68 13.38
CA PHE B 574 -26.79 17.77 12.35
C PHE B 574 -25.42 17.96 12.95
N VAL B 575 -25.29 18.90 13.89
CA VAL B 575 -23.99 19.14 14.51
C VAL B 575 -23.60 17.98 15.40
N ARG B 576 -24.56 17.34 16.07
CA ARG B 576 -24.25 16.19 16.91
C ARG B 576 -23.73 15.02 16.08
N SER B 577 -24.19 14.89 14.83
CA SER B 577 -23.70 13.82 13.99
C SER B 577 -22.25 14.02 13.58
N LEU B 578 -21.71 15.22 13.75
CA LEU B 578 -20.32 15.51 13.42
C LEU B 578 -19.43 15.64 14.64
N VAL B 579 -20.01 15.67 15.85
CA VAL B 579 -19.22 15.74 17.05
C VAL B 579 -18.46 14.44 17.23
N TYR B 580 -17.13 14.54 17.23
CA TYR B 580 -16.28 13.36 17.39
C TYR B 580 -16.36 12.84 18.81
N THR B 581 -16.57 11.55 18.94
CA THR B 581 -16.60 10.90 20.23
C THR B 581 -15.40 9.97 20.38
N PRO B 582 -14.86 9.85 21.59
CA PRO B 582 -13.72 8.95 21.80
C PRO B 582 -14.06 7.48 21.72
N ASP B 583 -15.34 7.13 21.57
CA ASP B 583 -15.73 5.72 21.53
C ASP B 583 -15.10 5.04 20.33
N TYR B 584 -14.73 3.78 20.51
CA TYR B 584 -14.06 3.03 19.47
C TYR B 584 -15.05 2.62 18.38
N ASP B 585 -14.62 2.75 17.13
CA ASP B 585 -15.38 2.20 16.03
C ASP B 585 -15.09 0.72 15.86
N SER B 586 -16.05 0.00 15.31
CA SER B 586 -15.85 -1.41 15.02
C SER B 586 -15.14 -1.57 13.68
N PHE B 587 -14.09 -2.39 13.66
CA PHE B 587 -13.30 -2.61 12.47
C PHE B 587 -13.70 -3.89 11.74
N THR B 588 -14.75 -4.57 12.19
CA THR B 588 -15.18 -5.79 11.53
C THR B 588 -15.82 -5.48 10.18
N LEU B 589 -15.71 -6.43 9.27
CA LEU B 589 -16.29 -6.31 7.94
C LEU B 589 -17.71 -6.84 7.98
N ASP B 590 -18.66 -6.06 7.46
CA ASP B 590 -20.04 -6.50 7.39
C ASP B 590 -20.17 -7.60 6.35
N SER B 591 -20.63 -8.77 6.77
CA SER B 591 -20.74 -9.93 5.89
C SER B 591 -22.21 -10.31 5.79
N TYR B 592 -22.90 -9.74 4.81
CA TYR B 592 -24.27 -10.13 4.52
C TYR B 592 -24.29 -11.23 3.48
N THR B 593 -25.49 -11.66 3.12
CA THR B 593 -25.65 -12.85 2.30
C THR B 593 -26.84 -12.65 1.37
N TRP B 594 -26.64 -12.89 0.09
CA TRP B 594 -27.73 -12.86 -0.86
C TRP B 594 -28.62 -14.09 -0.66
N PRO B 595 -29.86 -14.05 -1.14
CA PRO B 595 -30.71 -15.24 -1.09
C PRO B 595 -30.04 -16.41 -1.80
N LYS B 596 -30.24 -17.62 -1.28
CA LYS B 596 -29.44 -18.74 -1.76
C LYS B 596 -30.00 -19.27 -3.08
N GLU B 597 -30.30 -18.36 -4.00
CA GLU B 597 -30.55 -18.69 -5.40
C GLU B 597 -29.95 -17.66 -6.34
N ALA B 598 -29.56 -16.48 -5.86
CA ALA B 598 -28.82 -15.53 -6.65
C ALA B 598 -27.33 -15.57 -6.37
N MET B 599 -26.91 -16.26 -5.31
CA MET B 599 -25.51 -16.35 -4.93
C MET B 599 -24.92 -17.73 -5.17
N ASN B 600 -25.66 -18.62 -5.83
CA ASN B 600 -25.15 -19.96 -6.08
C ASN B 600 -24.12 -19.93 -7.20
N VAL B 601 -23.08 -20.73 -7.05
CA VAL B 601 -22.00 -20.78 -8.03
C VAL B 601 -22.43 -21.64 -9.21
N GLN B 602 -22.36 -21.08 -10.40
CA GLN B 602 -22.77 -21.80 -11.61
C GLN B 602 -21.69 -22.78 -12.01
N THR B 603 -22.08 -24.04 -12.21
CA THR B 603 -21.16 -25.11 -12.51
C THR B 603 -21.41 -25.69 -13.91
N VAL B 604 -21.99 -24.89 -14.80
CA VAL B 604 -22.32 -25.35 -16.13
C VAL B 604 -21.10 -25.24 -17.04
N ARG C 49 -7.32 -5.46 0.48
CA ARG C 49 -6.70 -5.41 -0.83
C ARG C 49 -7.45 -4.45 -1.75
N GLY C 50 -8.74 -4.71 -1.95
CA GLY C 50 -9.56 -3.78 -2.70
C GLY C 50 -9.36 -3.90 -4.19
N TYR C 51 -9.55 -2.77 -4.88
CA TYR C 51 -9.48 -2.75 -6.34
C TYR C 51 -8.17 -3.31 -6.87
N ASP C 52 -7.12 -3.29 -6.05
CA ASP C 52 -5.82 -3.78 -6.51
C ASP C 52 -5.75 -5.29 -6.62
N VAL C 53 -6.67 -6.03 -5.98
CA VAL C 53 -6.63 -7.48 -6.08
C VAL C 53 -7.29 -7.98 -7.35
N THR C 54 -7.96 -7.09 -8.09
CA THR C 54 -8.55 -7.44 -9.38
C THR C 54 -7.66 -7.05 -10.55
N ARG C 55 -6.67 -6.20 -10.33
CA ARG C 55 -5.67 -5.88 -11.35
C ARG C 55 -4.44 -6.75 -11.22
N ASN C 56 -4.42 -7.68 -10.28
CA ASN C 56 -3.32 -8.60 -10.10
C ASN C 56 -3.70 -9.93 -10.71
N PRO C 57 -3.08 -10.35 -11.81
CA PRO C 57 -3.51 -11.59 -12.47
C PRO C 57 -3.30 -12.84 -11.64
N HIS C 58 -2.38 -12.84 -10.69
CA HIS C 58 -2.18 -14.00 -9.83
C HIS C 58 -3.27 -14.12 -8.78
N LEU C 59 -3.87 -13.03 -8.37
CA LEU C 59 -4.93 -13.03 -7.38
C LEU C 59 -6.32 -12.93 -7.99
N ASN C 60 -6.45 -12.18 -9.07
CA ASN C 60 -7.75 -11.98 -9.70
C ASN C 60 -8.37 -13.31 -10.10
N LYS C 61 -9.55 -13.59 -9.57
CA LYS C 61 -10.33 -14.75 -9.95
C LYS C 61 -11.50 -14.39 -10.85
N GLY C 62 -11.66 -13.12 -11.20
CA GLY C 62 -12.77 -12.73 -12.04
C GLY C 62 -14.09 -12.94 -11.33
N MET C 63 -15.09 -13.43 -12.06
CA MET C 63 -16.40 -13.72 -11.50
C MET C 63 -16.42 -15.00 -10.70
N ALA C 64 -15.26 -15.59 -10.42
CA ALA C 64 -15.22 -16.78 -9.58
C ALA C 64 -15.07 -16.45 -8.11
N PHE C 65 -14.77 -15.19 -7.78
CA PHE C 65 -14.84 -14.73 -6.40
C PHE C 65 -16.24 -14.97 -5.86
N THR C 66 -16.34 -15.70 -4.76
CA THR C 66 -17.63 -15.86 -4.13
C THR C 66 -18.08 -14.55 -3.51
N LEU C 67 -19.35 -14.48 -3.11
CA LEU C 67 -19.85 -13.27 -2.48
C LEU C 67 -19.09 -12.97 -1.20
N GLU C 68 -18.82 -14.01 -0.41
CA GLU C 68 -18.07 -13.81 0.83
C GLU C 68 -16.66 -13.31 0.55
N GLU C 69 -16.01 -13.84 -0.48
CA GLU C 69 -14.67 -13.38 -0.82
C GLU C 69 -14.69 -11.94 -1.29
N ARG C 70 -15.70 -11.55 -2.07
CA ARG C 70 -15.80 -10.17 -2.52
C ARG C 70 -16.02 -9.23 -1.35
N LEU C 71 -16.86 -9.63 -0.40
CA LEU C 71 -17.09 -8.78 0.76
C LEU C 71 -15.85 -8.68 1.62
N GLN C 72 -15.09 -9.76 1.77
CA GLN C 72 -13.90 -9.72 2.60
C GLN C 72 -12.73 -9.04 1.92
N LEU C 73 -12.71 -8.98 0.59
CA LEU C 73 -11.61 -8.36 -0.12
C LEU C 73 -11.88 -6.91 -0.46
N GLY C 74 -13.08 -6.42 -0.22
CA GLY C 74 -13.41 -5.05 -0.59
C GLY C 74 -13.53 -4.85 -2.08
N ILE C 75 -14.09 -5.83 -2.79
CA ILE C 75 -14.23 -5.73 -4.24
C ILE C 75 -15.66 -6.02 -4.65
N HIS C 76 -16.59 -6.02 -3.71
CA HIS C 76 -17.97 -6.24 -4.08
C HIS C 76 -18.49 -5.05 -4.87
N GLY C 77 -19.20 -5.33 -5.96
CA GLY C 77 -19.61 -4.33 -6.90
C GLY C 77 -18.68 -4.19 -8.08
N LEU C 78 -17.38 -4.42 -7.89
CA LEU C 78 -16.44 -4.36 -8.99
C LEU C 78 -16.58 -5.56 -9.93
N ILE C 79 -17.21 -6.63 -9.48
CA ILE C 79 -17.42 -7.83 -10.29
C ILE C 79 -18.91 -7.88 -10.63
N PRO C 80 -19.27 -8.34 -11.83
CA PRO C 80 -20.68 -8.55 -12.12
C PRO C 80 -21.30 -9.53 -11.13
N PRO C 81 -22.62 -9.49 -10.95
CA PRO C 81 -23.25 -10.27 -9.88
C PRO C 81 -23.52 -11.71 -10.26
N CYS C 82 -22.58 -12.36 -10.92
CA CYS C 82 -22.68 -13.77 -11.22
C CYS C 82 -21.47 -14.46 -10.61
N PHE C 83 -21.71 -15.63 -10.03
CA PHE C 83 -20.67 -16.39 -9.35
C PHE C 83 -20.42 -17.65 -10.17
N LEU C 84 -19.28 -17.70 -10.83
CA LEU C 84 -18.95 -18.79 -11.73
C LEU C 84 -17.94 -19.74 -11.09
N SER C 85 -17.87 -20.93 -11.67
CA SER C 85 -16.78 -21.87 -11.43
C SER C 85 -15.71 -21.64 -12.48
N GLN C 86 -14.52 -22.18 -12.23
CA GLN C 86 -13.49 -22.11 -13.25
C GLN C 86 -13.90 -22.87 -14.51
N ASP C 87 -14.85 -23.81 -14.39
CA ASP C 87 -15.36 -24.50 -15.56
C ASP C 87 -16.16 -23.56 -16.45
N VAL C 88 -17.02 -22.73 -15.86
CA VAL C 88 -17.83 -21.80 -16.65
C VAL C 88 -16.96 -20.71 -17.25
N GLN C 89 -15.97 -20.25 -16.49
CA GLN C 89 -15.02 -19.31 -17.06
C GLN C 89 -14.24 -19.93 -18.21
N LEU C 90 -13.86 -21.19 -18.07
CA LEU C 90 -13.18 -21.89 -19.14
C LEU C 90 -14.07 -21.98 -20.37
N LEU C 91 -15.36 -22.24 -20.17
CA LEU C 91 -16.30 -22.31 -21.28
C LEU C 91 -16.41 -20.96 -21.98
N ARG C 92 -16.48 -19.87 -21.22
CA ARG C 92 -16.53 -18.56 -21.85
C ARG C 92 -15.27 -18.29 -22.66
N ILE C 93 -14.12 -18.57 -22.08
CA ILE C 93 -12.85 -18.32 -22.77
C ILE C 93 -12.77 -19.17 -24.03
N MET C 94 -13.24 -20.41 -23.97
CA MET C 94 -13.17 -21.29 -25.14
C MET C 94 -14.12 -20.82 -26.23
N ARG C 95 -15.33 -20.41 -25.84
CA ARG C 95 -16.28 -19.94 -26.84
C ARG C 95 -15.77 -18.67 -27.52
N TYR C 96 -15.07 -17.81 -26.78
CA TYR C 96 -14.51 -16.62 -27.41
C TYR C 96 -13.25 -16.95 -28.19
N TYR C 97 -12.56 -18.03 -27.82
CA TYR C 97 -11.30 -18.43 -28.43
C TYR C 97 -11.51 -19.09 -29.78
N GLU C 98 -12.52 -19.96 -29.88
CA GLU C 98 -12.78 -20.66 -31.12
C GLU C 98 -13.32 -19.74 -32.22
N ARG C 99 -13.74 -18.53 -31.86
CA ARG C 99 -14.27 -17.58 -32.82
C ARG C 99 -13.18 -16.77 -33.51
N GLN C 100 -11.92 -17.15 -33.36
CA GLN C 100 -10.85 -16.50 -34.10
C GLN C 100 -10.42 -17.38 -35.27
N GLN C 101 -9.84 -16.74 -36.28
CA GLN C 101 -9.42 -17.43 -37.49
C GLN C 101 -7.91 -17.65 -37.55
N SER C 102 -7.12 -16.61 -37.31
CA SER C 102 -5.68 -16.75 -37.34
C SER C 102 -5.16 -17.16 -35.97
N ASP C 103 -4.05 -17.90 -35.97
CA ASP C 103 -3.45 -18.33 -34.72
C ASP C 103 -2.90 -17.15 -33.92
N LEU C 104 -2.56 -16.06 -34.60
CA LEU C 104 -2.12 -14.87 -33.88
C LEU C 104 -3.23 -14.29 -33.03
N ASP C 105 -4.47 -14.33 -33.51
CA ASP C 105 -5.59 -13.87 -32.70
C ASP C 105 -5.77 -14.73 -31.47
N LYS C 106 -5.61 -16.04 -31.62
CA LYS C 106 -5.72 -16.93 -30.46
C LYS C 106 -4.59 -16.69 -29.48
N TYR C 107 -3.38 -16.46 -29.98
CA TYR C 107 -2.26 -16.10 -29.12
C TYR C 107 -2.55 -14.82 -28.35
N ILE C 108 -3.12 -13.82 -29.02
CA ILE C 108 -3.43 -12.57 -28.35
C ILE C 108 -4.51 -12.78 -27.29
N ILE C 109 -5.51 -13.61 -27.60
CA ILE C 109 -6.54 -13.92 -26.61
C ILE C 109 -5.92 -14.56 -25.38
N LEU C 110 -5.07 -15.57 -25.59
CA LEU C 110 -4.46 -16.26 -24.45
C LEU C 110 -3.55 -15.35 -23.66
N MET C 111 -2.84 -14.45 -24.32
CA MET C 111 -1.94 -13.56 -23.60
C MET C 111 -2.70 -12.52 -22.80
N THR C 112 -3.81 -12.01 -23.35
CA THR C 112 -4.66 -11.13 -22.56
C THR C 112 -5.27 -11.87 -21.38
N LEU C 113 -5.66 -13.13 -21.57
CA LEU C 113 -6.18 -13.91 -20.46
C LEU C 113 -5.13 -14.12 -19.39
N GLN C 114 -3.87 -14.29 -19.80
CA GLN C 114 -2.79 -14.40 -18.83
C GLN C 114 -2.60 -13.10 -18.06
N ASP C 115 -2.72 -11.97 -18.74
CA ASP C 115 -2.63 -10.69 -18.03
C ASP C 115 -3.84 -10.44 -17.14
N ARG C 116 -4.96 -11.11 -17.38
CA ARG C 116 -6.16 -10.89 -16.57
C ARG C 116 -6.26 -11.87 -15.41
N ASN C 117 -6.29 -13.16 -15.71
CA ASN C 117 -6.54 -14.20 -14.71
C ASN C 117 -5.57 -15.34 -15.00
N GLU C 118 -4.48 -15.41 -14.23
CA GLU C 118 -3.44 -16.39 -14.53
C GLU C 118 -3.88 -17.80 -14.23
N LYS C 119 -4.64 -18.01 -13.16
CA LYS C 119 -5.10 -19.36 -12.87
C LYS C 119 -6.06 -19.84 -13.94
N LEU C 120 -6.89 -18.96 -14.48
CA LEU C 120 -7.72 -19.34 -15.62
C LEU C 120 -6.88 -19.51 -16.88
N PHE C 121 -5.81 -18.75 -17.03
CA PHE C 121 -4.94 -18.93 -18.18
C PHE C 121 -4.33 -20.33 -18.18
N TYR C 122 -3.80 -20.76 -17.04
CA TYR C 122 -3.21 -22.07 -16.96
C TYR C 122 -4.25 -23.17 -16.91
N ARG C 123 -5.46 -22.87 -16.47
CA ARG C 123 -6.56 -23.81 -16.67
C ARG C 123 -6.84 -24.03 -18.15
N VAL C 124 -6.82 -22.95 -18.93
CA VAL C 124 -6.97 -23.07 -20.38
C VAL C 124 -5.85 -23.92 -20.96
N LEU C 125 -4.61 -23.61 -20.58
CA LEU C 125 -3.47 -24.34 -21.13
C LEU C 125 -3.53 -25.83 -20.78
N THR C 126 -3.54 -26.14 -19.48
CA THR C 126 -3.62 -27.54 -19.05
C THR C 126 -4.94 -28.20 -19.41
N SER C 127 -5.91 -27.45 -19.93
CA SER C 127 -7.16 -28.06 -20.38
C SER C 127 -6.90 -29.03 -21.52
N ASP C 128 -6.17 -28.57 -22.55
CA ASP C 128 -5.69 -29.45 -23.61
C ASP C 128 -4.34 -28.87 -24.05
N VAL C 129 -3.28 -29.38 -23.42
CA VAL C 129 -1.96 -28.78 -23.61
C VAL C 129 -1.44 -29.06 -25.00
N GLU C 130 -1.90 -30.14 -25.63
CA GLU C 130 -1.42 -30.47 -26.97
C GLU C 130 -1.93 -29.48 -28.01
N LYS C 131 -3.05 -28.82 -27.76
CA LYS C 131 -3.57 -27.84 -28.70
C LYS C 131 -3.20 -26.40 -28.35
N PHE C 132 -2.74 -26.13 -27.14
CA PHE C 132 -2.35 -24.79 -26.76
C PHE C 132 -0.85 -24.58 -26.69
N MET C 133 -0.07 -25.66 -26.66
CA MET C 133 1.37 -25.53 -26.80
C MET C 133 1.76 -24.94 -28.16
N PRO C 134 1.15 -25.30 -29.29
CA PRO C 134 1.50 -24.63 -30.55
C PRO C 134 1.13 -23.16 -30.58
N ILE C 135 0.23 -22.71 -29.73
CA ILE C 135 -0.21 -21.32 -29.75
C ILE C 135 0.63 -20.45 -28.81
N VAL C 136 0.80 -20.90 -27.57
CA VAL C 136 1.54 -20.10 -26.60
C VAL C 136 3.02 -20.13 -26.90
N TYR C 137 3.52 -21.22 -27.45
CA TYR C 137 4.92 -21.36 -27.80
C TYR C 137 5.01 -21.72 -29.28
N THR C 138 6.20 -22.14 -29.71
CA THR C 138 6.45 -22.42 -31.12
C THR C 138 5.35 -23.31 -31.69
N PRO C 139 4.90 -23.08 -32.93
CA PRO C 139 5.43 -22.07 -33.85
C PRO C 139 4.74 -20.71 -33.80
N THR C 140 3.60 -20.60 -33.11
CA THR C 140 2.81 -19.37 -33.17
C THR C 140 3.53 -18.21 -32.50
N VAL C 141 4.26 -18.47 -31.41
CA VAL C 141 4.98 -17.41 -30.73
C VAL C 141 6.00 -16.78 -31.65
N GLY C 142 6.44 -17.50 -32.69
CA GLY C 142 7.40 -16.92 -33.62
C GLY C 142 6.78 -15.81 -34.45
N LEU C 143 5.65 -16.08 -35.10
CA LEU C 143 4.96 -15.05 -35.85
C LEU C 143 4.42 -13.96 -34.92
N ALA C 144 4.16 -14.31 -33.67
CA ALA C 144 3.82 -13.30 -32.69
C ALA C 144 4.96 -12.33 -32.47
N CYS C 145 6.17 -12.85 -32.23
CA CYS C 145 7.34 -12.00 -32.04
C CYS C 145 7.68 -11.23 -33.31
N GLN C 146 7.40 -11.80 -34.48
CA GLN C 146 7.64 -11.09 -35.72
C GLN C 146 6.78 -9.84 -35.81
N HIS C 147 5.54 -9.93 -35.35
CA HIS C 147 4.60 -8.82 -35.32
C HIS C 147 4.29 -8.40 -33.89
N TYR C 148 5.31 -8.39 -33.05
CA TYR C 148 5.12 -8.09 -31.64
C TYR C 148 4.64 -6.66 -31.43
N GLY C 149 5.45 -5.69 -31.86
CA GLY C 149 5.10 -4.29 -31.63
C GLY C 149 3.79 -3.90 -32.27
N LEU C 150 3.38 -4.61 -33.32
CA LEU C 150 2.11 -4.33 -33.97
C LEU C 150 0.95 -4.55 -33.02
N THR C 151 0.86 -5.76 -32.47
CA THR C 151 -0.20 -6.13 -31.54
C THR C 151 0.19 -5.91 -30.09
N PHE C 152 1.36 -5.32 -29.85
CA PHE C 152 1.84 -5.12 -28.49
C PHE C 152 0.94 -4.16 -27.74
N ARG C 153 0.31 -4.65 -26.68
CA ARG C 153 -0.58 -3.82 -25.89
C ARG C 153 -0.13 -3.74 -24.44
N ARG C 154 0.22 -4.87 -23.84
CA ARG C 154 0.63 -4.86 -22.43
C ARG C 154 2.03 -5.43 -22.30
N PRO C 155 2.97 -4.67 -21.72
CA PRO C 155 4.34 -5.20 -21.58
C PRO C 155 4.40 -6.31 -20.54
N ARG C 156 5.06 -7.39 -20.90
CA ARG C 156 5.22 -8.56 -20.06
C ARG C 156 6.71 -8.84 -19.89
N GLY C 157 7.10 -9.25 -18.69
CA GLY C 157 8.49 -9.59 -18.44
C GLY C 157 9.31 -8.41 -17.97
N LEU C 158 10.62 -8.55 -18.13
CA LEU C 158 11.60 -7.59 -17.63
C LEU C 158 12.61 -7.30 -18.73
N PHE C 159 12.71 -6.05 -19.13
CA PHE C 159 13.58 -5.63 -20.22
C PHE C 159 14.82 -4.98 -19.62
N ILE C 160 15.96 -5.64 -19.75
CA ILE C 160 17.23 -5.15 -19.20
C ILE C 160 18.15 -4.90 -20.37
N THR C 161 18.66 -3.68 -20.49
CA THR C 161 19.42 -3.30 -21.67
C THR C 161 20.90 -3.24 -21.35
N ILE C 162 21.70 -2.96 -22.38
CA ILE C 162 23.14 -2.82 -22.20
C ILE C 162 23.46 -1.53 -21.46
N HIS C 163 22.65 -0.50 -21.65
CA HIS C 163 22.88 0.80 -21.02
C HIS C 163 22.49 0.82 -19.56
N ASP C 164 22.10 -0.31 -19.00
CA ASP C 164 21.75 -0.41 -17.60
C ASP C 164 22.85 -1.04 -16.77
N LYS C 165 24.04 -1.22 -17.34
CA LYS C 165 25.13 -1.88 -16.62
C LYS C 165 25.49 -1.12 -15.36
N GLY C 166 25.43 -1.81 -14.23
CA GLY C 166 25.68 -1.22 -12.94
C GLY C 166 24.44 -1.05 -12.11
N HIS C 167 23.25 -1.12 -12.71
CA HIS C 167 22.00 -0.84 -12.04
C HIS C 167 20.98 -1.94 -12.27
N LEU C 168 21.44 -3.18 -12.46
CA LEU C 168 20.51 -4.27 -12.68
C LEU C 168 19.80 -4.70 -11.40
N ALA C 169 20.39 -4.43 -10.24
CA ALA C 169 19.70 -4.76 -8.99
C ALA C 169 18.41 -3.99 -8.85
N THR C 170 18.42 -2.70 -9.21
CA THR C 170 17.20 -1.90 -9.13
C THR C 170 16.16 -2.40 -10.12
N MET C 171 16.56 -2.70 -11.35
CA MET C 171 15.62 -3.20 -12.33
C MET C 171 15.04 -4.54 -11.92
N LEU C 172 15.81 -5.37 -11.24
CA LEU C 172 15.24 -6.58 -10.67
C LEU C 172 14.28 -6.26 -9.53
N ASN C 173 14.54 -5.17 -8.82
CA ASN C 173 13.61 -4.71 -7.79
C ASN C 173 12.32 -4.18 -8.38
N SER C 174 12.33 -3.79 -9.66
CA SER C 174 11.09 -3.37 -10.30
C SER C 174 10.08 -4.50 -10.41
N TRP C 175 10.54 -5.73 -10.47
CA TRP C 175 9.63 -6.86 -10.60
C TRP C 175 8.80 -7.01 -9.32
N PRO C 176 7.49 -7.21 -9.43
CA PRO C 176 6.67 -7.28 -8.22
C PRO C 176 7.03 -8.43 -7.30
N GLU C 177 7.09 -9.66 -7.83
CA GLU C 177 7.39 -10.81 -7.00
C GLU C 177 8.87 -10.84 -6.64
N ASP C 178 9.15 -11.15 -5.37
CA ASP C 178 10.51 -11.21 -4.87
C ASP C 178 10.97 -12.62 -4.57
N ASN C 179 10.08 -13.61 -4.62
CA ASN C 179 10.47 -15.01 -4.44
C ASN C 179 10.48 -15.67 -5.81
N ILE C 180 11.59 -15.50 -6.51
CA ILE C 180 11.74 -15.97 -7.88
C ILE C 180 12.66 -17.19 -7.88
N LYS C 181 12.21 -18.27 -8.51
CA LYS C 181 12.98 -19.50 -8.63
C LYS C 181 13.54 -19.71 -10.02
N ALA C 182 12.76 -19.46 -11.07
CA ALA C 182 13.19 -19.65 -12.44
C ALA C 182 13.30 -18.31 -13.14
N VAL C 183 14.26 -18.21 -14.05
CA VAL C 183 14.49 -17.01 -14.84
C VAL C 183 14.85 -17.46 -16.24
N VAL C 184 13.97 -17.21 -17.21
CA VAL C 184 14.24 -17.52 -18.61
C VAL C 184 14.68 -16.23 -19.26
N VAL C 185 15.97 -16.03 -19.37
CA VAL C 185 16.51 -14.86 -20.05
C VAL C 185 16.66 -15.19 -21.53
N THR C 186 16.46 -14.19 -22.37
CA THR C 186 16.66 -14.34 -23.80
C THR C 186 17.46 -13.17 -24.32
N ASP C 187 18.08 -13.37 -25.48
CA ASP C 187 18.91 -12.35 -26.09
C ASP C 187 18.27 -11.76 -27.34
N GLY C 188 17.40 -12.53 -28.00
CA GLY C 188 16.77 -12.09 -29.21
C GLY C 188 17.59 -12.28 -30.47
N GLU C 189 18.76 -12.90 -30.38
CA GLU C 189 19.66 -12.92 -31.53
C GLU C 189 19.32 -14.06 -32.49
N ARG C 190 18.72 -15.14 -31.98
CA ARG C 190 18.40 -16.29 -32.82
C ARG C 190 17.13 -16.92 -32.27
N ILE C 191 15.99 -16.49 -32.80
CA ILE C 191 14.69 -16.94 -32.31
C ILE C 191 14.05 -17.81 -33.37
N LEU C 192 13.89 -19.09 -33.06
CA LEU C 192 13.02 -20.00 -33.80
C LEU C 192 13.38 -20.02 -35.29
N GLY C 193 14.65 -19.83 -35.59
CA GLY C 193 15.08 -19.72 -36.96
C GLY C 193 14.61 -18.49 -37.69
N LEU C 194 13.79 -17.65 -37.05
CA LEU C 194 13.42 -16.37 -37.64
C LEU C 194 14.57 -15.39 -37.62
N GLY C 195 15.59 -15.65 -36.80
CA GLY C 195 16.75 -14.81 -36.77
C GLY C 195 16.68 -13.74 -35.70
N ASP C 196 17.43 -12.66 -35.89
CA ASP C 196 17.49 -11.58 -34.92
C ASP C 196 16.17 -10.84 -34.86
N LEU C 197 15.41 -11.04 -33.79
CA LEU C 197 14.20 -10.27 -33.57
C LEU C 197 14.39 -9.19 -32.53
N GLY C 198 15.54 -9.13 -31.89
CA GLY C 198 15.78 -8.07 -30.92
C GLY C 198 14.78 -8.12 -29.79
N CYS C 199 14.37 -6.94 -29.32
CA CYS C 199 13.48 -6.83 -28.18
C CYS C 199 12.09 -7.36 -28.47
N TYR C 200 11.77 -7.64 -29.74
CA TYR C 200 10.53 -8.33 -30.05
C TYR C 200 10.50 -9.73 -29.48
N GLY C 201 11.65 -10.28 -29.13
CA GLY C 201 11.74 -11.65 -28.66
C GLY C 201 11.18 -11.90 -27.28
N MET C 202 10.57 -10.90 -26.64
CA MET C 202 10.06 -11.10 -25.29
C MET C 202 8.95 -12.14 -25.24
N GLY C 203 8.30 -12.40 -26.37
CA GLY C 203 7.30 -13.46 -26.37
C GLY C 203 7.89 -14.83 -26.14
N ILE C 204 9.18 -15.01 -26.37
CA ILE C 204 9.80 -16.33 -26.27
C ILE C 204 10.00 -16.74 -24.82
N PRO C 205 10.66 -15.94 -23.96
CA PRO C 205 10.69 -16.33 -22.55
C PRO C 205 9.31 -16.43 -21.94
N VAL C 206 8.48 -15.40 -22.09
CA VAL C 206 7.12 -15.44 -21.56
C VAL C 206 6.43 -16.71 -21.99
N GLY C 207 6.33 -16.92 -23.30
CA GLY C 207 5.73 -18.15 -23.80
C GLY C 207 6.36 -19.38 -23.20
N LYS C 208 7.70 -19.43 -23.18
CA LYS C 208 8.37 -20.60 -22.64
C LYS C 208 8.02 -20.80 -21.17
N LEU C 209 7.92 -19.71 -20.42
CA LEU C 209 7.60 -19.84 -19.01
C LEU C 209 6.21 -20.42 -18.82
N ALA C 210 5.30 -20.17 -19.75
CA ALA C 210 4.00 -20.82 -19.68
C ALA C 210 4.16 -22.33 -19.70
N LEU C 211 5.05 -22.82 -20.57
CA LEU C 211 5.30 -24.26 -20.62
C LEU C 211 5.97 -24.75 -19.35
N TYR C 212 6.66 -23.88 -18.62
CA TYR C 212 7.18 -24.29 -17.32
C TYR C 212 6.05 -24.67 -16.38
N THR C 213 4.93 -23.95 -16.48
CA THR C 213 3.82 -24.13 -15.57
C THR C 213 2.72 -25.01 -16.14
N ALA C 214 2.40 -24.87 -17.41
CA ALA C 214 1.39 -25.72 -18.02
C ALA C 214 1.91 -27.14 -18.17
N CYS C 215 3.10 -27.29 -18.73
CA CYS C 215 3.66 -28.63 -18.94
C CYS C 215 4.20 -29.21 -17.64
N GLY C 216 5.13 -28.51 -17.01
CA GLY C 216 5.63 -28.94 -15.72
C GLY C 216 4.65 -28.63 -14.61
N GLY C 217 5.14 -28.05 -13.53
CA GLY C 217 4.25 -27.58 -12.49
C GLY C 217 4.80 -26.35 -11.80
N VAL C 218 5.73 -25.66 -12.45
CA VAL C 218 6.42 -24.54 -11.84
C VAL C 218 5.42 -23.43 -11.54
N ASN C 219 5.38 -23.01 -10.28
CA ASN C 219 4.53 -21.91 -9.84
C ASN C 219 4.85 -20.67 -10.68
N PRO C 220 3.92 -20.20 -11.50
CA PRO C 220 4.25 -19.11 -12.43
C PRO C 220 4.61 -17.82 -11.74
N GLN C 221 4.20 -17.67 -10.49
CA GLN C 221 4.53 -16.50 -9.69
C GLN C 221 5.99 -16.47 -9.27
N GLN C 222 6.70 -17.59 -9.41
CA GLN C 222 8.13 -17.67 -9.12
C GLN C 222 8.98 -17.61 -10.38
N CYS C 223 8.40 -17.27 -11.52
CA CYS C 223 9.09 -17.26 -12.79
C CYS C 223 9.21 -15.84 -13.31
N LEU C 224 10.38 -15.49 -13.83
CA LEU C 224 10.64 -14.14 -14.30
C LEU C 224 11.22 -14.20 -15.71
N PRO C 225 10.50 -13.72 -16.73
CA PRO C 225 11.07 -13.69 -18.09
C PRO C 225 11.87 -12.43 -18.32
N VAL C 226 13.12 -12.58 -18.74
CA VAL C 226 13.99 -11.44 -18.95
C VAL C 226 14.35 -11.37 -20.43
N LEU C 227 14.53 -10.16 -20.93
CA LEU C 227 15.10 -9.94 -22.26
C LEU C 227 16.27 -8.99 -22.12
N LEU C 228 17.45 -9.45 -22.51
CA LEU C 228 18.65 -8.63 -22.50
C LEU C 228 18.76 -7.94 -23.85
N ASP C 229 18.37 -6.67 -23.90
CA ASP C 229 18.36 -5.89 -25.13
C ASP C 229 19.71 -5.21 -25.28
N VAL C 230 20.57 -5.80 -26.11
CA VAL C 230 21.85 -5.22 -26.44
C VAL C 230 21.82 -4.55 -27.81
N GLY C 231 20.64 -4.25 -28.32
CA GLY C 231 20.46 -3.77 -29.67
C GLY C 231 19.91 -4.84 -30.58
N THR C 232 20.04 -4.60 -31.88
CA THR C 232 19.65 -5.61 -32.85
C THR C 232 20.39 -5.34 -34.16
N ASN C 233 20.66 -6.41 -34.88
CA ASN C 233 21.25 -6.32 -36.21
C ASN C 233 20.22 -6.45 -37.31
N ASN C 234 18.97 -6.72 -36.96
CA ASN C 234 17.89 -6.77 -37.93
C ASN C 234 17.62 -5.36 -38.44
N GLU C 235 18.07 -5.06 -39.66
CA GLU C 235 17.85 -3.73 -40.22
C GLU C 235 16.38 -3.43 -40.42
N GLU C 236 15.55 -4.46 -40.58
CA GLU C 236 14.11 -4.24 -40.68
C GLU C 236 13.54 -3.64 -39.40
N LEU C 237 14.09 -4.01 -38.24
CA LEU C 237 13.63 -3.45 -36.98
C LEU C 237 14.32 -2.15 -36.62
N LEU C 238 15.49 -1.87 -37.20
CA LEU C 238 16.16 -0.61 -36.92
C LEU C 238 15.45 0.58 -37.55
N ARG C 239 14.56 0.33 -38.52
CA ARG C 239 13.81 1.39 -39.15
C ARG C 239 12.30 1.27 -38.90
N ASP C 240 11.84 0.16 -38.35
CA ASP C 240 10.44 -0.01 -38.02
C ASP C 240 10.04 0.97 -36.93
N PRO C 241 9.13 1.90 -37.19
CA PRO C 241 8.71 2.83 -36.13
C PRO C 241 7.96 2.16 -35.00
N LEU C 242 7.41 0.98 -35.22
CA LEU C 242 6.71 0.24 -34.19
C LEU C 242 7.64 -0.68 -33.40
N TYR C 243 8.95 -0.58 -33.59
CA TYR C 243 9.88 -1.47 -32.92
C TYR C 243 10.06 -1.03 -31.48
N ILE C 244 9.62 -1.87 -30.55
CA ILE C 244 9.71 -1.56 -29.12
C ILE C 244 11.07 -2.07 -28.65
N GLY C 245 12.11 -1.37 -29.06
CA GLY C 245 13.44 -1.88 -28.85
C GLY C 245 14.45 -0.78 -28.74
N LEU C 246 15.71 -1.15 -28.93
CA LEU C 246 16.79 -0.25 -28.59
C LEU C 246 17.38 0.46 -29.80
N LYS C 247 17.23 -0.11 -31.00
CA LYS C 247 17.44 0.59 -32.27
C LYS C 247 18.88 1.04 -32.49
N HIS C 248 19.83 0.20 -32.14
CA HIS C 248 21.20 0.32 -32.61
C HIS C 248 21.75 -1.09 -32.80
N GLN C 249 22.94 -1.18 -33.39
CA GLN C 249 23.48 -2.51 -33.64
C GLN C 249 23.87 -3.19 -32.34
N ARG C 250 24.02 -4.51 -32.40
CA ARG C 250 24.31 -5.29 -31.21
C ARG C 250 25.59 -4.83 -30.56
N VAL C 251 25.55 -4.66 -29.24
CA VAL C 251 26.76 -4.49 -28.47
C VAL C 251 27.36 -5.87 -28.23
N HIS C 252 28.59 -6.07 -28.68
CA HIS C 252 29.28 -7.34 -28.53
C HIS C 252 30.67 -7.07 -27.96
N GLY C 253 31.36 -8.14 -27.61
CA GLY C 253 32.67 -8.00 -27.00
C GLY C 253 32.61 -8.05 -25.50
N LYS C 254 33.46 -7.27 -24.83
CA LYS C 254 33.52 -7.33 -23.38
C LYS C 254 32.37 -6.61 -22.71
N ALA C 255 31.75 -5.63 -23.39
CA ALA C 255 30.60 -4.96 -22.81
C ALA C 255 29.43 -5.91 -22.64
N TYR C 256 29.16 -6.72 -23.68
CA TYR C 256 28.09 -7.71 -23.60
C TYR C 256 28.39 -8.76 -22.53
N ASP C 257 29.64 -9.20 -22.46
CA ASP C 257 30.01 -10.21 -21.48
C ASP C 257 29.89 -9.67 -20.06
N ASP C 258 30.29 -8.43 -19.84
CA ASP C 258 30.13 -7.83 -18.52
C ASP C 258 28.66 -7.63 -18.18
N LEU C 259 27.85 -7.29 -19.17
CA LEU C 259 26.41 -7.18 -18.94
C LEU C 259 25.83 -8.50 -18.46
N LEU C 260 26.21 -9.60 -19.11
CA LEU C 260 25.66 -10.89 -18.70
C LEU C 260 26.24 -11.36 -17.36
N ASP C 261 27.53 -11.08 -17.12
CA ASP C 261 28.11 -11.38 -15.82
C ASP C 261 27.34 -10.67 -14.72
N GLU C 262 27.10 -9.38 -14.88
CA GLU C 262 26.35 -8.63 -13.89
C GLU C 262 24.91 -9.10 -13.81
N PHE C 263 24.33 -9.56 -14.92
CA PHE C 263 22.96 -10.06 -14.86
C PHE C 263 22.89 -11.30 -13.98
N MET C 264 23.79 -12.25 -14.18
CA MET C 264 23.80 -13.44 -13.35
C MET C 264 24.08 -13.09 -11.90
N GLN C 265 25.06 -12.22 -11.67
CA GLN C 265 25.40 -11.80 -10.31
C GLN C 265 24.20 -11.16 -9.62
N ALA C 266 23.48 -10.29 -10.32
CA ALA C 266 22.36 -9.57 -9.72
C ALA C 266 21.17 -10.48 -9.50
N VAL C 267 20.90 -11.38 -10.44
CA VAL C 267 19.78 -12.32 -10.29
C VAL C 267 20.03 -13.21 -9.09
N THR C 268 21.26 -13.67 -8.91
CA THR C 268 21.53 -14.54 -7.78
C THR C 268 21.70 -13.77 -6.49
N ASP C 269 22.07 -12.49 -6.56
CA ASP C 269 22.07 -11.66 -5.36
C ASP C 269 20.67 -11.44 -4.84
N LYS C 270 19.72 -11.14 -5.73
CA LYS C 270 18.37 -10.86 -5.25
C LYS C 270 17.57 -12.12 -4.97
N PHE C 271 17.67 -13.13 -5.83
CA PHE C 271 16.84 -14.32 -5.72
C PHE C 271 17.56 -15.54 -5.20
N GLY C 272 18.86 -15.46 -4.97
CA GLY C 272 19.58 -16.59 -4.41
C GLY C 272 20.39 -17.35 -5.43
N ILE C 273 21.37 -18.12 -4.97
CA ILE C 273 22.20 -18.90 -5.88
C ILE C 273 21.42 -20.07 -6.46
N ASN C 274 20.29 -20.42 -5.85
CA ASN C 274 19.48 -21.53 -6.32
C ASN C 274 18.52 -21.14 -7.43
N CYS C 275 18.48 -19.86 -7.80
CA CYS C 275 17.60 -19.40 -8.87
C CYS C 275 18.00 -20.06 -10.19
N LEU C 276 17.13 -20.91 -10.71
CA LEU C 276 17.39 -21.56 -11.99
C LEU C 276 17.32 -20.52 -13.10
N ILE C 277 18.36 -20.45 -13.92
CA ILE C 277 18.45 -19.47 -14.99
C ILE C 277 18.59 -20.23 -16.29
N GLN C 278 17.57 -20.15 -17.14
CA GLN C 278 17.60 -20.79 -18.44
C GLN C 278 17.92 -19.76 -19.51
N PHE C 279 18.98 -20.02 -20.25
CA PHE C 279 19.31 -19.19 -21.41
C PHE C 279 18.57 -19.71 -22.62
N GLU C 280 18.03 -18.80 -23.42
CA GLU C 280 17.15 -19.20 -24.50
C GLU C 280 17.36 -18.30 -25.71
N ASP C 281 17.57 -18.92 -26.86
CA ASP C 281 17.63 -18.21 -28.14
C ASP C 281 18.75 -17.18 -28.16
N PHE C 282 19.95 -17.63 -27.81
CA PHE C 282 21.18 -16.87 -27.99
C PHE C 282 21.85 -17.32 -29.28
N ALA C 283 22.80 -16.52 -29.75
CA ALA C 283 23.57 -16.91 -30.92
C ALA C 283 24.44 -18.11 -30.58
N ASN C 284 24.72 -18.93 -31.60
CA ASN C 284 25.48 -20.17 -31.40
C ASN C 284 26.75 -19.93 -30.58
N ALA C 285 27.59 -19.00 -31.05
CA ALA C 285 28.80 -18.65 -30.33
C ALA C 285 28.49 -18.27 -28.89
N ASN C 286 27.59 -17.30 -28.71
CA ASN C 286 27.23 -16.86 -27.37
C ASN C 286 26.56 -17.97 -26.58
N ALA C 287 25.67 -18.73 -27.21
CA ALA C 287 25.00 -19.81 -26.51
C ALA C 287 26.01 -20.75 -25.86
N PHE C 288 26.92 -21.30 -26.66
CA PHE C 288 27.87 -22.27 -26.11
C PHE C 288 28.86 -21.61 -25.16
N ARG C 289 29.32 -20.40 -25.49
CA ARG C 289 30.30 -19.73 -24.65
C ARG C 289 29.74 -19.46 -23.27
N LEU C 290 28.54 -18.90 -23.19
CA LEU C 290 27.95 -18.60 -21.89
C LEU C 290 27.51 -19.88 -21.18
N LEU C 291 27.11 -20.91 -21.91
CA LEU C 291 26.81 -22.18 -21.27
C LEU C 291 28.03 -22.72 -20.55
N ASN C 292 29.18 -22.74 -21.23
CA ASN C 292 30.38 -23.23 -20.58
C ASN C 292 30.91 -22.26 -19.54
N LYS C 293 30.54 -20.99 -19.61
CA LYS C 293 31.00 -20.01 -18.63
C LYS C 293 30.24 -20.14 -17.32
N TYR C 294 28.90 -20.09 -17.36
CA TYR C 294 28.09 -20.15 -16.15
C TYR C 294 27.54 -21.54 -15.89
N ARG C 295 28.13 -22.56 -16.51
CA ARG C 295 27.67 -23.93 -16.27
C ARG C 295 27.77 -24.29 -14.79
N ASN C 296 28.93 -24.05 -14.19
CA ASN C 296 29.23 -24.50 -12.84
C ASN C 296 29.28 -23.38 -11.83
N LYS C 297 28.99 -22.15 -12.23
CA LYS C 297 28.89 -21.06 -11.27
C LYS C 297 27.48 -20.89 -10.73
N TYR C 298 26.48 -21.01 -11.60
CA TYR C 298 25.09 -20.80 -11.25
C TYR C 298 24.27 -22.02 -11.66
N CYS C 299 22.99 -21.99 -11.29
CA CYS C 299 22.08 -23.03 -11.72
C CYS C 299 21.58 -22.74 -13.12
N MET C 300 22.52 -22.55 -14.05
CA MET C 300 22.20 -22.17 -15.41
C MET C 300 22.05 -23.40 -16.29
N PHE C 301 21.13 -23.33 -17.24
CA PHE C 301 21.14 -24.29 -18.33
C PHE C 301 20.57 -23.64 -19.59
N ASN C 302 20.99 -24.16 -20.73
CA ASN C 302 20.57 -23.66 -22.03
C ASN C 302 19.77 -24.75 -22.72
N ASP C 303 18.49 -24.49 -22.95
CA ASP C 303 17.62 -25.54 -23.48
C ASP C 303 17.79 -25.76 -24.97
N ASP C 304 18.22 -24.74 -25.72
CA ASP C 304 18.51 -24.96 -27.12
C ASP C 304 19.66 -25.94 -27.31
N ILE C 305 20.62 -25.94 -26.39
CA ILE C 305 21.77 -26.82 -26.48
C ILE C 305 21.53 -28.14 -25.77
N GLN C 306 20.95 -28.09 -24.57
CA GLN C 306 20.83 -29.27 -23.73
C GLN C 306 19.45 -29.91 -23.76
N GLY C 307 18.39 -29.13 -23.88
CA GLY C 307 17.08 -29.73 -24.03
C GLY C 307 16.91 -30.44 -25.36
N THR C 308 17.45 -29.85 -26.43
CA THR C 308 17.48 -30.52 -27.72
C THR C 308 18.21 -31.85 -27.63
N ALA C 309 19.40 -31.84 -27.04
CA ALA C 309 20.17 -33.06 -26.87
C ALA C 309 19.39 -34.09 -26.08
N SER C 310 18.78 -33.66 -24.97
CA SER C 310 18.07 -34.60 -24.13
C SER C 310 16.90 -35.23 -24.87
N VAL C 311 16.13 -34.43 -25.61
CA VAL C 311 14.96 -35.01 -26.27
C VAL C 311 15.37 -35.87 -27.45
N ALA C 312 16.43 -35.51 -28.18
CA ALA C 312 16.89 -36.36 -29.27
C ALA C 312 17.42 -37.69 -28.75
N VAL C 313 18.21 -37.66 -27.69
CA VAL C 313 18.72 -38.89 -27.13
C VAL C 313 17.60 -39.71 -26.50
N ALA C 314 16.57 -39.06 -25.98
CA ALA C 314 15.40 -39.79 -25.49
C ALA C 314 14.72 -40.53 -26.61
N GLY C 315 14.56 -39.87 -27.76
CA GLY C 315 13.99 -40.55 -28.91
C GLY C 315 14.85 -41.73 -29.36
N ILE C 316 16.16 -41.56 -29.36
CA ILE C 316 17.04 -42.64 -29.79
C ILE C 316 16.95 -43.82 -28.84
N LEU C 317 16.98 -43.56 -27.54
CA LEU C 317 16.85 -44.63 -26.57
C LEU C 317 15.49 -45.32 -26.65
N ALA C 318 14.45 -44.56 -27.03
CA ALA C 318 13.15 -45.19 -27.21
C ALA C 318 13.14 -46.08 -28.44
N ALA C 319 13.78 -45.63 -29.52
CA ALA C 319 13.89 -46.46 -30.71
C ALA C 319 14.72 -47.71 -30.44
N LEU C 320 15.64 -47.64 -29.48
CA LEU C 320 16.36 -48.84 -29.06
C LEU C 320 15.40 -49.92 -28.58
N ARG C 321 14.26 -49.52 -28.00
CA ARG C 321 13.26 -50.50 -27.57
C ARG C 321 12.52 -51.12 -28.75
N ILE C 322 12.61 -50.54 -29.94
CA ILE C 322 12.04 -51.14 -31.13
C ILE C 322 13.06 -52.00 -31.85
N THR C 323 14.27 -51.47 -32.02
CA THR C 323 15.33 -52.23 -32.67
C THR C 323 15.74 -53.44 -31.84
N LYS C 324 15.48 -53.41 -30.53
CA LYS C 324 15.81 -54.52 -29.64
C LYS C 324 17.29 -54.86 -29.68
N ASN C 325 18.12 -53.86 -29.41
CA ASN C 325 19.56 -54.05 -29.30
C ASN C 325 20.11 -52.98 -28.37
N LYS C 326 21.43 -52.88 -28.32
CA LYS C 326 22.10 -51.92 -27.45
C LYS C 326 22.54 -50.70 -28.24
N LEU C 327 22.71 -49.59 -27.53
CA LEU C 327 23.20 -48.37 -28.17
C LEU C 327 24.61 -48.54 -28.71
N SER C 328 25.35 -49.53 -28.20
CA SER C 328 26.73 -49.72 -28.64
C SER C 328 26.81 -50.13 -30.10
N ASN C 329 25.85 -50.92 -30.57
CA ASN C 329 25.85 -51.43 -31.94
C ASN C 329 25.07 -50.52 -32.89
N HIS C 330 25.08 -49.22 -32.62
CA HIS C 330 24.50 -48.21 -33.49
C HIS C 330 25.58 -47.25 -33.94
N VAL C 331 25.54 -46.86 -35.20
CA VAL C 331 26.39 -45.81 -35.74
C VAL C 331 25.49 -44.69 -36.25
N PHE C 332 25.85 -43.45 -35.91
CA PHE C 332 24.97 -42.31 -36.11
C PHE C 332 25.57 -41.34 -37.12
N VAL C 333 24.77 -40.95 -38.10
CA VAL C 333 25.13 -39.92 -39.06
C VAL C 333 24.31 -38.68 -38.75
N PHE C 334 24.98 -37.55 -38.58
CA PHE C 334 24.31 -36.28 -38.35
C PHE C 334 24.33 -35.47 -39.64
N GLN C 335 23.24 -34.76 -39.89
CA GLN C 335 23.10 -33.92 -41.07
C GLN C 335 23.26 -32.46 -40.67
N GLY C 336 24.26 -32.17 -39.84
CA GLY C 336 24.59 -30.82 -39.43
C GLY C 336 25.68 -30.84 -38.39
N ALA C 337 26.62 -29.90 -38.46
CA ALA C 337 27.53 -29.63 -37.35
C ALA C 337 27.11 -28.34 -36.66
N GLY C 338 25.99 -28.41 -35.96
CA GLY C 338 25.38 -27.20 -35.44
C GLY C 338 25.25 -27.13 -33.94
N GLU C 339 24.50 -26.14 -33.47
CA GLU C 339 24.28 -26.00 -32.03
C GLU C 339 23.50 -27.19 -31.48
N ALA C 340 22.48 -27.63 -32.20
CA ALA C 340 21.73 -28.79 -31.76
C ALA C 340 22.50 -30.08 -32.01
N ALA C 341 23.22 -30.16 -33.13
CA ALA C 341 23.90 -31.39 -33.49
C ALA C 341 25.02 -31.71 -32.52
N MET C 342 25.82 -30.70 -32.16
CA MET C 342 26.89 -30.92 -31.20
C MET C 342 26.34 -31.38 -29.86
N GLY C 343 25.26 -30.77 -29.40
CA GLY C 343 24.68 -31.18 -28.13
C GLY C 343 24.17 -32.60 -28.16
N ILE C 344 23.44 -32.96 -29.23
CA ILE C 344 22.94 -34.32 -29.35
C ILE C 344 24.09 -35.30 -29.39
N ALA C 345 25.15 -34.96 -30.12
CA ALA C 345 26.29 -35.88 -30.22
C ALA C 345 27.01 -36.03 -28.90
N HIS C 346 27.14 -34.95 -28.13
CA HIS C 346 27.82 -35.05 -26.84
C HIS C 346 27.02 -35.86 -25.85
N LEU C 347 25.70 -35.62 -25.77
CA LEU C 347 24.89 -36.43 -24.87
C LEU C 347 24.81 -37.87 -25.33
N LEU C 348 24.90 -38.11 -26.64
CA LEU C 348 24.90 -39.48 -27.15
C LEU C 348 26.20 -40.19 -26.80
N VAL C 349 27.33 -39.48 -26.90
CA VAL C 349 28.60 -40.06 -26.46
C VAL C 349 28.55 -40.38 -24.97
N MET C 350 27.93 -39.50 -24.18
CA MET C 350 27.77 -39.79 -22.76
C MET C 350 26.91 -41.02 -22.52
N ALA C 351 25.82 -41.14 -23.28
CA ALA C 351 24.97 -42.32 -23.15
C ALA C 351 25.69 -43.60 -23.55
N LEU C 352 26.60 -43.50 -24.53
CA LEU C 352 27.38 -44.66 -24.93
C LEU C 352 28.40 -45.03 -23.88
N GLU C 353 29.05 -44.02 -23.29
CA GLU C 353 29.99 -44.28 -22.21
C GLU C 353 29.29 -44.90 -21.00
N LYS C 354 28.06 -44.48 -20.73
CA LYS C 354 27.30 -45.06 -19.64
C LYS C 354 27.03 -46.54 -19.86
N GLU C 355 26.95 -46.97 -21.12
CA GLU C 355 26.74 -48.37 -21.43
C GLU C 355 28.03 -49.19 -21.42
N GLY C 356 29.16 -48.57 -21.12
CA GLY C 356 30.42 -49.29 -21.08
C GLY C 356 31.18 -49.23 -22.39
N VAL C 357 31.36 -48.02 -22.92
CA VAL C 357 32.11 -47.82 -24.16
C VAL C 357 33.13 -46.70 -23.93
N PRO C 358 34.39 -46.89 -24.29
CA PRO C 358 35.37 -45.83 -24.09
C PRO C 358 35.02 -44.57 -24.89
N LYS C 359 35.65 -43.47 -24.49
CA LYS C 359 35.31 -42.17 -25.07
C LYS C 359 35.65 -42.11 -26.55
N ALA C 360 36.82 -42.62 -26.94
CA ALA C 360 37.24 -42.55 -28.33
C ALA C 360 36.38 -43.43 -29.22
N GLU C 361 36.16 -44.68 -28.80
CA GLU C 361 35.33 -45.57 -29.61
C GLU C 361 33.89 -45.10 -29.67
N ALA C 362 33.40 -44.46 -28.60
CA ALA C 362 32.06 -43.89 -28.63
C ALA C 362 31.98 -42.74 -29.61
N THR C 363 32.96 -41.82 -29.57
CA THR C 363 32.98 -40.72 -30.52
C THR C 363 33.08 -41.22 -31.95
N ARG C 364 33.79 -42.32 -32.17
CA ARG C 364 33.96 -42.83 -33.53
C ARG C 364 32.67 -43.40 -34.12
N LYS C 365 31.56 -43.32 -33.40
CA LYS C 365 30.27 -43.75 -33.94
C LYS C 365 29.44 -42.58 -34.45
N ILE C 366 29.93 -41.36 -34.33
CA ILE C 366 29.20 -40.17 -34.74
C ILE C 366 29.87 -39.58 -35.97
N TRP C 367 29.13 -39.49 -37.07
CA TRP C 367 29.58 -38.89 -38.31
C TRP C 367 28.69 -37.70 -38.62
N MET C 368 29.30 -36.56 -38.92
CA MET C 368 28.54 -35.33 -39.14
C MET C 368 28.85 -34.76 -40.51
N VAL C 369 27.88 -34.02 -41.06
CA VAL C 369 28.01 -33.38 -42.37
C VAL C 369 27.59 -31.93 -42.24
N ASP C 370 28.49 -31.00 -42.63
CA ASP C 370 28.24 -29.57 -42.46
C ASP C 370 28.51 -28.83 -43.77
N SER C 371 27.53 -28.82 -44.67
CA SER C 371 27.53 -27.91 -45.81
C SER C 371 28.68 -28.18 -46.78
N LYS C 372 29.56 -29.10 -46.43
CA LYS C 372 30.74 -29.39 -47.24
C LYS C 372 30.92 -30.90 -47.35
N GLY C 373 30.36 -31.64 -46.41
CA GLY C 373 30.50 -33.07 -46.38
C GLY C 373 30.91 -33.53 -45.00
N LEU C 374 31.39 -34.76 -44.93
CA LEU C 374 31.80 -35.35 -43.68
C LEU C 374 32.95 -34.55 -43.06
N ILE C 375 32.87 -34.33 -41.75
CA ILE C 375 33.96 -33.68 -41.04
C ILE C 375 35.11 -34.68 -40.90
N VAL C 376 36.23 -34.37 -41.53
CA VAL C 376 37.33 -35.30 -41.76
C VAL C 376 38.66 -34.62 -41.41
N LYS C 377 39.78 -35.24 -41.79
CA LYS C 377 41.10 -34.69 -41.46
C LYS C 377 41.24 -33.26 -41.97
N GLY C 378 41.32 -32.30 -41.04
CA GLY C 378 41.58 -30.90 -41.32
C GLY C 378 41.04 -30.40 -42.63
N ARG C 379 39.73 -30.46 -42.83
CA ARG C 379 39.21 -30.45 -44.20
C ARG C 379 39.26 -29.06 -44.83
N SER C 380 38.43 -28.13 -44.35
CA SER C 380 38.63 -26.75 -44.75
C SER C 380 38.32 -25.72 -43.68
N HIS C 381 37.41 -25.98 -42.74
CA HIS C 381 36.94 -24.93 -41.84
C HIS C 381 36.68 -25.41 -40.42
N LEU C 382 37.10 -26.62 -40.06
CA LEU C 382 36.68 -27.22 -38.80
C LEU C 382 37.26 -26.46 -37.63
N ASN C 383 36.39 -25.74 -36.91
CA ASN C 383 36.78 -25.15 -35.64
C ASN C 383 36.86 -26.24 -34.58
N HIS C 384 37.34 -25.87 -33.39
CA HIS C 384 37.61 -26.87 -32.37
C HIS C 384 36.36 -27.64 -31.93
N GLU C 385 35.17 -27.14 -32.22
CA GLU C 385 33.96 -27.85 -31.86
C GLU C 385 33.64 -28.99 -32.81
N LYS C 386 33.96 -28.84 -34.10
CA LYS C 386 33.81 -29.93 -35.04
C LYS C 386 35.01 -30.87 -35.03
N GLU C 387 36.14 -30.44 -34.47
CA GLU C 387 37.31 -31.30 -34.41
C GLU C 387 37.05 -32.55 -33.59
N MET C 388 36.16 -32.45 -32.60
CA MET C 388 35.95 -33.57 -31.68
C MET C 388 35.38 -34.78 -32.40
N PHE C 389 34.35 -34.58 -33.21
CA PHE C 389 33.69 -35.68 -33.91
C PHE C 389 34.24 -35.87 -35.32
N ALA C 390 35.40 -35.31 -35.60
CA ALA C 390 36.04 -35.50 -36.90
C ALA C 390 36.48 -36.94 -37.05
N GLN C 391 36.08 -37.59 -38.14
CA GLN C 391 36.52 -38.94 -38.43
C GLN C 391 37.76 -38.90 -39.32
N ASP C 392 38.60 -39.92 -39.17
CA ASP C 392 39.85 -40.01 -39.92
C ASP C 392 39.55 -40.78 -41.20
N HIS C 393 39.03 -40.07 -42.20
CA HIS C 393 38.49 -40.69 -43.40
C HIS C 393 38.69 -39.78 -44.58
N PRO C 394 38.72 -40.31 -45.80
CA PRO C 394 38.72 -39.45 -46.98
C PRO C 394 37.50 -38.54 -47.00
N GLU C 395 37.67 -37.36 -47.58
CA GLU C 395 36.60 -36.37 -47.63
C GLU C 395 35.46 -36.85 -48.51
N VAL C 396 34.24 -36.52 -48.11
CA VAL C 396 33.03 -36.94 -48.81
C VAL C 396 32.29 -35.70 -49.29
N ASN C 397 31.72 -35.78 -50.50
CA ASN C 397 31.09 -34.61 -51.09
C ASN C 397 29.83 -34.20 -50.32
N SER C 398 28.86 -35.11 -50.24
CA SER C 398 27.58 -34.80 -49.64
C SER C 398 27.11 -35.92 -48.73
N LEU C 399 25.99 -35.67 -48.06
CA LEU C 399 25.41 -36.65 -47.15
C LEU C 399 25.00 -37.92 -47.88
N GLU C 400 24.45 -37.77 -49.09
CA GLU C 400 23.84 -38.89 -49.78
C GLU C 400 24.88 -39.94 -50.19
N GLU C 401 26.15 -39.55 -50.25
CA GLU C 401 27.23 -40.50 -50.50
C GLU C 401 27.84 -41.06 -49.23
N VAL C 402 27.88 -40.27 -48.15
CA VAL C 402 28.46 -40.80 -46.92
C VAL C 402 27.49 -41.73 -46.21
N VAL C 403 26.20 -41.64 -46.50
CA VAL C 403 25.27 -42.65 -46.01
C VAL C 403 25.60 -44.01 -46.62
N ARG C 404 25.95 -44.04 -47.91
CA ARG C 404 26.37 -45.30 -48.52
C ARG C 404 27.76 -45.70 -48.05
N LEU C 405 28.65 -44.72 -47.87
CA LEU C 405 30.01 -45.02 -47.45
C LEU C 405 30.04 -45.65 -46.07
N VAL C 406 29.63 -44.92 -45.04
CA VAL C 406 29.39 -45.49 -43.72
C VAL C 406 27.89 -45.71 -43.60
N LYS C 407 27.48 -46.95 -43.78
CA LYS C 407 26.08 -47.32 -43.63
C LYS C 407 25.66 -47.17 -42.17
N PRO C 408 24.80 -46.19 -41.87
CA PRO C 408 24.40 -45.96 -40.48
C PRO C 408 23.12 -46.70 -40.12
N THR C 409 23.00 -46.99 -38.81
CA THR C 409 21.77 -47.53 -38.28
C THR C 409 20.78 -46.43 -37.91
N ALA C 410 21.25 -45.21 -37.72
CA ALA C 410 20.38 -44.11 -37.30
C ALA C 410 20.93 -42.81 -37.87
N ILE C 411 20.13 -42.14 -38.68
CA ILE C 411 20.49 -40.85 -39.25
C ILE C 411 19.70 -39.75 -38.55
N ILE C 412 20.36 -38.63 -38.26
CA ILE C 412 19.74 -37.51 -37.57
C ILE C 412 19.94 -36.29 -38.44
N GLY C 413 18.84 -35.61 -38.78
CA GLY C 413 18.90 -34.44 -39.61
C GLY C 413 18.60 -33.18 -38.83
N VAL C 414 19.65 -32.40 -38.58
CA VAL C 414 19.47 -31.07 -38.01
C VAL C 414 20.23 -30.06 -38.85
N ALA C 415 19.62 -29.58 -39.93
CA ALA C 415 20.22 -28.51 -40.71
C ALA C 415 19.21 -27.50 -41.23
N ALA C 416 17.92 -27.69 -40.99
CA ALA C 416 16.88 -26.87 -41.61
C ALA C 416 17.05 -26.85 -43.12
N ILE C 417 17.42 -27.99 -43.69
CA ILE C 417 17.57 -28.13 -45.13
C ILE C 417 16.50 -29.11 -45.58
N ALA C 418 15.45 -28.58 -46.20
CA ALA C 418 14.31 -29.39 -46.61
C ALA C 418 14.72 -30.38 -47.69
N GLY C 419 14.26 -31.62 -47.55
CA GLY C 419 14.52 -32.64 -48.55
C GLY C 419 15.90 -33.22 -48.53
N ALA C 420 16.68 -32.98 -47.46
CA ALA C 420 18.01 -33.55 -47.38
C ALA C 420 17.98 -35.06 -47.34
N PHE C 421 16.91 -35.64 -46.82
CA PHE C 421 16.74 -37.10 -46.80
C PHE C 421 16.00 -37.49 -48.08
N THR C 422 16.74 -38.03 -49.04
CA THR C 422 16.18 -38.38 -50.32
C THR C 422 15.53 -39.76 -50.27
N GLU C 423 14.80 -40.10 -51.34
CA GLU C 423 14.32 -41.47 -51.50
C GLU C 423 15.49 -42.43 -51.57
N GLN C 424 16.54 -42.04 -52.29
CA GLN C 424 17.79 -42.81 -52.32
C GLN C 424 18.27 -43.13 -50.91
N ILE C 425 18.35 -42.10 -50.05
CA ILE C 425 18.93 -42.29 -48.72
C ILE C 425 18.11 -43.27 -47.90
N LEU C 426 16.81 -43.01 -47.76
CA LEU C 426 15.98 -43.87 -46.92
C LEU C 426 15.90 -45.29 -47.49
N ARG C 427 15.89 -45.41 -48.81
CA ARG C 427 15.89 -46.73 -49.43
C ARG C 427 17.14 -47.52 -49.06
N ASP C 428 18.31 -46.92 -49.27
CA ASP C 428 19.53 -47.64 -48.93
C ASP C 428 19.66 -47.83 -47.42
N MET C 429 19.06 -46.95 -46.62
CA MET C 429 19.03 -47.17 -45.17
C MET C 429 18.26 -48.43 -44.83
N ALA C 430 17.02 -48.54 -45.30
CA ALA C 430 16.23 -49.73 -45.05
C ALA C 430 16.88 -50.97 -45.65
N SER C 431 17.74 -50.80 -46.66
CA SER C 431 18.45 -51.95 -47.22
C SER C 431 19.63 -52.37 -46.36
N PHE C 432 20.41 -51.40 -45.86
CA PHE C 432 21.62 -51.74 -45.10
C PHE C 432 21.28 -52.41 -43.79
N HIS C 433 20.58 -51.71 -42.91
CA HIS C 433 20.15 -52.24 -41.63
C HIS C 433 18.65 -52.43 -41.63
N GLU C 434 18.22 -53.56 -41.09
CA GLU C 434 16.79 -53.75 -40.85
C GLU C 434 16.35 -52.80 -39.76
N ARG C 435 15.22 -52.14 -39.99
CA ARG C 435 14.64 -51.22 -39.02
C ARG C 435 15.61 -50.07 -38.73
N PRO C 436 15.79 -49.14 -39.65
CA PRO C 436 16.65 -47.99 -39.39
C PRO C 436 15.91 -46.85 -38.71
N ILE C 437 16.68 -45.90 -38.19
CA ILE C 437 16.15 -44.78 -37.41
C ILE C 437 16.38 -43.49 -38.18
N ILE C 438 15.31 -42.74 -38.43
CA ILE C 438 15.39 -41.46 -39.13
C ILE C 438 14.83 -40.39 -38.21
N PHE C 439 15.62 -39.32 -38.01
CA PHE C 439 15.27 -38.21 -37.13
C PHE C 439 15.35 -36.93 -37.94
N ALA C 440 14.22 -36.54 -38.53
CA ALA C 440 14.15 -35.27 -39.26
C ALA C 440 13.71 -34.19 -38.28
N LEU C 441 14.67 -33.72 -37.50
CA LEU C 441 14.39 -32.87 -36.35
C LEU C 441 14.22 -31.40 -36.69
N SER C 442 14.42 -31.00 -37.95
CA SER C 442 14.31 -29.59 -38.33
C SER C 442 12.96 -29.01 -37.92
N ASN C 443 12.99 -27.83 -37.30
CA ASN C 443 11.81 -27.35 -36.57
C ASN C 443 10.65 -26.98 -37.50
N PRO C 444 10.85 -26.13 -38.51
CA PRO C 444 9.71 -25.82 -39.41
C PRO C 444 9.33 -27.06 -40.21
N THR C 445 8.03 -27.36 -40.22
CA THR C 445 7.55 -28.50 -41.00
C THR C 445 8.02 -28.41 -42.45
N SER C 446 8.23 -27.19 -42.94
CA SER C 446 8.77 -27.00 -44.28
C SER C 446 10.22 -27.47 -44.35
N LYS C 447 11.01 -27.17 -43.33
CA LYS C 447 12.44 -27.43 -43.36
C LYS C 447 12.79 -28.88 -43.05
N ALA C 448 11.81 -29.73 -42.75
CA ALA C 448 12.10 -31.10 -42.38
C ALA C 448 12.82 -31.83 -43.49
N GLU C 449 13.96 -32.45 -43.15
CA GLU C 449 14.72 -33.20 -44.13
C GLU C 449 13.90 -34.31 -44.77
N CYS C 450 12.91 -34.82 -44.06
CA CYS C 450 12.04 -35.86 -44.58
C CYS C 450 10.69 -35.75 -43.89
N THR C 451 9.65 -36.14 -44.61
CA THR C 451 8.32 -36.17 -44.03
C THR C 451 8.03 -37.56 -43.47
N ALA C 452 6.93 -37.68 -42.74
CA ALA C 452 6.56 -38.98 -42.20
C ALA C 452 6.23 -39.96 -43.32
N GLU C 453 5.35 -39.54 -44.24
CA GLU C 453 4.89 -40.44 -45.29
C GLU C 453 6.02 -40.88 -46.20
N LYS C 454 6.93 -39.96 -46.55
CA LYS C 454 8.04 -40.31 -47.41
C LYS C 454 8.91 -41.39 -46.76
N CYS C 455 9.34 -41.15 -45.52
CA CYS C 455 10.14 -42.12 -44.79
C CYS C 455 9.43 -43.46 -44.67
N TYR C 456 8.14 -43.43 -44.34
CA TYR C 456 7.43 -44.68 -44.08
C TYR C 456 7.19 -45.47 -45.36
N ARG C 457 7.00 -44.79 -46.49
CA ARG C 457 6.91 -45.48 -47.76
C ARG C 457 8.24 -46.08 -48.16
N VAL C 458 9.28 -45.25 -48.22
CA VAL C 458 10.54 -45.68 -48.80
C VAL C 458 11.18 -46.78 -47.94
N THR C 459 11.01 -46.69 -46.63
CA THR C 459 11.47 -47.73 -45.73
C THR C 459 10.51 -48.92 -45.66
N GLU C 460 9.53 -48.97 -46.56
CA GLU C 460 8.54 -50.04 -46.59
C GLU C 460 7.90 -50.26 -45.22
N GLY C 461 7.65 -49.15 -44.52
CA GLY C 461 7.05 -49.22 -43.20
C GLY C 461 7.93 -49.93 -42.18
N ARG C 462 9.25 -49.81 -42.30
CA ARG C 462 10.17 -50.50 -41.40
C ARG C 462 11.16 -49.53 -40.74
N GLY C 463 10.91 -48.23 -40.81
CA GLY C 463 11.84 -47.27 -40.24
C GLY C 463 11.24 -46.46 -39.12
N ILE C 464 11.94 -46.37 -37.99
CA ILE C 464 11.48 -45.55 -36.87
C ILE C 464 11.67 -44.10 -37.28
N PHE C 465 10.59 -43.39 -37.51
CA PHE C 465 10.68 -41.98 -37.84
C PHE C 465 10.35 -41.12 -36.63
N ALA C 466 11.07 -40.00 -36.52
CA ALA C 466 10.71 -38.98 -35.54
C ALA C 466 11.10 -37.63 -36.09
N SER C 467 10.34 -36.61 -35.70
CA SER C 467 10.51 -35.27 -36.25
C SER C 467 10.38 -34.24 -35.14
N GLY C 468 10.74 -33.01 -35.48
CA GLY C 468 10.63 -31.92 -34.52
C GLY C 468 9.33 -31.17 -34.69
N SER C 469 8.76 -31.24 -35.87
CA SER C 469 7.49 -30.66 -36.22
C SER C 469 6.42 -31.75 -36.32
N PRO C 470 5.16 -31.44 -36.04
CA PRO C 470 4.12 -32.48 -36.01
C PRO C 470 3.76 -32.94 -37.41
N PHE C 471 4.04 -34.21 -37.69
CA PHE C 471 3.47 -34.92 -38.83
C PHE C 471 2.39 -35.84 -38.28
N LYS C 472 1.17 -35.72 -38.80
CA LYS C 472 0.08 -36.53 -38.30
C LYS C 472 0.21 -37.97 -38.78
N SER C 473 -0.77 -38.80 -38.42
CA SER C 473 -0.69 -40.23 -38.66
C SER C 473 -0.49 -40.53 -40.15
N VAL C 474 0.01 -41.74 -40.41
CA VAL C 474 0.33 -42.18 -41.76
C VAL C 474 -0.21 -43.59 -41.95
N THR C 475 -1.10 -43.75 -42.92
CA THR C 475 -1.56 -45.07 -43.35
C THR C 475 -0.86 -45.41 -44.66
N LEU C 476 -0.58 -46.69 -44.86
CA LEU C 476 0.21 -47.13 -46.00
C LEU C 476 -0.37 -48.44 -46.54
N GLU C 477 0.44 -49.15 -47.30
CA GLU C 477 0.22 -50.53 -47.67
C GLU C 477 -0.19 -51.36 -46.46
N ASP C 478 -0.96 -52.42 -46.69
CA ASP C 478 -1.33 -53.42 -45.69
C ASP C 478 -1.75 -52.84 -44.35
N GLY C 479 -2.39 -51.67 -44.37
CA GLY C 479 -2.96 -51.09 -43.15
C GLY C 479 -1.99 -50.83 -42.03
N LYS C 480 -0.71 -50.59 -42.35
CA LYS C 480 0.28 -50.25 -41.33
C LYS C 480 0.10 -48.78 -40.97
N THR C 481 -0.44 -48.53 -39.78
CA THR C 481 -0.59 -47.18 -39.28
C THR C 481 0.62 -46.80 -38.43
N PHE C 482 1.14 -45.60 -38.64
CA PHE C 482 2.25 -45.08 -37.87
C PHE C 482 1.87 -43.72 -37.31
N ILE C 483 2.19 -43.50 -36.04
CA ILE C 483 2.02 -42.19 -35.42
C ILE C 483 3.42 -41.62 -35.19
N PRO C 484 4.01 -40.93 -36.17
CA PRO C 484 5.36 -40.41 -35.98
C PRO C 484 5.45 -39.43 -34.82
N GLY C 485 6.19 -39.80 -33.78
CA GLY C 485 6.30 -38.93 -32.63
C GLY C 485 7.01 -37.64 -32.96
N GLN C 486 6.73 -36.61 -32.16
CA GLN C 486 7.31 -35.29 -32.35
C GLN C 486 8.25 -35.01 -31.18
N GLY C 487 9.55 -34.95 -31.47
CA GLY C 487 10.51 -34.63 -30.44
C GLY C 487 10.41 -33.17 -30.05
N ASN C 488 9.82 -32.92 -28.89
CA ASN C 488 9.52 -31.56 -28.44
C ASN C 488 10.36 -31.27 -27.21
N ASN C 489 11.03 -30.12 -27.21
CA ASN C 489 11.83 -29.74 -26.05
C ASN C 489 11.00 -29.67 -24.78
N ALA C 490 9.69 -29.49 -24.92
CA ALA C 490 8.80 -29.47 -23.78
C ALA C 490 8.76 -30.78 -23.01
N TYR C 491 9.31 -31.85 -23.56
CA TYR C 491 9.46 -33.07 -22.78
C TYR C 491 10.56 -32.96 -21.74
N VAL C 492 11.49 -32.03 -21.93
CA VAL C 492 12.71 -31.99 -21.14
C VAL C 492 12.63 -30.91 -20.07
N PHE C 493 12.59 -29.65 -20.49
CA PHE C 493 12.82 -28.57 -19.53
C PHE C 493 11.73 -28.41 -18.47
N PRO C 494 10.46 -28.74 -18.71
CA PRO C 494 9.49 -28.59 -17.62
C PRO C 494 9.79 -29.48 -16.43
N GLY C 495 9.97 -30.78 -16.64
CA GLY C 495 10.26 -31.66 -15.52
C GLY C 495 11.63 -31.41 -14.91
N VAL C 496 12.62 -31.12 -15.75
CA VAL C 496 13.95 -30.82 -15.23
C VAL C 496 13.91 -29.58 -14.36
N ALA C 497 13.24 -28.52 -14.85
CA ALA C 497 13.11 -27.30 -14.07
C ALA C 497 12.32 -27.54 -12.80
N LEU C 498 11.28 -28.37 -12.87
CA LEU C 498 10.49 -28.65 -11.67
C LEU C 498 11.33 -29.34 -10.62
N GLY C 499 12.12 -30.33 -11.02
CA GLY C 499 12.97 -31.02 -10.07
C GLY C 499 14.07 -30.14 -9.52
N VAL C 500 14.68 -29.32 -10.37
CA VAL C 500 15.71 -28.40 -9.92
C VAL C 500 15.15 -27.41 -8.91
N ILE C 501 13.99 -26.83 -9.20
CA ILE C 501 13.40 -25.87 -8.29
C ILE C 501 12.97 -26.54 -7.00
N ALA C 502 12.45 -27.76 -7.09
CA ALA C 502 12.02 -28.48 -5.91
C ALA C 502 13.19 -28.75 -4.98
N GLY C 503 14.25 -29.37 -5.51
CA GLY C 503 15.37 -29.71 -4.67
C GLY C 503 16.41 -28.64 -4.50
N GLY C 504 16.25 -27.49 -5.15
CA GLY C 504 17.26 -26.46 -5.05
C GLY C 504 18.60 -26.91 -5.60
N ILE C 505 18.58 -27.67 -6.69
CA ILE C 505 19.81 -28.23 -7.25
C ILE C 505 20.73 -27.09 -7.66
N ARG C 506 21.99 -27.16 -7.22
CA ARG C 506 22.89 -26.03 -7.39
C ARG C 506 23.37 -25.90 -8.83
N HIS C 507 23.60 -27.02 -9.50
CA HIS C 507 24.08 -27.00 -10.87
C HIS C 507 23.43 -28.12 -11.64
N ILE C 508 23.34 -27.96 -12.94
CA ILE C 508 22.72 -28.96 -13.81
C ILE C 508 23.79 -29.59 -14.68
N PRO C 509 24.41 -30.68 -14.26
CA PRO C 509 25.36 -31.37 -15.11
C PRO C 509 24.65 -32.14 -16.20
N ASP C 510 25.43 -32.57 -17.19
CA ASP C 510 24.86 -33.30 -18.32
C ASP C 510 24.21 -34.62 -17.90
N GLU C 511 24.62 -35.17 -16.76
CA GLU C 511 24.04 -36.44 -16.31
C GLU C 511 22.56 -36.30 -16.01
N ILE C 512 22.13 -35.12 -15.55
CA ILE C 512 20.70 -34.90 -15.34
C ILE C 512 19.95 -34.98 -16.67
N PHE C 513 20.51 -34.38 -17.71
CA PHE C 513 19.86 -34.45 -19.01
C PHE C 513 19.87 -35.85 -19.58
N LEU C 514 20.93 -36.62 -19.32
CA LEU C 514 20.96 -38.00 -19.78
C LEU C 514 19.92 -38.85 -19.06
N LEU C 515 19.80 -38.72 -17.74
CA LEU C 515 18.79 -39.50 -17.04
C LEU C 515 17.39 -39.01 -17.36
N THR C 516 17.25 -37.74 -17.72
CA THR C 516 15.98 -37.23 -18.22
C THR C 516 15.62 -37.90 -19.54
N ALA C 517 16.60 -38.00 -20.45
CA ALA C 517 16.39 -38.73 -21.69
C ALA C 517 16.00 -40.17 -21.44
N GLU C 518 16.64 -40.81 -20.46
CA GLU C 518 16.30 -42.19 -20.14
C GLU C 518 14.88 -42.30 -19.60
N GLN C 519 14.48 -41.39 -18.72
CA GLN C 519 13.13 -41.41 -18.19
C GLN C 519 12.10 -41.19 -19.29
N ILE C 520 12.36 -40.24 -20.19
CA ILE C 520 11.46 -39.99 -21.31
C ILE C 520 11.34 -41.23 -22.18
N ALA C 521 12.47 -41.88 -22.46
CA ALA C 521 12.42 -43.09 -23.27
C ALA C 521 11.65 -44.19 -22.58
N GLN C 522 11.70 -44.26 -21.25
CA GLN C 522 10.90 -45.21 -20.51
C GLN C 522 9.43 -44.82 -20.44
N GLU C 523 9.10 -43.56 -20.69
CA GLU C 523 7.71 -43.11 -20.61
C GLU C 523 6.83 -43.72 -21.69
N VAL C 524 7.40 -44.15 -22.80
CA VAL C 524 6.61 -44.60 -23.94
C VAL C 524 6.10 -46.01 -23.68
N SER C 525 4.81 -46.23 -23.93
CA SER C 525 4.22 -47.54 -23.71
C SER C 525 4.61 -48.49 -24.83
N GLU C 526 4.45 -49.78 -24.55
CA GLU C 526 4.67 -50.80 -25.58
C GLU C 526 3.66 -50.65 -26.71
N GLN C 527 2.41 -50.32 -26.37
CA GLN C 527 1.39 -50.11 -27.40
C GLN C 527 1.80 -48.97 -28.33
N HIS C 528 2.24 -47.85 -27.75
CA HIS C 528 2.67 -46.73 -28.59
C HIS C 528 3.89 -47.09 -29.42
N LEU C 529 4.77 -47.91 -28.86
CA LEU C 529 5.95 -48.33 -29.61
C LEU C 529 5.58 -49.20 -30.79
N SER C 530 4.51 -49.97 -30.67
CA SER C 530 4.01 -50.74 -31.80
C SER C 530 3.56 -49.85 -32.94
N GLN C 531 3.28 -48.58 -32.68
CA GLN C 531 2.83 -47.63 -33.69
C GLN C 531 3.92 -46.65 -34.11
N GLY C 532 5.18 -46.94 -33.79
CA GLY C 532 6.26 -46.06 -34.16
C GLY C 532 6.32 -44.75 -33.41
N ARG C 533 5.53 -44.59 -32.35
CA ARG C 533 5.51 -43.38 -31.55
C ARG C 533 6.67 -43.42 -30.57
N LEU C 534 7.66 -42.55 -30.77
CA LEU C 534 8.86 -42.57 -29.94
C LEU C 534 8.75 -41.77 -28.67
N TYR C 535 7.77 -40.89 -28.57
CA TYR C 535 7.66 -40.05 -27.39
C TYR C 535 6.29 -40.21 -26.76
N PRO C 536 6.17 -39.99 -25.45
CA PRO C 536 4.86 -40.12 -24.83
C PRO C 536 3.92 -39.04 -25.33
N PRO C 537 2.63 -39.31 -25.36
CA PRO C 537 1.68 -38.29 -25.81
C PRO C 537 1.72 -37.08 -24.89
N LEU C 538 1.62 -35.90 -25.49
CA LEU C 538 1.72 -34.66 -24.73
C LEU C 538 0.59 -34.51 -23.72
N SER C 539 -0.54 -35.19 -23.94
CA SER C 539 -1.64 -35.13 -22.98
C SER C 539 -1.24 -35.68 -21.61
N THR C 540 -0.10 -36.34 -21.50
CA THR C 540 0.40 -36.86 -20.25
C THR C 540 1.64 -36.12 -19.76
N ILE C 541 2.09 -35.09 -20.49
CA ILE C 541 3.39 -34.49 -20.24
C ILE C 541 3.52 -34.05 -18.79
N ARG C 542 2.43 -33.55 -18.21
CA ARG C 542 2.47 -33.12 -16.81
C ARG C 542 2.98 -34.24 -15.92
N ASP C 543 2.32 -35.40 -15.97
CA ASP C 543 2.81 -36.56 -15.22
C ASP C 543 4.25 -36.87 -15.61
N VAL C 544 4.54 -36.86 -16.92
CA VAL C 544 5.91 -37.09 -17.37
C VAL C 544 6.85 -36.14 -16.65
N SER C 545 6.52 -34.85 -16.64
CA SER C 545 7.36 -33.88 -15.96
C SER C 545 7.59 -34.28 -14.52
N LEU C 546 6.51 -34.64 -13.83
CA LEU C 546 6.64 -35.09 -12.45
C LEU C 546 7.63 -36.24 -12.36
N ARG C 547 7.45 -37.27 -13.19
CA ARG C 547 8.32 -38.42 -13.12
C ARG C 547 9.75 -38.08 -13.47
N ILE C 548 9.98 -37.00 -14.22
CA ILE C 548 11.35 -36.56 -14.44
C ILE C 548 11.88 -35.88 -13.19
N ALA C 549 11.07 -34.98 -12.62
CA ALA C 549 11.50 -34.20 -11.47
C ALA C 549 12.00 -35.11 -10.36
N ILE C 550 11.12 -35.99 -9.88
CA ILE C 550 11.50 -36.97 -8.86
C ILE C 550 12.83 -37.61 -9.21
N LYS C 551 12.98 -38.05 -10.45
CA LYS C 551 14.21 -38.72 -10.84
C LYS C 551 15.39 -37.77 -10.74
N VAL C 552 15.28 -36.60 -11.37
CA VAL C 552 16.38 -35.64 -11.26
C VAL C 552 16.54 -35.13 -9.84
N LEU C 553 15.59 -35.45 -8.97
CA LEU C 553 15.76 -35.16 -7.56
C LEU C 553 16.62 -36.21 -6.90
N ASP C 554 16.29 -37.50 -7.13
CA ASP C 554 17.07 -38.58 -6.55
C ASP C 554 18.54 -38.43 -6.88
N TYR C 555 18.85 -38.28 -8.17
CA TYR C 555 20.22 -38.04 -8.59
C TYR C 555 20.85 -36.92 -7.78
N ALA C 556 20.17 -35.79 -7.69
CA ALA C 556 20.76 -34.63 -7.04
C ALA C 556 21.01 -34.88 -5.56
N TYR C 557 20.27 -35.79 -4.95
CA TYR C 557 20.51 -36.11 -3.55
C TYR C 557 21.57 -37.17 -3.38
N LYS C 558 21.81 -38.00 -4.39
CA LYS C 558 22.87 -38.99 -4.31
C LYS C 558 24.20 -38.48 -4.85
N HIS C 559 24.23 -37.28 -5.41
CA HIS C 559 25.48 -36.65 -5.81
C HIS C 559 25.70 -35.34 -5.09
N ASN C 560 24.96 -35.09 -4.02
CA ASN C 560 25.14 -33.91 -3.17
C ASN C 560 25.01 -32.62 -3.98
N LEU C 561 23.96 -32.57 -4.81
CA LEU C 561 23.66 -31.41 -5.63
C LEU C 561 22.49 -30.61 -5.12
N ALA C 562 21.55 -31.23 -4.44
CA ALA C 562 20.39 -30.53 -3.93
C ALA C 562 20.74 -29.73 -2.69
N SER C 563 20.07 -28.58 -2.53
CA SER C 563 20.28 -27.72 -1.38
C SER C 563 19.12 -27.73 -0.41
N TYR C 564 17.97 -28.27 -0.79
CA TYR C 564 16.87 -28.41 0.15
C TYR C 564 17.28 -29.37 1.26
N TYR C 565 17.52 -28.85 2.46
CA TYR C 565 18.21 -29.64 3.47
C TYR C 565 17.41 -30.83 3.95
N PRO C 566 16.25 -30.68 4.59
CA PRO C 566 15.59 -31.86 5.17
C PRO C 566 15.11 -32.78 4.06
N GLU C 567 16.04 -33.51 3.46
CA GLU C 567 15.82 -34.37 2.30
C GLU C 567 14.57 -35.21 2.49
N PRO C 568 13.57 -35.05 1.62
CA PRO C 568 12.31 -35.77 1.79
C PRO C 568 12.49 -37.26 1.57
N LYS C 569 11.91 -38.05 2.48
CA LYS C 569 11.89 -39.50 2.29
C LYS C 569 11.04 -39.87 1.10
N ASP C 570 9.85 -39.27 1.00
CA ASP C 570 8.96 -39.50 -0.14
C ASP C 570 9.09 -38.31 -1.08
N LYS C 571 10.03 -38.43 -2.03
CA LYS C 571 10.30 -37.32 -2.93
C LYS C 571 9.15 -37.07 -3.89
N GLU C 572 8.35 -38.09 -4.17
CA GLU C 572 7.20 -37.88 -5.05
C GLU C 572 6.19 -36.94 -4.42
N ALA C 573 5.81 -37.20 -3.17
CA ALA C 573 4.90 -36.29 -2.48
C ALA C 573 5.52 -34.90 -2.32
N PHE C 574 6.83 -34.85 -2.11
CA PHE C 574 7.49 -33.56 -1.98
C PHE C 574 7.35 -32.74 -3.25
N VAL C 575 7.63 -33.36 -4.40
CA VAL C 575 7.51 -32.62 -5.66
C VAL C 575 6.06 -32.32 -5.98
N ARG C 576 5.14 -33.23 -5.64
CA ARG C 576 3.72 -32.98 -5.88
C ARG C 576 3.21 -31.80 -5.06
N SER C 577 3.78 -31.59 -3.87
CA SER C 577 3.35 -30.45 -3.06
C SER C 577 3.78 -29.13 -3.66
N LEU C 578 4.70 -29.13 -4.61
CA LEU C 578 5.16 -27.91 -5.27
C LEU C 578 4.61 -27.76 -6.68
N VAL C 579 3.95 -28.79 -7.23
CA VAL C 579 3.38 -28.70 -8.55
C VAL C 579 2.22 -27.73 -8.51
N TYR C 580 2.32 -26.65 -9.28
CA TYR C 580 1.27 -25.64 -9.33
C TYR C 580 0.05 -26.18 -10.05
N THR C 581 -1.10 -26.00 -9.45
CA THR C 581 -2.35 -26.41 -10.05
C THR C 581 -3.18 -25.17 -10.40
N PRO C 582 -3.94 -25.22 -11.49
CA PRO C 582 -4.78 -24.08 -11.87
C PRO C 582 -5.98 -23.87 -10.96
N ASP C 583 -6.22 -24.76 -10.00
CA ASP C 583 -7.38 -24.62 -9.13
C ASP C 583 -7.27 -23.34 -8.31
N TYR C 584 -8.42 -22.71 -8.08
CA TYR C 584 -8.45 -21.45 -7.38
C TYR C 584 -8.23 -21.65 -5.89
N ASP C 585 -7.42 -20.77 -5.29
CA ASP C 585 -7.29 -20.75 -3.85
C ASP C 585 -8.43 -19.95 -3.23
N SER C 586 -8.75 -20.28 -1.99
CA SER C 586 -9.76 -19.54 -1.26
C SER C 586 -9.15 -18.30 -0.64
N PHE C 587 -9.80 -17.15 -0.83
CA PHE C 587 -9.32 -15.88 -0.32
C PHE C 587 -9.99 -15.48 0.98
N THR C 588 -10.83 -16.35 1.55
CA THR C 588 -11.50 -16.03 2.80
C THR C 588 -10.51 -16.05 3.96
N LEU C 589 -10.80 -15.25 4.96
CA LEU C 589 -9.98 -15.18 6.17
C LEU C 589 -10.48 -16.22 7.16
N ASP C 590 -9.56 -17.02 7.70
CA ASP C 590 -9.92 -18.01 8.70
C ASP C 590 -10.28 -17.30 10.01
N SER C 591 -11.49 -17.50 10.48
CA SER C 591 -11.98 -16.84 11.68
C SER C 591 -12.27 -17.90 12.73
N TYR C 592 -11.28 -18.22 13.54
CA TYR C 592 -11.48 -19.11 14.68
C TYR C 592 -11.82 -18.30 15.92
N THR C 593 -12.01 -19.01 17.02
CA THR C 593 -12.56 -18.40 18.22
C THR C 593 -11.91 -19.04 19.44
N TRP C 594 -11.40 -18.22 20.34
CA TRP C 594 -10.88 -18.72 21.59
C TRP C 594 -12.03 -19.17 22.49
N PRO C 595 -11.76 -20.00 23.49
CA PRO C 595 -12.81 -20.35 24.46
C PRO C 595 -13.38 -19.10 25.12
N LYS C 596 -14.68 -19.12 25.40
CA LYS C 596 -15.33 -17.88 25.81
C LYS C 596 -15.07 -17.59 27.28
N GLU C 597 -13.82 -17.72 27.69
CA GLU C 597 -13.33 -17.19 28.96
C GLU C 597 -11.93 -16.59 28.84
N ALA C 598 -11.21 -16.86 27.75
CA ALA C 598 -9.95 -16.18 27.47
C ALA C 598 -10.11 -15.05 26.48
N MET C 599 -11.26 -14.96 25.81
CA MET C 599 -11.51 -13.94 24.81
C MET C 599 -12.53 -12.90 25.28
N ASN C 600 -12.92 -12.94 26.55
CA ASN C 600 -13.89 -11.97 27.04
C ASN C 600 -13.23 -10.62 27.26
N VAL C 601 -13.96 -9.56 26.94
CA VAL C 601 -13.44 -8.21 27.06
C VAL C 601 -13.52 -7.76 28.51
N GLN C 602 -12.39 -7.35 29.06
CA GLN C 602 -12.34 -6.92 30.46
C GLN C 602 -12.92 -5.53 30.60
N THR C 603 -13.87 -5.37 31.52
CA THR C 603 -14.58 -4.12 31.71
C THR C 603 -14.30 -3.52 33.08
N VAL C 604 -13.17 -3.86 33.67
CA VAL C 604 -12.82 -3.38 35.00
C VAL C 604 -12.20 -2.00 34.93
N ARG D 49 5.67 3.80 -6.09
CA ARG D 49 4.49 3.18 -6.68
C ARG D 49 4.82 1.79 -7.22
N GLY D 50 5.78 1.71 -8.13
CA GLY D 50 6.24 0.42 -8.59
C GLY D 50 5.30 -0.20 -9.60
N TYR D 51 5.29 -1.53 -9.61
CA TYR D 51 4.51 -2.28 -10.59
C TYR D 51 3.04 -1.88 -10.59
N ASP D 52 2.55 -1.32 -9.48
CA ASP D 52 1.14 -0.95 -9.40
C ASP D 52 0.81 0.28 -10.21
N VAL D 53 1.79 1.10 -10.59
CA VAL D 53 1.50 2.29 -11.38
C VAL D 53 1.35 1.97 -12.85
N THR D 54 1.69 0.75 -13.26
CA THR D 54 1.49 0.31 -14.63
C THR D 54 0.21 -0.49 -14.82
N ARG D 55 -0.40 -0.95 -13.73
CA ARG D 55 -1.71 -1.59 -13.79
C ARG D 55 -2.83 -0.61 -13.52
N ASN D 56 -2.52 0.66 -13.32
CA ASN D 56 -3.51 1.70 -13.11
C ASN D 56 -3.68 2.47 -14.40
N PRO D 57 -4.82 2.36 -15.08
CA PRO D 57 -4.97 3.01 -16.39
C PRO D 57 -4.92 4.53 -16.33
N HIS D 58 -5.23 5.14 -15.20
CA HIS D 58 -5.14 6.59 -15.08
C HIS D 58 -3.71 7.07 -14.95
N LEU D 59 -2.82 6.26 -14.41
CA LEU D 59 -1.42 6.60 -14.25
C LEU D 59 -0.53 6.00 -15.32
N ASN D 60 -0.85 4.80 -15.77
CA ASN D 60 -0.03 4.12 -16.76
C ASN D 60 0.11 4.95 -18.02
N LYS D 61 1.34 5.28 -18.38
CA LYS D 61 1.64 5.96 -19.63
C LYS D 61 2.24 5.03 -20.66
N GLY D 62 2.39 3.75 -20.34
CA GLY D 62 2.98 2.82 -21.29
C GLY D 62 4.43 3.16 -21.56
N MET D 63 4.84 3.07 -22.82
CA MET D 63 6.20 3.40 -23.23
C MET D 63 6.42 4.89 -23.33
N ALA D 64 5.48 5.70 -22.85
CA ALA D 64 5.69 7.14 -22.84
C ALA D 64 6.35 7.63 -21.56
N PHE D 65 6.45 6.77 -20.54
CA PHE D 65 7.26 7.07 -19.38
C PHE D 65 8.69 7.33 -19.82
N THR D 66 9.22 8.50 -19.47
CA THR D 66 10.61 8.76 -19.75
C THR D 66 11.50 7.89 -18.87
N LEU D 67 12.79 7.85 -19.20
CA LEU D 67 13.72 7.06 -18.39
C LEU D 67 13.76 7.57 -16.96
N GLU D 68 13.76 8.89 -16.79
CA GLU D 68 13.77 9.47 -15.45
C GLU D 68 12.51 9.11 -14.69
N GLU D 69 11.36 9.13 -15.35
CA GLU D 69 10.11 8.77 -14.68
C GLU D 69 10.10 7.30 -14.30
N ARG D 70 10.64 6.43 -15.16
CA ARG D 70 10.70 5.02 -14.82
C ARG D 70 11.62 4.78 -13.64
N LEU D 71 12.75 5.47 -13.59
CA LEU D 71 13.65 5.30 -12.46
C LEU D 71 13.04 5.83 -11.18
N GLN D 72 12.30 6.94 -11.25
CA GLN D 72 11.71 7.51 -10.05
C GLN D 72 10.47 6.76 -9.60
N LEU D 73 9.80 6.04 -10.49
CA LEU D 73 8.60 5.31 -10.12
C LEU D 73 8.87 3.87 -9.76
N GLY D 74 10.09 3.40 -9.95
CA GLY D 74 10.39 2.00 -9.67
C GLY D 74 9.78 1.05 -10.69
N ILE D 75 9.75 1.45 -11.96
CA ILE D 75 9.16 0.60 -13.00
C ILE D 75 10.13 0.44 -14.15
N HIS D 76 11.40 0.77 -13.95
CA HIS D 76 12.36 0.57 -15.02
C HIS D 76 12.58 -0.92 -15.23
N GLY D 77 12.60 -1.34 -16.49
CA GLY D 77 12.63 -2.73 -16.85
C GLY D 77 11.26 -3.30 -17.14
N LEU D 78 10.22 -2.82 -16.47
CA LEU D 78 8.88 -3.29 -16.75
C LEU D 78 8.35 -2.77 -18.08
N ILE D 79 8.95 -1.72 -18.63
CA ILE D 79 8.55 -1.15 -19.90
C ILE D 79 9.63 -1.50 -20.92
N PRO D 80 9.28 -1.77 -22.18
CA PRO D 80 10.30 -1.95 -23.19
C PRO D 80 11.18 -0.71 -23.30
N PRO D 81 12.40 -0.85 -23.81
CA PRO D 81 13.36 0.26 -23.77
C PRO D 81 13.19 1.25 -24.91
N CYS D 82 11.95 1.61 -25.23
CA CYS D 82 11.68 2.64 -26.20
C CYS D 82 10.86 3.72 -25.52
N PHE D 83 11.17 4.97 -25.82
CA PHE D 83 10.51 6.12 -25.21
C PHE D 83 9.70 6.81 -26.29
N LEU D 84 8.39 6.69 -26.21
CA LEU D 84 7.50 7.21 -27.23
C LEU D 84 6.82 8.49 -26.76
N SER D 85 6.29 9.22 -27.73
CA SER D 85 5.34 10.30 -27.49
C SER D 85 3.93 9.73 -27.58
N GLN D 86 2.96 10.50 -27.08
CA GLN D 86 1.58 10.07 -27.25
C GLN D 86 1.19 10.02 -28.73
N ASP D 87 1.92 10.74 -29.59
CA ASP D 87 1.67 10.66 -31.02
C ASP D 87 2.05 9.28 -31.56
N VAL D 88 3.20 8.76 -31.16
CA VAL D 88 3.63 7.45 -31.66
C VAL D 88 2.75 6.35 -31.08
N GLN D 89 2.35 6.48 -29.82
CA GLN D 89 1.40 5.53 -29.27
C GLN D 89 0.07 5.59 -30.01
N LEU D 90 -0.37 6.80 -30.35
CA LEU D 90 -1.59 6.95 -31.12
C LEU D 90 -1.46 6.27 -32.48
N LEU D 91 -0.30 6.40 -33.11
CA LEU D 91 -0.07 5.76 -34.39
C LEU D 91 -0.12 4.24 -34.26
N ARG D 92 0.48 3.69 -33.21
CA ARG D 92 0.41 2.25 -33.01
C ARG D 92 -1.03 1.80 -32.81
N ILE D 93 -1.77 2.50 -31.97
CA ILE D 93 -3.16 2.13 -31.70
C ILE D 93 -3.98 2.22 -32.97
N MET D 94 -3.74 3.24 -33.79
CA MET D 94 -4.51 3.41 -35.02
C MET D 94 -4.17 2.32 -36.03
N ARG D 95 -2.89 1.98 -36.16
CA ARG D 95 -2.51 0.93 -37.09
C ARG D 95 -3.10 -0.41 -36.67
N TYR D 96 -3.19 -0.66 -35.37
CA TYR D 96 -3.81 -1.91 -34.93
C TYR D 96 -5.33 -1.83 -35.01
N TYR D 97 -5.89 -0.63 -34.95
CA TYR D 97 -7.33 -0.41 -34.95
C TYR D 97 -7.92 -0.56 -36.34
N GLU D 98 -7.24 -0.02 -37.36
CA GLU D 98 -7.74 -0.10 -38.72
C GLU D 98 -7.70 -1.51 -39.29
N ARG D 99 -6.98 -2.42 -38.63
CA ARG D 99 -6.87 -3.79 -39.09
C ARG D 99 -8.02 -4.67 -38.62
N GLN D 100 -9.08 -4.08 -38.07
CA GLN D 100 -10.27 -4.85 -37.73
C GLN D 100 -11.34 -4.63 -38.78
N GLN D 101 -12.25 -5.60 -38.88
CA GLN D 101 -13.32 -5.57 -39.87
C GLN D 101 -14.67 -5.18 -39.27
N SER D 102 -15.06 -5.83 -38.18
CA SER D 102 -16.33 -5.51 -37.55
C SER D 102 -16.15 -4.39 -36.53
N ASP D 103 -17.21 -3.60 -36.35
CA ASP D 103 -17.16 -2.51 -35.39
C ASP D 103 -17.05 -3.03 -33.96
N LEU D 104 -17.51 -4.25 -33.71
CA LEU D 104 -17.36 -4.83 -32.38
C LEU D 104 -15.90 -5.06 -32.05
N ASP D 105 -15.09 -5.44 -33.03
CA ASP D 105 -13.66 -5.60 -32.79
C ASP D 105 -13.02 -4.27 -32.45
N LYS D 106 -13.42 -3.20 -33.13
CA LYS D 106 -12.89 -1.88 -32.83
C LYS D 106 -13.32 -1.42 -31.45
N TYR D 107 -14.56 -1.69 -31.08
CA TYR D 107 -15.04 -1.40 -29.74
C TYR D 107 -14.21 -2.13 -28.69
N ILE D 108 -13.92 -3.40 -28.94
CA ILE D 108 -13.13 -4.18 -27.99
C ILE D 108 -11.71 -3.62 -27.90
N ILE D 109 -11.14 -3.22 -29.03
CA ILE D 109 -9.81 -2.61 -29.01
C ILE D 109 -9.82 -1.35 -28.16
N LEU D 110 -10.80 -0.48 -28.39
CA LEU D 110 -10.85 0.78 -27.64
C LEU D 110 -11.09 0.54 -26.16
N MET D 111 -11.90 -0.45 -25.82
CA MET D 111 -12.17 -0.71 -24.41
C MET D 111 -10.96 -1.30 -23.70
N THR D 112 -10.22 -2.18 -24.39
CA THR D 112 -8.97 -2.65 -23.81
C THR D 112 -7.97 -1.51 -23.66
N LEU D 113 -7.92 -0.60 -24.63
CA LEU D 113 -7.03 0.55 -24.51
C LEU D 113 -7.43 1.42 -23.33
N GLN D 114 -8.73 1.54 -23.08
CA GLN D 114 -9.19 2.29 -21.91
C GLN D 114 -8.76 1.61 -20.62
N ASP D 115 -8.83 0.28 -20.58
CA ASP D 115 -8.37 -0.43 -19.39
C ASP D 115 -6.85 -0.38 -19.25
N ARG D 116 -6.12 -0.10 -20.32
CA ARG D 116 -4.66 -0.05 -20.24
C ARG D 116 -4.14 1.36 -19.96
N ASN D 117 -4.46 2.30 -20.84
CA ASN D 117 -3.90 3.65 -20.79
C ASN D 117 -5.04 4.61 -21.09
N GLU D 118 -5.59 5.23 -20.04
CA GLU D 118 -6.77 6.06 -20.22
C GLU D 118 -6.46 7.35 -20.94
N LYS D 119 -5.31 7.95 -20.68
CA LYS D 119 -4.97 9.17 -21.39
C LYS D 119 -4.76 8.90 -22.87
N LEU D 120 -4.19 7.75 -23.22
CA LEU D 120 -4.11 7.38 -24.63
C LEU D 120 -5.48 7.01 -25.18
N PHE D 121 -6.35 6.45 -24.36
CA PHE D 121 -7.70 6.15 -24.82
C PHE D 121 -8.43 7.43 -25.22
N TYR D 122 -8.37 8.45 -24.37
CA TYR D 122 -9.03 9.70 -24.69
C TYR D 122 -8.29 10.50 -25.73
N ARG D 123 -6.98 10.28 -25.88
CA ARG D 123 -6.29 10.82 -27.04
C ARG D 123 -6.82 10.21 -28.33
N VAL D 124 -7.07 8.90 -28.32
CA VAL D 124 -7.68 8.25 -29.48
C VAL D 124 -9.06 8.85 -29.75
N LEU D 125 -9.88 8.96 -28.71
CA LEU D 125 -11.24 9.47 -28.90
C LEU D 125 -11.23 10.91 -29.43
N THR D 126 -10.61 11.83 -28.69
CA THR D 126 -10.54 13.22 -29.13
C THR D 126 -9.70 13.40 -30.37
N SER D 127 -9.01 12.35 -30.85
CA SER D 127 -8.27 12.46 -32.10
C SER D 127 -9.20 12.74 -33.26
N ASP D 128 -10.27 11.94 -33.38
CA ASP D 128 -11.34 12.22 -34.33
C ASP D 128 -12.63 11.72 -33.67
N VAL D 129 -13.29 12.62 -32.96
CA VAL D 129 -14.43 12.21 -32.13
C VAL D 129 -15.61 11.83 -32.99
N GLU D 130 -15.69 12.35 -34.21
CA GLU D 130 -16.82 12.03 -35.08
C GLU D 130 -16.76 10.59 -35.56
N LYS D 131 -15.58 9.98 -35.61
CA LYS D 131 -15.46 8.60 -36.03
C LYS D 131 -15.38 7.60 -34.88
N PHE D 132 -15.13 8.06 -33.66
CA PHE D 132 -15.07 7.17 -32.51
C PHE D 132 -16.29 7.25 -31.62
N MET D 133 -17.10 8.30 -31.75
CA MET D 133 -18.37 8.33 -31.06
C MET D 133 -19.30 7.20 -31.52
N PRO D 134 -19.40 6.84 -32.81
CA PRO D 134 -20.23 5.69 -33.17
C PRO D 134 -19.72 4.37 -32.64
N ILE D 135 -18.45 4.28 -32.26
CA ILE D 135 -17.88 3.03 -31.79
C ILE D 135 -17.99 2.89 -30.28
N VAL D 136 -17.59 3.92 -29.54
CA VAL D 136 -17.61 3.84 -28.09
C VAL D 136 -19.03 3.94 -27.57
N TYR D 137 -19.89 4.66 -28.26
CA TYR D 137 -21.28 4.81 -27.87
C TYR D 137 -22.15 4.39 -29.05
N THR D 138 -23.45 4.70 -28.97
CA THR D 138 -24.41 4.26 -29.98
C THR D 138 -23.89 4.56 -31.38
N PRO D 139 -24.09 3.68 -32.36
CA PRO D 139 -24.85 2.43 -32.23
C PRO D 139 -24.03 1.20 -31.86
N THR D 140 -22.70 1.28 -31.88
CA THR D 140 -21.88 0.09 -31.69
C THR D 140 -21.98 -0.45 -30.28
N VAL D 141 -22.09 0.43 -29.28
CA VAL D 141 -22.22 -0.02 -27.91
C VAL D 141 -23.46 -0.87 -27.73
N GLY D 142 -24.45 -0.71 -28.60
CA GLY D 142 -25.65 -1.54 -28.48
C GLY D 142 -25.37 -3.00 -28.81
N LEU D 143 -24.78 -3.26 -29.97
CA LEU D 143 -24.41 -4.62 -30.32
C LEU D 143 -23.32 -5.15 -29.39
N ALA D 144 -22.53 -4.26 -28.81
CA ALA D 144 -21.59 -4.67 -27.78
C ALA D 144 -22.31 -5.22 -26.56
N CYS D 145 -23.30 -4.48 -26.06
CA CYS D 145 -24.08 -4.93 -24.91
C CYS D 145 -24.89 -6.17 -25.24
N GLN D 146 -25.32 -6.32 -26.49
CA GLN D 146 -26.04 -7.52 -26.89
C GLN D 146 -25.17 -8.76 -26.74
N HIS D 147 -23.89 -8.63 -27.09
CA HIS D 147 -22.91 -9.70 -26.97
C HIS D 147 -21.86 -9.37 -25.92
N TYR D 148 -22.32 -8.81 -24.80
CA TYR D 148 -21.40 -8.38 -23.76
C TYR D 148 -20.68 -9.56 -23.13
N GLY D 149 -21.44 -10.48 -22.54
CA GLY D 149 -20.82 -11.60 -21.84
C GLY D 149 -19.96 -12.46 -22.74
N LEU D 150 -20.24 -12.44 -24.05
CA LEU D 150 -19.44 -13.20 -25.00
C LEU D 150 -18.01 -12.70 -25.03
N THR D 151 -17.84 -11.40 -25.29
CA THR D 151 -16.53 -10.78 -25.36
C THR D 151 -16.10 -10.17 -24.03
N PHE D 152 -16.89 -10.38 -22.98
CA PHE D 152 -16.59 -9.79 -21.68
C PHE D 152 -15.30 -10.37 -21.12
N ARG D 153 -14.31 -9.51 -20.94
CA ARG D 153 -13.03 -9.94 -20.41
C ARG D 153 -12.68 -9.21 -19.13
N ARG D 154 -12.84 -7.89 -19.10
CA ARG D 154 -12.48 -7.13 -17.90
C ARG D 154 -13.70 -6.37 -17.39
N PRO D 155 -14.10 -6.58 -16.14
CA PRO D 155 -15.28 -5.86 -15.62
C PRO D 155 -14.97 -4.38 -15.42
N ARG D 156 -15.87 -3.55 -15.89
CA ARG D 156 -15.76 -2.10 -15.81
C ARG D 156 -16.99 -1.56 -15.09
N GLY D 157 -16.78 -0.54 -14.26
CA GLY D 157 -17.89 0.08 -13.56
C GLY D 157 -18.19 -0.57 -12.22
N LEU D 158 -19.40 -0.33 -11.75
CA LEU D 158 -19.84 -0.75 -10.42
C LEU D 158 -21.21 -1.40 -10.54
N PHE D 159 -21.31 -2.65 -10.14
CA PHE D 159 -22.54 -3.43 -10.26
C PHE D 159 -23.20 -3.50 -8.89
N ILE D 160 -24.34 -2.82 -8.74
CA ILE D 160 -25.07 -2.78 -7.48
C ILE D 160 -26.41 -3.45 -7.71
N THR D 161 -26.71 -4.47 -6.92
CA THR D 161 -27.90 -5.27 -7.17
C THR D 161 -28.99 -4.94 -6.18
N ILE D 162 -30.15 -5.58 -6.37
CA ILE D 162 -31.26 -5.39 -5.44
C ILE D 162 -30.98 -6.07 -4.11
N HIS D 163 -30.23 -7.16 -4.13
CA HIS D 163 -29.91 -7.91 -2.91
C HIS D 163 -28.85 -7.25 -2.07
N ASP D 164 -28.40 -6.07 -2.44
CA ASP D 164 -27.42 -5.32 -1.69
C ASP D 164 -28.04 -4.20 -0.87
N LYS D 165 -29.37 -4.16 -0.76
CA LYS D 165 -30.03 -3.08 -0.06
C LYS D 165 -29.59 -3.03 1.39
N GLY D 166 -29.08 -1.88 1.81
CA GLY D 166 -28.56 -1.69 3.14
C GLY D 166 -27.06 -1.60 3.19
N HIS D 167 -26.36 -2.02 2.14
CA HIS D 167 -24.91 -2.10 2.13
C HIS D 167 -24.32 -1.44 0.90
N LEU D 168 -24.99 -0.42 0.37
CA LEU D 168 -24.48 0.26 -0.81
C LEU D 168 -23.29 1.17 -0.48
N ALA D 169 -23.17 1.62 0.77
CA ALA D 169 -22.01 2.43 1.13
C ALA D 169 -20.72 1.65 0.97
N THR D 170 -20.72 0.37 1.38
CA THR D 170 -19.53 -0.45 1.23
C THR D 170 -19.20 -0.68 -0.24
N MET D 171 -20.21 -0.99 -1.05
CA MET D 171 -19.97 -1.20 -2.47
C MET D 171 -19.46 0.06 -3.14
N LEU D 172 -19.91 1.22 -2.70
CA LEU D 172 -19.32 2.46 -3.20
C LEU D 172 -17.88 2.62 -2.72
N ASN D 173 -17.59 2.09 -1.53
CA ASN D 173 -16.21 2.09 -1.05
C ASN D 173 -15.32 1.14 -1.84
N SER D 174 -15.91 0.17 -2.54
CA SER D 174 -15.11 -0.70 -3.39
C SER D 174 -14.47 0.05 -4.54
N TRP D 175 -15.08 1.14 -4.98
CA TRP D 175 -14.54 1.90 -6.10
C TRP D 175 -13.22 2.55 -5.70
N PRO D 176 -12.18 2.47 -6.53
CA PRO D 176 -10.88 3.02 -6.12
C PRO D 176 -10.91 4.52 -5.88
N GLU D 177 -11.40 5.29 -6.84
CA GLU D 177 -11.42 6.74 -6.69
C GLU D 177 -12.50 7.17 -5.71
N ASP D 178 -12.15 8.12 -4.84
CA ASP D 178 -13.07 8.62 -3.84
C ASP D 178 -13.52 10.04 -4.10
N ASN D 179 -12.93 10.73 -5.09
CA ASN D 179 -13.38 12.06 -5.47
C ASN D 179 -14.18 11.93 -6.77
N ILE D 180 -15.45 11.60 -6.62
CA ILE D 180 -16.33 11.33 -7.75
C ILE D 180 -17.29 12.50 -7.90
N LYS D 181 -17.39 13.03 -9.11
CA LYS D 181 -18.29 14.13 -9.44
C LYS D 181 -19.49 13.69 -10.24
N ALA D 182 -19.32 12.83 -11.24
CA ALA D 182 -20.39 12.36 -12.09
C ALA D 182 -20.64 10.88 -11.84
N VAL D 183 -21.90 10.48 -11.95
CA VAL D 183 -22.31 9.09 -11.78
C VAL D 183 -23.39 8.83 -12.82
N VAL D 184 -23.09 7.99 -13.81
CA VAL D 184 -24.06 7.59 -14.81
C VAL D 184 -24.57 6.22 -14.40
N VAL D 185 -25.70 6.19 -13.73
CA VAL D 185 -26.33 4.93 -13.35
C VAL D 185 -27.24 4.49 -14.47
N THR D 186 -27.35 3.18 -14.66
CA THR D 186 -28.25 2.62 -15.64
C THR D 186 -29.02 1.48 -15.01
N ASP D 187 -30.16 1.15 -15.62
CA ASP D 187 -31.02 0.10 -15.12
C ASP D 187 -31.01 -1.13 -16.02
N GLY D 188 -30.71 -0.94 -17.30
CA GLY D 188 -30.72 -2.01 -18.25
C GLY D 188 -32.07 -2.37 -18.82
N GLU D 189 -33.12 -1.63 -18.48
CA GLU D 189 -34.47 -2.05 -18.85
C GLU D 189 -34.82 -1.62 -20.27
N ARG D 190 -34.22 -0.54 -20.76
CA ARG D 190 -34.54 -0.03 -22.09
C ARG D 190 -33.27 0.59 -22.66
N ILE D 191 -32.51 -0.21 -23.39
CA ILE D 191 -31.21 0.22 -23.92
C ILE D 191 -31.33 0.33 -25.42
N LEU D 192 -31.23 1.55 -25.93
CA LEU D 192 -31.00 1.82 -27.35
C LEU D 192 -32.04 1.14 -28.23
N GLY D 193 -33.25 1.02 -27.70
CA GLY D 193 -34.29 0.29 -28.40
C GLY D 193 -34.07 -1.19 -28.52
N LEU D 194 -32.93 -1.70 -28.06
CA LEU D 194 -32.72 -3.14 -28.01
C LEU D 194 -33.54 -3.80 -26.93
N GLY D 195 -34.04 -3.01 -25.97
CA GLY D 195 -34.89 -3.53 -24.94
C GLY D 195 -34.13 -3.91 -23.68
N ASP D 196 -34.71 -4.81 -22.90
CA ASP D 196 -34.12 -5.23 -21.64
C ASP D 196 -32.84 -6.03 -21.88
N LEU D 197 -31.70 -5.43 -21.62
CA LEU D 197 -30.44 -6.15 -21.68
C LEU D 197 -29.92 -6.52 -20.30
N GLY D 198 -30.57 -6.07 -19.25
CA GLY D 198 -30.13 -6.44 -17.91
C GLY D 198 -28.72 -5.98 -17.65
N CYS D 199 -27.97 -6.80 -16.92
CA CYS D 199 -26.62 -6.45 -16.51
C CYS D 199 -25.66 -6.36 -17.68
N TYR D 200 -26.05 -6.81 -18.87
CA TYR D 200 -25.25 -6.56 -20.05
C TYR D 200 -25.15 -5.09 -20.38
N GLY D 201 -26.05 -4.27 -19.84
CA GLY D 201 -26.09 -2.86 -20.15
C GLY D 201 -24.95 -2.03 -19.59
N MET D 202 -23.97 -2.65 -18.94
CA MET D 202 -22.89 -1.87 -18.35
C MET D 202 -22.07 -1.13 -19.40
N GLY D 203 -22.11 -1.57 -20.65
CA GLY D 203 -21.43 -0.82 -21.68
C GLY D 203 -22.01 0.55 -21.93
N ILE D 204 -23.26 0.77 -21.53
CA ILE D 204 -23.93 2.04 -21.82
C ILE D 204 -23.44 3.15 -20.90
N PRO D 205 -23.45 3.00 -19.57
CA PRO D 205 -22.83 4.06 -18.75
C PRO D 205 -21.36 4.25 -19.07
N VAL D 206 -20.58 3.17 -19.06
CA VAL D 206 -19.16 3.27 -19.39
C VAL D 206 -18.98 4.02 -20.69
N GLY D 207 -19.58 3.53 -21.76
CA GLY D 207 -19.49 4.23 -23.04
C GLY D 207 -19.92 5.67 -22.93
N LYS D 208 -21.06 5.92 -22.27
CA LYS D 208 -21.53 7.29 -22.14
C LYS D 208 -20.53 8.15 -21.38
N LEU D 209 -19.91 7.59 -20.36
CA LEU D 209 -18.95 8.37 -19.59
C LEU D 209 -17.75 8.75 -20.45
N ALA D 210 -17.41 7.93 -21.43
CA ALA D 210 -16.36 8.33 -22.36
C ALA D 210 -16.72 9.62 -23.06
N LEU D 211 -17.99 9.73 -23.48
CA LEU D 211 -18.45 10.97 -24.11
C LEU D 211 -18.45 12.13 -23.13
N TYR D 212 -18.55 11.86 -21.83
CA TYR D 212 -18.40 12.94 -20.86
C TYR D 212 -17.02 13.57 -20.97
N THR D 213 -16.02 12.74 -21.23
CA THR D 213 -14.64 13.19 -21.24
C THR D 213 -14.12 13.49 -22.63
N ALA D 214 -14.46 12.67 -23.61
CA ALA D 214 -14.02 12.94 -24.98
C ALA D 214 -14.75 14.15 -25.54
N CYS D 215 -16.08 14.17 -25.41
CA CYS D 215 -16.86 15.28 -25.96
C CYS D 215 -16.76 16.51 -25.07
N GLY D 216 -17.13 16.38 -23.81
CA GLY D 216 -16.97 17.47 -22.87
C GLY D 216 -15.54 17.62 -22.42
N GLY D 217 -15.32 17.75 -21.13
CA GLY D 217 -13.98 17.74 -20.60
C GLY D 217 -13.92 17.13 -19.22
N VAL D 218 -14.94 16.35 -18.86
CA VAL D 218 -15.05 15.81 -17.52
C VAL D 218 -13.88 14.87 -17.25
N ASN D 219 -13.15 15.14 -16.18
CA ASN D 219 -12.05 14.31 -15.73
C ASN D 219 -12.56 12.88 -15.54
N PRO D 220 -12.11 11.92 -16.34
CA PRO D 220 -12.69 10.57 -16.28
C PRO D 220 -12.46 9.89 -14.96
N GLN D 221 -11.46 10.33 -14.20
CA GLN D 221 -11.17 9.79 -12.89
C GLN D 221 -12.20 10.19 -11.85
N GLN D 222 -13.04 11.18 -12.16
CA GLN D 222 -14.13 11.61 -11.29
C GLN D 222 -15.48 11.05 -11.71
N CYS D 223 -15.50 10.09 -12.63
CA CYS D 223 -16.72 9.54 -13.17
C CYS D 223 -16.87 8.09 -12.76
N LEU D 224 -18.07 7.71 -12.36
CA LEU D 224 -18.34 6.36 -11.88
C LEU D 224 -19.54 5.78 -12.61
N PRO D 225 -19.37 4.75 -13.44
CA PRO D 225 -20.53 4.12 -14.10
C PRO D 225 -21.14 3.06 -13.22
N VAL D 226 -22.44 3.15 -12.96
CA VAL D 226 -23.12 2.20 -12.10
C VAL D 226 -24.16 1.46 -12.93
N LEU D 227 -24.38 0.20 -12.58
CA LEU D 227 -25.49 -0.57 -13.12
C LEU D 227 -26.28 -1.14 -11.95
N LEU D 228 -27.55 -0.77 -11.87
CA LEU D 228 -28.45 -1.28 -10.84
C LEU D 228 -29.11 -2.54 -11.39
N ASP D 229 -28.62 -3.69 -10.98
CA ASP D 229 -29.11 -4.98 -11.44
C ASP D 229 -30.24 -5.44 -10.53
N VAL D 230 -31.47 -5.22 -10.98
CA VAL D 230 -32.65 -5.70 -10.28
C VAL D 230 -33.20 -6.96 -10.92
N GLY D 231 -32.41 -7.65 -11.72
CA GLY D 231 -32.86 -8.77 -12.51
C GLY D 231 -33.01 -8.40 -13.97
N THR D 232 -33.73 -9.24 -14.70
CA THR D 232 -34.04 -8.94 -16.08
C THR D 232 -35.27 -9.71 -16.50
N ASN D 233 -36.03 -9.13 -17.41
CA ASN D 233 -37.19 -9.80 -18.00
C ASN D 233 -36.88 -10.40 -19.35
N ASN D 234 -35.67 -10.18 -19.87
CA ASN D 234 -35.25 -10.78 -21.12
C ASN D 234 -35.06 -12.28 -20.90
N GLU D 235 -36.01 -13.08 -21.38
CA GLU D 235 -35.91 -14.53 -21.21
C GLU D 235 -34.71 -15.11 -21.93
N GLU D 236 -34.23 -14.43 -22.99
CA GLU D 236 -33.02 -14.88 -23.66
C GLU D 236 -31.81 -14.84 -22.74
N LEU D 237 -31.75 -13.85 -21.84
CA LEU D 237 -30.65 -13.75 -20.91
C LEU D 237 -30.86 -14.58 -19.64
N LEU D 238 -32.11 -14.93 -19.32
CA LEU D 238 -32.35 -15.76 -18.16
C LEU D 238 -31.88 -17.19 -18.36
N ARG D 239 -31.65 -17.62 -19.60
CA ARG D 239 -31.16 -18.94 -19.89
C ARG D 239 -29.77 -18.94 -20.53
N ASP D 240 -29.27 -17.79 -20.94
CA ASP D 240 -27.93 -17.68 -21.49
C ASP D 240 -26.90 -18.02 -20.42
N PRO D 241 -26.11 -19.08 -20.60
CA PRO D 241 -25.09 -19.39 -19.59
C PRO D 241 -23.98 -18.36 -19.51
N LEU D 242 -23.80 -17.55 -20.54
CA LEU D 242 -22.80 -16.51 -20.54
C LEU D 242 -23.33 -15.19 -19.99
N TYR D 243 -24.52 -15.17 -19.41
CA TYR D 243 -25.12 -13.94 -18.93
C TYR D 243 -24.48 -13.56 -17.60
N ILE D 244 -23.77 -12.44 -17.59
CA ILE D 244 -23.09 -11.97 -16.38
C ILE D 244 -24.08 -11.10 -15.64
N GLY D 245 -25.07 -11.74 -15.04
CA GLY D 245 -26.18 -11.00 -14.50
C GLY D 245 -26.82 -11.73 -13.35
N LEU D 246 -28.05 -11.33 -13.05
CA LEU D 246 -28.66 -11.76 -11.81
C LEU D 246 -29.67 -12.88 -12.01
N LYS D 247 -30.22 -13.03 -13.21
CA LYS D 247 -30.93 -14.24 -13.64
C LYS D 247 -32.20 -14.51 -12.85
N HIS D 248 -32.97 -13.48 -12.55
CA HIS D 248 -34.36 -13.63 -12.13
C HIS D 248 -35.12 -12.44 -12.71
N GLN D 249 -36.45 -12.48 -12.58
CA GLN D 249 -37.24 -11.41 -13.15
C GLN D 249 -37.02 -10.11 -12.39
N ARG D 250 -37.37 -9.00 -13.03
CA ARG D 250 -37.14 -7.68 -12.44
C ARG D 250 -37.84 -7.56 -11.11
N VAL D 251 -37.11 -7.04 -10.12
CA VAL D 251 -37.74 -6.61 -8.88
C VAL D 251 -38.34 -5.23 -9.12
N HIS D 252 -39.64 -5.11 -8.91
CA HIS D 252 -40.34 -3.85 -9.10
C HIS D 252 -41.20 -3.58 -7.87
N GLY D 253 -41.77 -2.39 -7.82
CA GLY D 253 -42.57 -2.01 -6.67
C GLY D 253 -41.77 -1.22 -5.67
N LYS D 254 -42.05 -1.41 -4.38
CA LYS D 254 -41.38 -0.62 -3.36
C LYS D 254 -39.95 -1.06 -3.10
N ALA D 255 -39.62 -2.33 -3.40
CA ALA D 255 -38.25 -2.78 -3.22
C ALA D 255 -37.31 -2.06 -4.17
N TYR D 256 -37.72 -1.93 -5.44
CA TYR D 256 -36.91 -1.21 -6.42
C TYR D 256 -36.79 0.26 -6.05
N ASP D 257 -37.89 0.86 -5.60
CA ASP D 257 -37.87 2.27 -5.24
C ASP D 257 -36.97 2.51 -4.03
N ASP D 258 -37.02 1.63 -3.04
CA ASP D 258 -36.13 1.76 -1.89
C ASP D 258 -34.68 1.55 -2.30
N LEU D 259 -34.43 0.63 -3.23
CA LEU D 259 -33.07 0.45 -3.72
C LEU D 259 -32.53 1.72 -4.35
N LEU D 260 -33.35 2.38 -5.17
CA LEU D 260 -32.86 3.61 -5.81
C LEU D 260 -32.76 4.77 -4.82
N ASP D 261 -33.70 4.85 -3.86
CA ASP D 261 -33.58 5.85 -2.80
C ASP D 261 -32.27 5.69 -2.06
N GLU D 262 -31.95 4.47 -1.64
CA GLU D 262 -30.71 4.22 -0.94
C GLU D 262 -29.51 4.45 -1.84
N PHE D 263 -29.64 4.19 -3.14
CA PHE D 263 -28.51 4.45 -4.04
C PHE D 263 -28.20 5.93 -4.09
N MET D 264 -29.21 6.77 -4.25
CA MET D 264 -28.98 8.21 -4.27
C MET D 264 -28.45 8.68 -2.93
N GLN D 265 -29.03 8.20 -1.84
CA GLN D 265 -28.58 8.59 -0.51
C GLN D 265 -27.12 8.21 -0.29
N ALA D 266 -26.72 7.01 -0.71
CA ALA D 266 -25.36 6.54 -0.48
C ALA D 266 -24.37 7.24 -1.39
N VAL D 267 -24.74 7.49 -2.64
CA VAL D 267 -23.85 8.20 -3.57
C VAL D 267 -23.60 9.60 -3.05
N THR D 268 -24.62 10.27 -2.55
CA THR D 268 -24.42 11.62 -2.05
C THR D 268 -23.80 11.64 -0.67
N ASP D 269 -23.96 10.58 0.12
CA ASP D 269 -23.24 10.48 1.37
C ASP D 269 -21.75 10.35 1.15
N LYS D 270 -21.34 9.50 0.21
CA LYS D 270 -19.91 9.30 0.01
C LYS D 270 -19.27 10.39 -0.84
N PHE D 271 -19.94 10.84 -1.90
CA PHE D 271 -19.35 11.77 -2.84
C PHE D 271 -19.89 13.18 -2.73
N GLY D 272 -20.87 13.43 -1.88
CA GLY D 272 -21.38 14.78 -1.70
C GLY D 272 -22.69 15.02 -2.39
N ILE D 273 -23.41 16.06 -1.97
CA ILE D 273 -24.69 16.38 -2.59
C ILE D 273 -24.49 16.97 -3.97
N ASN D 274 -23.27 17.40 -4.29
CA ASN D 274 -22.98 17.99 -5.59
C ASN D 274 -22.66 16.95 -6.65
N CYS D 275 -22.61 15.67 -6.28
CA CYS D 275 -22.34 14.62 -7.24
C CYS D 275 -23.44 14.56 -8.30
N LEU D 276 -23.08 14.90 -9.53
CA LEU D 276 -24.04 14.83 -10.63
C LEU D 276 -24.38 13.38 -10.92
N ILE D 277 -25.67 13.06 -10.94
CA ILE D 277 -26.14 11.70 -11.15
C ILE D 277 -27.01 11.71 -12.38
N GLN D 278 -26.56 11.06 -13.44
CA GLN D 278 -27.33 10.95 -14.67
C GLN D 278 -27.98 9.58 -14.74
N PHE D 279 -29.30 9.58 -14.86
CA PHE D 279 -30.04 8.34 -15.09
C PHE D 279 -30.09 8.06 -16.57
N GLU D 280 -29.90 6.80 -16.94
CA GLU D 280 -29.75 6.47 -18.35
C GLU D 280 -30.39 5.12 -18.63
N ASP D 281 -31.24 5.09 -19.65
CA ASP D 281 -31.83 3.85 -20.16
C ASP D 281 -32.64 3.13 -19.09
N PHE D 282 -33.55 3.87 -18.47
CA PHE D 282 -34.58 3.31 -17.60
C PHE D 282 -35.86 3.15 -18.40
N ALA D 283 -36.79 2.36 -17.85
CA ALA D 283 -38.09 2.23 -18.48
C ALA D 283 -38.84 3.55 -18.41
N ASN D 284 -39.71 3.77 -19.41
CA ASN D 284 -40.44 5.04 -19.51
C ASN D 284 -41.09 5.44 -18.19
N ALA D 285 -41.90 4.53 -17.63
CA ALA D 285 -42.51 4.78 -16.34
C ALA D 285 -41.47 5.14 -15.29
N ASN D 286 -40.47 4.28 -15.12
CA ASN D 286 -39.43 4.52 -14.13
C ASN D 286 -38.63 5.77 -14.48
N ALA D 287 -38.29 5.96 -15.75
CA ALA D 287 -37.53 7.14 -16.14
C ALA D 287 -38.21 8.41 -15.64
N PHE D 288 -39.47 8.61 -16.04
CA PHE D 288 -40.14 9.85 -15.67
C PHE D 288 -40.42 9.92 -14.17
N ARG D 289 -40.79 8.80 -13.56
CA ARG D 289 -41.11 8.79 -12.14
C ARG D 289 -39.90 9.18 -11.31
N LEU D 290 -38.76 8.57 -11.58
CA LEU D 290 -37.56 8.89 -10.81
C LEU D 290 -37.01 10.26 -11.17
N LEU D 291 -37.20 10.70 -12.41
CA LEU D 291 -36.81 12.07 -12.75
C LEU D 291 -37.57 13.07 -11.91
N ASN D 292 -38.89 12.92 -11.82
CA ASN D 292 -39.67 13.84 -11.01
C ASN D 292 -39.45 13.62 -9.52
N LYS D 293 -38.99 12.45 -9.12
CA LYS D 293 -38.74 12.19 -7.70
C LYS D 293 -37.45 12.84 -7.22
N TYR D 294 -36.33 12.58 -7.90
CA TYR D 294 -35.04 13.12 -7.49
C TYR D 294 -34.64 14.35 -8.28
N ARG D 295 -35.61 15.00 -8.94
CA ARG D 295 -35.30 16.22 -9.69
C ARG D 295 -34.70 17.28 -8.79
N ASN D 296 -35.35 17.56 -7.66
CA ASN D 296 -35.00 18.66 -6.79
C ASN D 296 -34.37 18.23 -5.49
N LYS D 297 -34.14 16.94 -5.30
CA LYS D 297 -33.42 16.48 -4.12
C LYS D 297 -31.91 16.40 -4.36
N TYR D 298 -31.52 15.92 -5.53
CA TYR D 298 -30.12 15.71 -5.87
C TYR D 298 -29.81 16.42 -7.19
N CYS D 299 -28.53 16.39 -7.55
CA CYS D 299 -28.12 16.92 -8.84
C CYS D 299 -28.35 15.89 -9.93
N MET D 300 -29.59 15.40 -10.02
CA MET D 300 -29.94 14.34 -10.94
C MET D 300 -30.44 14.91 -12.25
N PHE D 301 -30.12 14.24 -13.35
CA PHE D 301 -30.82 14.50 -14.59
C PHE D 301 -30.86 13.23 -15.43
N ASN D 302 -31.87 13.15 -16.28
CA ASN D 302 -32.09 12.01 -17.15
C ASN D 302 -31.92 12.46 -18.59
N ASP D 303 -30.90 11.94 -19.27
CA ASP D 303 -30.58 12.43 -20.60
C ASP D 303 -31.50 11.89 -21.68
N ASP D 304 -32.09 10.71 -21.47
CA ASP D 304 -33.08 10.24 -22.42
C ASP D 304 -34.29 11.14 -22.48
N ILE D 305 -34.66 11.75 -21.35
CA ILE D 305 -35.81 12.62 -21.28
C ILE D 305 -35.44 14.06 -21.57
N GLN D 306 -34.34 14.55 -20.99
CA GLN D 306 -33.99 15.96 -21.06
C GLN D 306 -32.93 16.28 -22.09
N GLY D 307 -31.97 15.40 -22.32
CA GLY D 307 -31.01 15.64 -23.38
C GLY D 307 -31.64 15.54 -24.76
N THR D 308 -32.55 14.58 -24.94
CA THR D 308 -33.32 14.50 -26.18
C THR D 308 -34.09 15.78 -26.42
N ALA D 309 -34.81 16.25 -25.40
CA ALA D 309 -35.57 17.48 -25.51
C ALA D 309 -34.66 18.65 -25.87
N SER D 310 -33.52 18.75 -25.18
CA SER D 310 -32.63 19.87 -25.42
C SER D 310 -32.10 19.86 -26.84
N VAL D 311 -31.70 18.69 -27.35
CA VAL D 311 -31.11 18.67 -28.68
C VAL D 311 -32.18 18.87 -29.75
N ALA D 312 -33.40 18.35 -29.54
CA ALA D 312 -34.46 18.59 -30.51
C ALA D 312 -34.84 20.06 -30.56
N VAL D 313 -34.99 20.69 -29.40
CA VAL D 313 -35.33 22.10 -29.37
C VAL D 313 -34.18 22.94 -29.91
N ALA D 314 -32.94 22.50 -29.73
CA ALA D 314 -31.81 23.20 -30.33
C ALA D 314 -31.90 23.16 -31.84
N GLY D 315 -32.24 21.99 -32.40
CA GLY D 315 -32.43 21.90 -33.83
C GLY D 315 -33.56 22.80 -34.32
N ILE D 316 -34.66 22.85 -33.56
CA ILE D 316 -35.79 23.69 -33.98
C ILE D 316 -35.41 25.16 -33.95
N LEU D 317 -34.74 25.60 -32.89
CA LEU D 317 -34.31 26.98 -32.82
C LEU D 317 -33.29 27.32 -33.90
N ALA D 318 -32.48 26.33 -34.31
CA ALA D 318 -31.55 26.58 -35.40
C ALA D 318 -32.29 26.71 -36.72
N ALA D 319 -33.31 25.88 -36.93
CA ALA D 319 -34.12 26.00 -38.14
C ALA D 319 -34.88 27.32 -38.17
N LEU D 320 -35.17 27.88 -36.99
CA LEU D 320 -35.76 29.23 -36.95
C LEU D 320 -34.86 30.24 -37.63
N ARG D 321 -33.54 30.02 -37.60
CA ARG D 321 -32.62 30.92 -38.29
C ARG D 321 -32.67 30.75 -39.80
N ILE D 322 -33.26 29.67 -40.29
CA ILE D 322 -33.45 29.48 -41.72
C ILE D 322 -34.81 30.00 -42.16
N THR D 323 -35.85 29.65 -41.40
CA THR D 323 -37.19 30.12 -41.71
C THR D 323 -37.31 31.63 -41.53
N LYS D 324 -36.43 32.23 -40.73
CA LYS D 324 -36.42 33.67 -40.50
C LYS D 324 -37.76 34.16 -39.96
N ASN D 325 -38.18 33.57 -38.85
CA ASN D 325 -39.38 34.00 -38.15
C ASN D 325 -39.22 33.64 -36.68
N LYS D 326 -40.32 33.78 -35.93
CA LYS D 326 -40.31 33.51 -34.50
C LYS D 326 -40.89 32.13 -34.22
N LEU D 327 -40.52 31.57 -33.07
CA LEU D 327 -41.08 30.29 -32.65
C LEU D 327 -42.57 30.37 -32.42
N SER D 328 -43.10 31.58 -32.19
CA SER D 328 -44.52 31.72 -31.91
C SER D 328 -45.38 31.34 -33.10
N ASN D 329 -44.92 31.64 -34.31
CA ASN D 329 -45.68 31.38 -35.53
C ASN D 329 -45.36 30.01 -36.12
N HIS D 330 -45.03 29.04 -35.27
CA HIS D 330 -44.82 27.66 -35.67
C HIS D 330 -45.83 26.78 -34.95
N VAL D 331 -46.36 25.79 -35.66
CA VAL D 331 -47.20 24.76 -35.08
C VAL D 331 -46.53 23.42 -35.33
N PHE D 332 -46.48 22.59 -34.28
CA PHE D 332 -45.67 21.38 -34.28
C PHE D 332 -46.54 20.14 -34.20
N VAL D 333 -46.29 19.19 -35.10
CA VAL D 333 -46.92 17.89 -35.06
C VAL D 333 -45.88 16.86 -34.63
N PHE D 334 -46.20 16.10 -33.61
CA PHE D 334 -45.33 15.03 -33.13
C PHE D 334 -45.86 13.69 -33.62
N GLN D 335 -44.95 12.80 -33.98
CA GLN D 335 -45.30 11.47 -34.46
C GLN D 335 -45.02 10.45 -33.36
N GLY D 336 -45.41 10.78 -32.13
CA GLY D 336 -45.29 9.89 -30.99
C GLY D 336 -45.70 10.60 -29.72
N ALA D 337 -46.40 9.90 -28.83
CA ALA D 337 -46.58 10.37 -27.46
C ALA D 337 -45.68 9.55 -26.54
N GLY D 338 -44.39 9.81 -26.63
CA GLY D 338 -43.43 8.95 -25.97
C GLY D 338 -42.55 9.63 -24.94
N GLU D 339 -41.53 8.92 -24.48
CA GLU D 339 -40.61 9.50 -23.51
C GLU D 339 -39.84 10.66 -24.11
N ALA D 340 -39.40 10.52 -25.35
CA ALA D 340 -38.71 11.62 -26.01
C ALA D 340 -39.68 12.70 -26.45
N ALA D 341 -40.86 12.31 -26.92
CA ALA D 341 -41.81 13.27 -27.45
C ALA D 341 -42.33 14.20 -26.37
N MET D 342 -42.68 13.65 -25.21
CA MET D 342 -43.14 14.48 -24.11
C MET D 342 -42.08 15.48 -23.68
N GLY D 343 -40.83 15.02 -23.58
CA GLY D 343 -39.76 15.92 -23.19
C GLY D 343 -39.56 17.04 -24.19
N ILE D 344 -39.52 16.69 -25.48
CA ILE D 344 -39.36 17.71 -26.51
C ILE D 344 -40.50 18.70 -26.46
N ALA D 345 -41.72 18.20 -26.27
CA ALA D 345 -42.88 19.10 -26.23
C ALA D 345 -42.85 20.01 -25.02
N HIS D 346 -42.42 19.50 -23.87
CA HIS D 346 -42.37 20.33 -22.67
C HIS D 346 -41.31 21.40 -22.79
N LEU D 347 -40.11 21.04 -23.26
CA LEU D 347 -39.09 22.07 -23.45
C LEU D 347 -39.47 23.04 -24.54
N LEU D 348 -40.24 22.59 -25.54
CA LEU D 348 -40.70 23.51 -26.59
C LEU D 348 -41.73 24.48 -26.05
N VAL D 349 -42.65 24.00 -25.20
CA VAL D 349 -43.59 24.90 -24.55
C VAL D 349 -42.85 25.92 -23.69
N MET D 350 -41.80 25.48 -23.00
CA MET D 350 -41.00 26.41 -22.23
C MET D 350 -40.32 27.45 -23.11
N ALA D 351 -39.80 27.02 -24.25
CA ALA D 351 -39.18 27.96 -25.18
C ALA D 351 -40.19 28.94 -25.75
N LEU D 352 -41.43 28.50 -25.94
CA LEU D 352 -42.47 29.40 -26.42
C LEU D 352 -42.87 30.40 -25.35
N GLU D 353 -42.98 29.94 -24.10
CA GLU D 353 -43.27 30.84 -23.00
C GLU D 353 -42.17 31.87 -22.82
N LYS D 354 -40.92 31.47 -23.04
CA LYS D 354 -39.81 32.41 -22.93
C LYS D 354 -39.92 33.51 -23.98
N GLU D 355 -40.54 33.23 -25.12
CA GLU D 355 -40.73 34.23 -26.16
C GLU D 355 -41.94 35.12 -25.91
N GLY D 356 -42.67 34.91 -24.82
CA GLY D 356 -43.82 35.73 -24.53
C GLY D 356 -45.12 35.13 -25.04
N VAL D 357 -45.36 33.87 -24.71
CA VAL D 357 -46.59 33.18 -25.11
C VAL D 357 -47.18 32.50 -23.87
N PRO D 358 -48.46 32.66 -23.58
CA PRO D 358 -49.04 32.00 -22.41
C PRO D 358 -48.96 30.48 -22.52
N LYS D 359 -49.12 29.84 -21.36
CA LYS D 359 -48.93 28.39 -21.28
C LYS D 359 -49.96 27.64 -22.12
N ALA D 360 -51.22 28.05 -22.07
CA ALA D 360 -52.27 27.35 -22.80
C ALA D 360 -52.11 27.52 -24.30
N GLU D 361 -51.89 28.76 -24.75
CA GLU D 361 -51.73 28.98 -26.19
C GLU D 361 -50.45 28.35 -26.71
N ALA D 362 -49.41 28.27 -25.87
CA ALA D 362 -48.20 27.57 -26.28
C ALA D 362 -48.45 26.08 -26.43
N THR D 363 -49.13 25.48 -25.44
CA THR D 363 -49.46 24.06 -25.54
C THR D 363 -50.33 23.77 -26.75
N ARG D 364 -51.21 24.70 -27.10
CA ARG D 364 -52.11 24.48 -28.24
C ARG D 364 -51.40 24.46 -29.58
N LYS D 365 -50.07 24.60 -29.60
CA LYS D 365 -49.31 24.50 -30.83
C LYS D 365 -48.68 23.12 -31.02
N ILE D 366 -48.86 22.22 -30.07
CA ILE D 366 -48.26 20.89 -30.12
C ILE D 366 -49.36 19.87 -30.35
N TRP D 367 -49.26 19.13 -31.45
CA TRP D 367 -50.18 18.06 -31.79
C TRP D 367 -49.40 16.75 -31.85
N MET D 368 -49.90 15.72 -31.18
CA MET D 368 -49.18 14.46 -31.09
C MET D 368 -50.05 13.32 -31.62
N VAL D 369 -49.38 12.27 -32.11
CA VAL D 369 -50.06 11.09 -32.64
C VAL D 369 -49.42 9.85 -32.03
N ASP D 370 -50.24 9.00 -31.38
CA ASP D 370 -49.73 7.83 -30.66
C ASP D 370 -50.51 6.58 -31.07
N SER D 371 -50.12 5.97 -32.19
CA SER D 371 -50.56 4.62 -32.52
C SER D 371 -52.06 4.53 -32.77
N LYS D 372 -52.78 5.63 -32.55
CA LYS D 372 -54.23 5.64 -32.68
C LYS D 372 -54.66 6.89 -33.43
N GLY D 373 -53.82 7.91 -33.42
CA GLY D 373 -54.14 9.16 -34.06
C GLY D 373 -53.87 10.31 -33.11
N LEU D 374 -54.42 11.46 -33.45
CA LEU D 374 -54.24 12.66 -32.66
C LEU D 374 -54.79 12.47 -31.25
N ILE D 375 -54.03 12.93 -30.25
CA ILE D 375 -54.51 12.90 -28.88
C ILE D 375 -55.57 13.99 -28.72
N VAL D 376 -56.80 13.57 -28.44
CA VAL D 376 -57.99 14.40 -28.52
C VAL D 376 -58.84 14.20 -27.27
N LYS D 377 -60.08 14.71 -27.28
CA LYS D 377 -60.96 14.61 -26.11
C LYS D 377 -61.12 13.16 -25.68
N GLY D 378 -60.58 12.82 -24.50
CA GLY D 378 -60.73 11.53 -23.86
C GLY D 378 -60.86 10.36 -24.79
N ARG D 379 -59.85 10.12 -25.63
CA ARG D 379 -60.09 9.33 -26.84
C ARG D 379 -60.24 7.85 -26.55
N SER D 380 -59.15 7.18 -26.16
CA SER D 380 -59.32 5.83 -25.65
C SER D 380 -58.36 5.44 -24.52
N HIS D 381 -57.16 6.01 -24.45
CA HIS D 381 -56.15 5.50 -23.52
C HIS D 381 -55.29 6.59 -22.89
N LEU D 382 -55.65 7.86 -23.05
CA LEU D 382 -54.75 8.95 -22.68
C LEU D 382 -54.54 8.98 -21.18
N ASN D 383 -53.34 8.60 -20.75
CA ASN D 383 -52.95 8.80 -19.36
C ASN D 383 -52.64 10.28 -19.12
N HIS D 384 -52.40 10.63 -17.87
CA HIS D 384 -52.27 12.04 -17.51
C HIS D 384 -51.11 12.73 -18.22
N GLU D 385 -50.16 11.99 -18.77
CA GLU D 385 -49.05 12.59 -19.48
C GLU D 385 -49.42 13.03 -20.89
N LYS D 386 -50.31 12.30 -21.56
CA LYS D 386 -50.83 12.73 -22.84
C LYS D 386 -51.98 13.71 -22.71
N GLU D 387 -52.60 13.79 -21.53
CA GLU D 387 -53.70 14.73 -21.34
C GLU D 387 -53.25 16.17 -21.53
N MET D 388 -51.98 16.45 -21.23
CA MET D 388 -51.51 17.84 -21.26
C MET D 388 -51.56 18.42 -22.66
N PHE D 389 -51.05 17.68 -23.64
CA PHE D 389 -51.01 18.16 -25.02
C PHE D 389 -52.21 17.70 -25.83
N ALA D 390 -53.26 17.25 -25.16
CA ALA D 390 -54.49 16.85 -25.86
C ALA D 390 -55.15 18.07 -26.47
N GLN D 391 -55.45 18.00 -27.76
CA GLN D 391 -56.17 19.06 -28.43
C GLN D 391 -57.67 18.77 -28.42
N ASP D 392 -58.46 19.84 -28.40
CA ASP D 392 -59.92 19.71 -28.35
C ASP D 392 -60.41 19.68 -29.79
N HIS D 393 -60.37 18.50 -30.39
CA HIS D 393 -60.60 18.34 -31.82
C HIS D 393 -61.22 16.99 -32.09
N PRO D 394 -61.94 16.83 -33.20
CA PRO D 394 -62.40 15.50 -33.59
C PRO D 394 -61.23 14.54 -33.76
N GLU D 395 -61.49 13.26 -33.48
CA GLU D 395 -60.46 12.24 -33.55
C GLU D 395 -60.00 12.04 -34.99
N VAL D 396 -58.71 11.77 -35.15
CA VAL D 396 -58.09 11.60 -36.46
C VAL D 396 -57.52 10.19 -36.53
N ASN D 397 -57.65 9.56 -37.71
CA ASN D 397 -57.23 8.17 -37.85
C ASN D 397 -55.71 8.03 -37.73
N SER D 398 -54.98 8.70 -38.61
CA SER D 398 -53.54 8.55 -38.69
C SER D 398 -52.85 9.89 -38.85
N LEU D 399 -51.52 9.85 -38.81
CA LEU D 399 -50.72 11.06 -38.95
C LEU D 399 -50.92 11.70 -40.32
N GLU D 400 -51.04 10.88 -41.36
CA GLU D 400 -51.03 11.40 -42.72
C GLU D 400 -52.27 12.23 -43.02
N GLU D 401 -53.33 12.06 -42.23
CA GLU D 401 -54.52 12.90 -42.35
C GLU D 401 -54.48 14.11 -41.43
N VAL D 402 -53.87 13.99 -40.25
CA VAL D 402 -53.82 15.15 -39.37
C VAL D 402 -52.77 16.16 -39.82
N VAL D 403 -51.81 15.75 -40.63
CA VAL D 403 -50.92 16.71 -41.26
C VAL D 403 -51.71 17.61 -42.21
N ARG D 404 -52.65 17.03 -42.96
CA ARG D 404 -53.51 17.85 -43.82
C ARG D 404 -54.52 18.64 -42.99
N LEU D 405 -55.05 18.04 -41.92
CA LEU D 405 -56.05 18.70 -41.10
C LEU D 405 -55.48 19.95 -40.44
N VAL D 406 -54.49 19.77 -39.55
CA VAL D 406 -53.72 20.90 -39.02
C VAL D 406 -52.41 20.92 -39.81
N LYS D 407 -52.33 21.82 -40.77
CA LYS D 407 -51.12 22.00 -41.55
C LYS D 407 -50.00 22.55 -40.66
N PRO D 408 -48.97 21.75 -40.38
CA PRO D 408 -47.91 22.19 -39.49
C PRO D 408 -46.74 22.82 -40.25
N THR D 409 -46.03 23.70 -39.54
CA THR D 409 -44.79 24.25 -40.05
C THR D 409 -43.60 23.35 -39.74
N ALA D 410 -43.72 22.48 -38.74
CA ALA D 410 -42.61 21.63 -38.32
C ALA D 410 -43.17 20.32 -37.79
N ILE D 411 -42.79 19.22 -38.42
CA ILE D 411 -43.19 17.88 -37.99
C ILE D 411 -42.00 17.19 -37.34
N ILE D 412 -42.26 16.50 -36.24
CA ILE D 412 -41.22 15.79 -35.50
C ILE D 412 -41.64 14.34 -35.39
N GLY D 413 -40.77 13.43 -35.84
CA GLY D 413 -41.06 12.02 -35.80
C GLY D 413 -40.23 11.31 -34.76
N VAL D 414 -40.88 10.93 -33.67
CA VAL D 414 -40.25 10.06 -32.68
C VAL D 414 -41.17 8.89 -32.38
N ALA D 415 -41.12 7.84 -33.20
CA ALA D 415 -41.86 6.63 -32.91
C ALA D 415 -41.11 5.36 -33.27
N ALA D 416 -39.91 5.45 -33.84
CA ALA D 416 -39.22 4.28 -34.38
C ALA D 416 -40.11 3.52 -35.34
N ILE D 417 -40.88 4.26 -36.14
CA ILE D 417 -41.75 3.67 -37.15
C ILE D 417 -41.21 4.13 -38.49
N ALA D 418 -40.55 3.20 -39.18
CA ALA D 418 -39.90 3.51 -40.45
C ALA D 418 -40.94 3.87 -41.51
N GLY D 419 -40.66 4.92 -42.27
CA GLY D 419 -41.52 5.31 -43.36
C GLY D 419 -42.79 6.03 -42.94
N ALA D 420 -42.88 6.49 -41.68
CA ALA D 420 -44.06 7.20 -41.25
C ALA D 420 -44.24 8.50 -42.00
N PHE D 421 -43.15 9.10 -42.47
CA PHE D 421 -43.21 10.32 -43.27
C PHE D 421 -43.28 9.91 -44.74
N THR D 422 -44.47 9.97 -45.31
CA THR D 422 -44.69 9.55 -46.68
C THR D 422 -44.31 10.65 -47.66
N GLU D 423 -44.27 10.29 -48.95
CA GLU D 423 -44.14 11.29 -50.00
C GLU D 423 -45.33 12.25 -49.95
N GLN D 424 -46.53 11.71 -49.73
CA GLN D 424 -47.72 12.54 -49.52
C GLN D 424 -47.47 13.60 -48.44
N ILE D 425 -46.96 13.17 -47.28
CA ILE D 425 -46.82 14.09 -46.15
C ILE D 425 -45.86 15.21 -46.48
N LEU D 426 -44.63 14.88 -46.91
CA LEU D 426 -43.64 15.90 -47.17
C LEU D 426 -44.06 16.81 -48.32
N ARG D 427 -44.74 16.24 -49.32
CA ARG D 427 -45.23 17.05 -50.42
C ARG D 427 -46.23 18.09 -49.94
N ASP D 428 -47.25 17.65 -49.19
CA ASP D 428 -48.23 18.62 -48.71
C ASP D 428 -47.61 19.57 -47.68
N MET D 429 -46.57 19.13 -46.97
CA MET D 429 -45.85 20.04 -46.08
C MET D 429 -45.21 21.17 -46.86
N ALA D 430 -44.41 20.85 -47.87
CA ALA D 430 -43.79 21.88 -48.69
C ALA D 430 -44.82 22.71 -49.42
N SER D 431 -46.04 22.19 -49.61
CA SER D 431 -47.09 22.99 -50.23
C SER D 431 -47.73 23.96 -49.25
N PHE D 432 -48.00 23.50 -48.01
CA PHE D 432 -48.70 24.35 -47.05
C PHE D 432 -47.86 25.54 -46.63
N HIS D 433 -46.71 25.28 -46.01
CA HIS D 433 -45.79 26.32 -45.60
C HIS D 433 -44.54 26.25 -46.44
N GLU D 434 -44.06 27.42 -46.86
CA GLU D 434 -42.76 27.49 -47.50
C GLU D 434 -41.70 27.17 -46.47
N ARG D 435 -40.75 26.33 -46.86
CA ARG D 435 -39.64 25.95 -46.01
C ARG D 435 -40.14 25.26 -44.73
N PRO D 436 -40.62 24.03 -44.82
CA PRO D 436 -41.05 23.31 -43.63
C PRO D 436 -39.91 22.58 -42.94
N ILE D 437 -40.17 22.15 -41.71
CA ILE D 437 -39.15 21.52 -40.87
C ILE D 437 -39.55 20.07 -40.63
N ILE D 438 -38.65 19.14 -40.97
CA ILE D 438 -38.87 17.71 -40.77
C ILE D 438 -37.78 17.18 -39.86
N PHE D 439 -38.19 16.49 -38.79
CA PHE D 439 -37.29 15.94 -37.78
C PHE D 439 -37.57 14.45 -37.66
N ALA D 440 -36.84 13.66 -38.44
CA ALA D 440 -36.96 12.20 -38.35
C ALA D 440 -35.93 11.72 -37.34
N LEU D 441 -36.30 11.85 -36.07
CA LEU D 441 -35.35 11.67 -34.97
C LEU D 441 -35.16 10.23 -34.55
N SER D 442 -35.90 9.27 -35.14
CA SER D 442 -35.78 7.87 -34.74
C SER D 442 -34.34 7.38 -34.84
N ASN D 443 -33.88 6.70 -33.78
CA ASN D 443 -32.44 6.48 -33.62
C ASN D 443 -31.87 5.52 -34.67
N PRO D 444 -32.41 4.32 -34.85
CA PRO D 444 -31.84 3.44 -35.90
C PRO D 444 -32.10 4.03 -37.27
N THR D 445 -31.04 4.09 -38.09
CA THR D 445 -31.19 4.59 -39.45
C THR D 445 -32.31 3.85 -40.18
N SER D 446 -32.55 2.60 -39.80
CA SER D 446 -33.65 1.84 -40.38
C SER D 446 -34.99 2.41 -39.94
N LYS D 447 -35.11 2.79 -38.68
CA LYS D 447 -36.39 3.21 -38.11
C LYS D 447 -36.74 4.65 -38.46
N ALA D 448 -35.88 5.38 -39.16
CA ALA D 448 -36.15 6.78 -39.46
C ALA D 448 -37.43 6.94 -40.25
N GLU D 449 -38.33 7.81 -39.75
CA GLU D 449 -39.58 8.07 -40.44
C GLU D 449 -39.36 8.56 -41.86
N CYS D 450 -38.24 9.21 -42.12
CA CYS D 450 -37.91 9.70 -43.44
C CYS D 450 -36.40 9.75 -43.57
N THR D 451 -35.92 9.56 -44.80
CA THR D 451 -34.51 9.69 -45.08
C THR D 451 -34.19 11.11 -45.53
N ALA D 452 -32.90 11.42 -45.63
CA ALA D 452 -32.51 12.74 -46.09
C ALA D 452 -32.93 12.94 -47.54
N GLU D 453 -32.58 12.00 -48.41
CA GLU D 453 -32.85 12.16 -49.83
C GLU D 453 -34.33 12.24 -50.13
N LYS D 454 -35.14 11.42 -49.46
CA LYS D 454 -36.58 11.45 -49.68
C LYS D 454 -37.15 12.82 -49.34
N CYS D 455 -36.86 13.31 -48.13
CA CYS D 455 -37.33 14.62 -47.71
C CYS D 455 -36.86 15.72 -48.66
N TYR D 456 -35.59 15.67 -49.05
CA TYR D 456 -35.04 16.76 -49.86
C TYR D 456 -35.59 16.74 -51.28
N ARG D 457 -35.90 15.56 -51.82
CA ARG D 457 -36.56 15.50 -53.12
C ARG D 457 -37.98 16.00 -53.03
N VAL D 458 -38.78 15.43 -52.13
CA VAL D 458 -40.21 15.69 -52.12
C VAL D 458 -40.49 17.14 -51.76
N THR D 459 -39.67 17.72 -50.88
CA THR D 459 -39.77 19.12 -50.54
C THR D 459 -39.09 20.02 -51.57
N GLU D 460 -38.71 19.46 -52.72
CA GLU D 460 -38.04 20.22 -53.78
C GLU D 460 -36.84 20.99 -53.25
N GLY D 461 -36.11 20.37 -52.32
CA GLY D 461 -34.95 21.00 -51.72
C GLY D 461 -35.29 22.25 -50.93
N ARG D 462 -36.47 22.29 -50.29
CA ARG D 462 -36.90 23.46 -49.55
C ARG D 462 -37.27 23.12 -48.10
N GLY D 463 -36.90 21.95 -47.62
CA GLY D 463 -37.26 21.56 -46.27
C GLY D 463 -36.07 21.34 -45.37
N ILE D 464 -36.09 21.95 -44.18
CA ILE D 464 -35.02 21.75 -43.21
C ILE D 464 -35.17 20.34 -42.66
N PHE D 465 -34.26 19.46 -43.01
CA PHE D 465 -34.29 18.10 -42.48
C PHE D 465 -33.28 17.94 -41.37
N ALA D 466 -33.66 17.15 -40.36
CA ALA D 466 -32.72 16.73 -39.34
C ALA D 466 -33.12 15.35 -38.84
N SER D 467 -32.13 14.57 -38.44
CA SER D 467 -32.35 13.18 -38.06
C SER D 467 -31.53 12.85 -36.82
N GLY D 468 -31.83 11.69 -36.25
CA GLY D 468 -31.09 11.23 -35.08
C GLY D 468 -29.95 10.31 -35.47
N SER D 469 -30.07 9.69 -36.63
CA SER D 469 -29.07 8.83 -37.22
C SER D 469 -28.37 9.55 -38.37
N PRO D 470 -27.11 9.24 -38.64
CA PRO D 470 -26.37 9.99 -39.67
C PRO D 470 -26.82 9.61 -41.07
N PHE D 471 -27.40 10.59 -41.77
CA PHE D 471 -27.58 10.53 -43.21
C PHE D 471 -26.52 11.43 -43.83
N LYS D 472 -25.73 10.89 -44.75
CA LYS D 472 -24.66 11.67 -45.35
C LYS D 472 -25.23 12.66 -46.36
N SER D 473 -24.34 13.40 -47.01
CA SER D 473 -24.74 14.51 -47.86
C SER D 473 -25.71 14.04 -48.96
N VAL D 474 -26.44 15.01 -49.51
CA VAL D 474 -27.45 14.75 -50.52
C VAL D 474 -27.30 15.78 -51.64
N THR D 475 -27.05 15.29 -52.85
CA THR D 475 -27.07 16.12 -54.04
C THR D 475 -28.36 15.85 -54.78
N LEU D 476 -28.90 16.88 -55.43
CA LEU D 476 -30.21 16.80 -56.06
C LEU D 476 -30.17 17.55 -57.39
N GLU D 477 -31.36 17.89 -57.88
CA GLU D 477 -31.56 18.84 -58.95
C GLU D 477 -30.72 20.10 -58.72
N ASP D 478 -30.34 20.77 -59.80
CA ASP D 478 -29.68 22.06 -59.80
C ASP D 478 -28.55 22.19 -58.77
N GLY D 479 -27.85 21.09 -58.51
CA GLY D 479 -26.66 21.12 -57.65
C GLY D 479 -26.90 21.61 -56.24
N LYS D 480 -28.11 21.44 -55.71
CA LYS D 480 -28.40 21.82 -54.33
C LYS D 480 -27.84 20.73 -53.42
N THR D 481 -26.75 21.03 -52.72
CA THR D 481 -26.17 20.11 -51.76
C THR D 481 -26.71 20.41 -50.37
N PHE D 482 -27.09 19.35 -49.65
CA PHE D 482 -27.57 19.47 -48.29
C PHE D 482 -26.77 18.54 -47.40
N ILE D 483 -26.38 19.05 -46.24
CA ILE D 483 -25.73 18.22 -45.22
C ILE D 483 -26.71 18.06 -44.07
N PRO D 484 -27.60 17.07 -44.12
CA PRO D 484 -28.58 16.92 -43.04
C PRO D 484 -27.93 16.69 -41.69
N GLY D 485 -28.10 17.64 -40.77
CA GLY D 485 -27.49 17.50 -39.47
C GLY D 485 -28.07 16.34 -38.69
N GLN D 486 -27.28 15.83 -37.76
CA GLN D 486 -27.67 14.70 -36.92
C GLN D 486 -27.85 15.19 -35.49
N GLY D 487 -29.09 15.19 -35.02
CA GLY D 487 -29.34 15.58 -33.65
C GLY D 487 -28.85 14.52 -32.69
N ASN D 488 -27.72 14.81 -32.04
CA ASN D 488 -27.04 13.84 -31.18
C ASN D 488 -27.11 14.34 -29.75
N ASN D 489 -27.50 13.46 -28.83
CA ASN D 489 -27.55 13.85 -27.43
C ASN D 489 -26.20 14.30 -26.92
N ALA D 490 -25.12 13.89 -27.58
CA ALA D 490 -23.78 14.31 -27.21
C ALA D 490 -23.57 15.81 -27.36
N TYR D 491 -24.47 16.52 -28.01
CA TYR D 491 -24.39 17.98 -28.00
C TYR D 491 -24.79 18.57 -26.68
N VAL D 492 -25.54 17.82 -25.86
CA VAL D 492 -26.18 18.37 -24.68
C VAL D 492 -25.41 17.98 -23.42
N PHE D 493 -25.40 16.70 -23.10
CA PHE D 493 -24.96 16.30 -21.76
C PHE D 493 -23.47 16.53 -21.48
N PRO D 494 -22.56 16.50 -22.45
CA PRO D 494 -21.16 16.79 -22.09
C PRO D 494 -20.95 18.18 -21.56
N GLY D 495 -21.41 19.22 -22.28
CA GLY D 495 -21.23 20.57 -21.79
C GLY D 495 -22.05 20.87 -20.55
N VAL D 496 -23.27 20.35 -20.50
CA VAL D 496 -24.11 20.56 -19.31
C VAL D 496 -23.45 19.93 -18.10
N ALA D 497 -22.97 18.69 -18.24
CA ALA D 497 -22.28 18.03 -17.14
C ALA D 497 -21.01 18.75 -16.76
N LEU D 498 -20.28 19.27 -17.75
CA LEU D 498 -19.05 19.99 -17.45
C LEU D 498 -19.34 21.24 -16.64
N GLY D 499 -20.36 22.00 -17.03
CA GLY D 499 -20.71 23.19 -16.28
C GLY D 499 -21.25 22.89 -14.90
N VAL D 500 -22.07 21.84 -14.78
CA VAL D 500 -22.59 21.44 -13.48
C VAL D 500 -21.46 21.03 -12.55
N ILE D 501 -20.52 20.22 -13.04
CA ILE D 501 -19.43 19.77 -12.21
C ILE D 501 -18.51 20.93 -11.86
N ALA D 502 -18.30 21.85 -12.80
CA ALA D 502 -17.44 22.99 -12.55
C ALA D 502 -18.02 23.87 -11.45
N GLY D 503 -19.27 24.28 -11.60
CA GLY D 503 -19.87 25.16 -10.63
C GLY D 503 -20.51 24.50 -9.45
N GLY D 504 -20.52 23.17 -9.39
CA GLY D 504 -21.18 22.49 -8.29
C GLY D 504 -22.67 22.80 -8.24
N ILE D 505 -23.31 22.89 -9.40
CA ILE D 505 -24.72 23.26 -9.47
C ILE D 505 -25.54 22.22 -8.71
N ARG D 506 -26.41 22.69 -7.82
CA ARG D 506 -27.10 21.78 -6.91
C ARG D 506 -28.20 21.01 -7.61
N HIS D 507 -28.90 21.66 -8.54
CA HIS D 507 -29.99 21.02 -9.25
C HIS D 507 -29.99 21.49 -10.69
N ILE D 508 -30.55 20.67 -11.56
CA ILE D 508 -30.59 20.99 -12.99
C ILE D 508 -32.04 21.25 -13.38
N PRO D 509 -32.52 22.49 -13.33
CA PRO D 509 -33.86 22.78 -13.80
C PRO D 509 -33.92 22.78 -15.31
N ASP D 510 -35.14 22.76 -15.84
CA ASP D 510 -35.32 22.72 -17.28
C ASP D 510 -34.76 23.95 -17.97
N GLU D 511 -34.62 25.06 -17.25
CA GLU D 511 -34.08 26.28 -17.87
C GLU D 511 -32.65 26.09 -18.33
N ILE D 512 -31.88 25.26 -17.63
CA ILE D 512 -30.52 24.97 -18.08
C ILE D 512 -30.56 24.25 -19.43
N PHE D 513 -31.47 23.30 -19.58
CA PHE D 513 -31.57 22.60 -20.85
C PHE D 513 -32.08 23.51 -21.96
N LEU D 514 -32.97 24.45 -21.63
CA LEU D 514 -33.42 25.39 -22.64
C LEU D 514 -32.30 26.32 -23.08
N LEU D 515 -31.53 26.86 -22.15
CA LEU D 515 -30.43 27.73 -22.56
C LEU D 515 -29.33 26.95 -23.23
N THR D 516 -29.19 25.66 -22.91
CA THR D 516 -28.29 24.79 -23.65
C THR D 516 -28.74 24.64 -25.09
N ALA D 517 -30.04 24.40 -25.29
CA ALA D 517 -30.59 24.36 -26.64
C ALA D 517 -30.35 25.66 -27.39
N GLU D 518 -30.50 26.79 -26.70
CA GLU D 518 -30.26 28.08 -27.34
C GLU D 518 -28.79 28.23 -27.73
N GLN D 519 -27.88 27.85 -26.85
CA GLN D 519 -26.46 27.93 -27.16
C GLN D 519 -26.10 27.04 -28.34
N ILE D 520 -26.63 25.81 -28.36
CA ILE D 520 -26.38 24.89 -29.47
C ILE D 520 -26.90 25.49 -30.76
N ALA D 521 -28.10 26.07 -30.74
CA ALA D 521 -28.65 26.68 -31.94
C ALA D 521 -27.81 27.85 -32.39
N GLN D 522 -27.20 28.59 -31.47
CA GLN D 522 -26.28 29.65 -31.84
C GLN D 522 -24.94 29.14 -32.32
N GLU D 523 -24.59 27.89 -32.03
CA GLU D 523 -23.31 27.35 -32.44
C GLU D 523 -23.18 27.18 -33.94
N VAL D 524 -24.29 27.07 -34.66
CA VAL D 524 -24.25 26.76 -36.08
C VAL D 524 -23.89 28.01 -36.87
N SER D 525 -22.95 27.88 -37.80
CA SER D 525 -22.54 29.01 -38.60
C SER D 525 -23.57 29.32 -39.68
N GLU D 526 -23.48 30.53 -40.22
CA GLU D 526 -24.34 30.91 -41.34
C GLU D 526 -24.02 30.06 -42.56
N GLN D 527 -22.74 29.76 -42.79
CA GLN D 527 -22.35 28.91 -43.90
C GLN D 527 -22.99 27.54 -43.78
N HIS D 528 -22.91 26.94 -42.59
CA HIS D 528 -23.53 25.63 -42.40
C HIS D 528 -25.04 25.70 -42.55
N LEU D 529 -25.64 26.81 -42.13
CA LEU D 529 -27.08 26.96 -42.28
C LEU D 529 -27.49 27.04 -43.74
N SER D 530 -26.62 27.60 -44.58
CA SER D 530 -26.88 27.61 -46.01
C SER D 530 -26.94 26.21 -46.59
N GLN D 531 -26.37 25.22 -45.90
CA GLN D 531 -26.36 23.84 -46.36
C GLN D 531 -27.35 22.96 -45.61
N GLY D 532 -28.30 23.55 -44.90
CA GLY D 532 -29.29 22.78 -44.17
C GLY D 532 -28.76 22.05 -42.95
N ARG D 533 -27.54 22.34 -42.53
CA ARG D 533 -26.94 21.71 -41.36
C ARG D 533 -27.45 22.41 -40.11
N LEU D 534 -28.26 21.72 -39.32
CA LEU D 534 -28.88 22.34 -38.15
C LEU D 534 -28.02 22.28 -36.90
N TYR D 535 -27.01 21.44 -36.87
CA TYR D 535 -26.20 21.30 -35.68
C TYR D 535 -24.73 21.55 -36.00
N PRO D 536 -23.95 22.01 -35.03
CA PRO D 536 -22.54 22.25 -35.31
C PRO D 536 -21.82 20.94 -35.59
N PRO D 537 -20.78 20.96 -36.40
CA PRO D 537 -20.04 19.72 -36.67
C PRO D 537 -19.44 19.16 -35.39
N LEU D 538 -19.48 17.84 -35.26
CA LEU D 538 -19.00 17.19 -34.05
C LEU D 538 -17.50 17.40 -33.83
N SER D 539 -16.75 17.70 -34.89
CA SER D 539 -15.33 17.98 -34.74
C SER D 539 -15.06 19.19 -33.86
N THR D 540 -16.08 19.98 -33.54
CA THR D 540 -15.96 21.13 -32.68
C THR D 540 -16.66 20.94 -31.34
N ILE D 541 -17.25 19.76 -31.11
CA ILE D 541 -18.15 19.56 -29.97
C ILE D 541 -17.46 19.94 -28.67
N ARG D 542 -16.17 19.65 -28.55
CA ARG D 542 -15.45 20.00 -27.33
C ARG D 542 -15.60 21.48 -27.02
N ASP D 543 -15.23 22.34 -27.97
CA ASP D 543 -15.46 23.78 -27.79
C ASP D 543 -16.92 24.06 -27.50
N VAL D 544 -17.82 23.43 -28.27
CA VAL D 544 -19.25 23.60 -28.01
C VAL D 544 -19.55 23.30 -26.55
N SER D 545 -19.07 22.16 -26.06
CA SER D 545 -19.30 21.80 -24.67
C SER D 545 -18.84 22.90 -23.75
N LEU D 546 -17.62 23.40 -23.98
CA LEU D 546 -17.11 24.50 -23.18
C LEU D 546 -18.08 25.67 -23.20
N ARG D 547 -18.49 26.09 -24.40
CA ARG D 547 -19.38 27.24 -24.50
C ARG D 547 -20.72 26.99 -23.86
N ILE D 548 -21.13 25.72 -23.72
CA ILE D 548 -22.34 25.44 -22.97
C ILE D 548 -22.07 25.57 -21.48
N ALA D 549 -20.96 24.98 -21.02
CA ALA D 549 -20.64 24.96 -19.61
C ALA D 549 -20.64 26.37 -19.04
N ILE D 550 -19.78 27.23 -19.59
CA ILE D 550 -19.74 28.64 -19.17
C ILE D 550 -21.14 29.20 -19.08
N LYS D 551 -21.96 28.97 -20.11
CA LYS D 551 -23.30 29.52 -20.10
C LYS D 551 -24.12 28.95 -18.95
N VAL D 552 -24.17 27.61 -18.86
CA VAL D 552 -24.91 27.01 -17.75
C VAL D 552 -24.26 27.33 -16.42
N LEU D 553 -23.06 27.90 -16.44
CA LEU D 553 -22.45 28.39 -15.21
C LEU D 553 -23.02 29.75 -14.86
N ASP D 554 -23.04 30.67 -15.83
CA ASP D 554 -23.58 32.01 -15.58
C ASP D 554 -24.98 31.92 -15.00
N TYR D 555 -25.85 31.19 -15.67
CA TYR D 555 -27.20 30.98 -15.16
C TYR D 555 -27.16 30.53 -13.72
N ALA D 556 -26.38 29.51 -13.42
CA ALA D 556 -26.38 28.94 -12.08
C ALA D 556 -25.89 29.95 -11.05
N TYR D 557 -25.09 30.92 -11.45
CA TYR D 557 -24.64 31.93 -10.51
C TYR D 557 -25.61 33.08 -10.39
N LYS D 558 -26.45 33.30 -11.40
CA LYS D 558 -27.46 34.34 -11.32
C LYS D 558 -28.79 33.84 -10.78
N HIS D 559 -28.91 32.54 -10.54
CA HIS D 559 -30.09 31.98 -9.88
C HIS D 559 -29.73 31.27 -8.60
N ASN D 560 -28.52 31.49 -8.09
CA ASN D 560 -28.07 30.94 -6.81
C ASN D 560 -28.17 29.42 -6.79
N LEU D 561 -27.69 28.81 -7.87
CA LEU D 561 -27.67 27.36 -8.01
C LEU D 561 -26.30 26.76 -7.83
N ALA D 562 -25.25 27.49 -8.14
CA ALA D 562 -23.90 26.99 -8.01
C ALA D 562 -23.46 26.98 -6.55
N SER D 563 -22.64 25.99 -6.20
CA SER D 563 -22.11 25.87 -4.85
C SER D 563 -20.63 26.19 -4.76
N TYR D 564 -19.93 26.29 -5.87
CA TYR D 564 -18.54 26.72 -5.83
C TYR D 564 -18.48 28.16 -5.33
N TYR D 565 -18.00 28.36 -4.10
CA TYR D 565 -18.21 29.64 -3.45
C TYR D 565 -17.45 30.78 -4.12
N PRO D 566 -16.13 30.80 -4.17
CA PRO D 566 -15.46 32.01 -4.69
C PRO D 566 -15.73 32.15 -6.17
N GLU D 567 -16.94 32.61 -6.50
CA GLU D 567 -17.45 32.72 -7.86
C GLU D 567 -16.42 33.34 -8.78
N PRO D 568 -15.98 32.61 -9.81
CA PRO D 568 -14.92 33.12 -10.68
C PRO D 568 -15.41 34.31 -11.50
N LYS D 569 -14.58 35.35 -11.55
CA LYS D 569 -14.87 36.48 -12.42
C LYS D 569 -14.80 36.07 -13.88
N ASP D 570 -13.74 35.33 -14.24
CA ASP D 570 -13.59 34.82 -15.60
C ASP D 570 -13.99 33.35 -15.60
N LYS D 571 -15.28 33.11 -15.85
CA LYS D 571 -15.80 31.76 -15.79
C LYS D 571 -15.27 30.89 -16.92
N GLU D 572 -14.87 31.49 -18.03
CA GLU D 572 -14.31 30.70 -19.12
C GLU D 572 -12.98 30.07 -18.70
N ALA D 573 -12.07 30.87 -18.14
CA ALA D 573 -10.82 30.31 -17.65
C ALA D 573 -11.06 29.30 -16.53
N PHE D 574 -12.06 29.55 -15.70
CA PHE D 574 -12.38 28.62 -14.62
C PHE D 574 -12.76 27.26 -15.17
N VAL D 575 -13.67 27.25 -16.16
CA VAL D 575 -14.09 25.97 -16.72
C VAL D 575 -12.97 25.33 -17.53
N ARG D 576 -12.14 26.14 -18.20
CA ARG D 576 -11.02 25.59 -18.96
C ARG D 576 -10.00 24.93 -18.04
N SER D 577 -9.86 25.44 -16.81
CA SER D 577 -8.92 24.82 -15.89
C SER D 577 -9.39 23.46 -15.42
N LEU D 578 -10.65 23.11 -15.63
CA LEU D 578 -11.19 21.81 -15.25
C LEU D 578 -11.41 20.89 -16.44
N VAL D 579 -11.28 21.40 -17.67
CA VAL D 579 -11.43 20.56 -18.84
C VAL D 579 -10.27 19.58 -18.90
N TYR D 580 -10.59 18.29 -18.84
CA TYR D 580 -9.57 17.25 -18.89
C TYR D 580 -8.97 17.17 -20.28
N THR D 581 -7.66 17.14 -20.35
CA THR D 581 -6.95 17.00 -21.60
C THR D 581 -6.23 15.65 -21.64
N PRO D 582 -6.14 15.03 -22.81
CA PRO D 582 -5.44 13.74 -22.92
C PRO D 582 -3.94 13.84 -22.77
N ASP D 583 -3.38 15.05 -22.66
CA ASP D 583 -1.94 15.20 -22.56
C ASP D 583 -1.43 14.54 -21.29
N TYR D 584 -0.24 13.95 -21.38
CA TYR D 584 0.33 13.23 -20.27
C TYR D 584 0.85 14.19 -19.21
N ASP D 585 0.59 13.87 -17.94
CA ASP D 585 1.20 14.59 -16.85
C ASP D 585 2.61 14.06 -16.59
N SER D 586 3.45 14.92 -16.04
CA SER D 586 4.79 14.51 -15.66
C SER D 586 4.76 13.86 -14.29
N PHE D 587 5.39 12.69 -14.17
CA PHE D 587 5.42 11.94 -12.93
C PHE D 587 6.71 12.17 -12.15
N THR D 588 7.58 13.06 -12.60
CA THR D 588 8.82 13.32 -11.90
C THR D 588 8.56 14.08 -10.60
N LEU D 589 9.43 13.86 -9.63
CA LEU D 589 9.34 14.54 -8.35
C LEU D 589 10.11 15.85 -8.42
N ASP D 590 9.48 16.93 -7.99
CA ASP D 590 10.14 18.23 -7.96
C ASP D 590 11.20 18.23 -6.87
N SER D 591 12.44 18.46 -7.25
CA SER D 591 13.56 18.43 -6.31
C SER D 591 14.18 19.82 -6.25
N TYR D 592 13.68 20.66 -5.35
CA TYR D 592 14.29 21.95 -5.10
C TYR D 592 15.33 21.85 -4.00
N THR D 593 15.93 22.97 -3.68
CA THR D 593 17.09 22.99 -2.80
C THR D 593 17.06 24.24 -1.94
N TRP D 594 17.19 24.08 -0.64
CA TRP D 594 17.30 25.21 0.25
C TRP D 594 18.67 25.87 0.08
N PRO D 595 18.81 27.13 0.50
CA PRO D 595 20.14 27.76 0.47
C PRO D 595 21.14 26.95 1.29
N LYS D 596 22.39 26.92 0.82
CA LYS D 596 23.33 25.97 1.41
C LYS D 596 23.89 26.51 2.72
N GLU D 597 23.00 27.01 3.57
CA GLU D 597 23.30 27.28 4.98
C GLU D 597 22.14 26.92 5.89
N ALA D 598 20.94 26.70 5.35
CA ALA D 598 19.83 26.17 6.13
C ALA D 598 19.63 24.68 5.92
N MET D 599 20.30 24.09 4.93
CA MET D 599 20.16 22.68 4.62
C MET D 599 21.42 21.89 4.96
N ASN D 600 22.38 22.50 5.64
CA ASN D 600 23.60 21.79 5.99
C ASN D 600 23.35 20.85 7.15
N VAL D 601 23.97 19.68 7.10
CA VAL D 601 23.78 18.67 8.13
C VAL D 601 24.65 19.01 9.33
N GLN D 602 24.02 19.11 10.50
CA GLN D 602 24.74 19.46 11.72
C GLN D 602 25.51 18.26 12.23
N THR D 603 26.80 18.45 12.49
CA THR D 603 27.69 17.37 12.89
C THR D 603 28.23 17.61 14.30
N VAL D 604 27.51 18.36 15.12
CA VAL D 604 27.95 18.68 16.46
C VAL D 604 27.59 17.56 17.42
PA NAP E . 18.10 -24.22 39.09
O1A NAP E . 16.95 -24.86 38.37
O2A NAP E . 17.92 -22.93 39.84
O5B NAP E . 18.75 -25.30 40.09
C5B NAP E . 19.52 -24.85 41.20
C4B NAP E . 20.19 -26.06 41.82
O4B NAP E . 20.91 -25.70 42.99
C3B NAP E . 19.14 -27.07 42.23
O3B NAP E . 19.30 -28.28 41.48
C2B NAP E . 19.36 -27.35 43.70
O2B NAP E . 19.42 -28.76 43.86
C1B NAP E . 20.70 -26.68 44.00
N9A NAP E . 20.65 -26.05 45.34
C8A NAP E . 19.62 -25.35 45.84
N7A NAP E . 19.89 -24.92 47.10
C5A NAP E . 21.12 -25.35 47.41
C6A NAP E . 22.02 -25.25 48.58
N6A NAP E . 21.65 -24.58 49.69
N1A NAP E . 23.23 -25.85 48.50
C2A NAP E . 23.61 -26.52 47.40
N3A NAP E . 22.85 -26.65 46.30
C4A NAP E . 21.62 -26.10 46.25
O3 NAP E . 19.31 -24.05 38.06
PN NAP E . 19.51 -22.65 37.31
O1N NAP E . 18.19 -21.94 37.24
O2N NAP E . 20.31 -22.88 36.06
O5D NAP E . 20.46 -21.93 38.38
C5D NAP E . 21.81 -21.72 38.05
C4D NAP E . 22.30 -20.48 38.78
O4D NAP E . 23.42 -19.96 38.07
C3D NAP E . 21.22 -19.42 38.78
O3D NAP E . 20.85 -19.11 40.12
C2D NAP E . 21.82 -18.20 38.13
O2D NAP E . 21.87 -17.15 39.11
C1D NAP E . 23.23 -18.58 37.73
N1N NAP E . 23.41 -18.41 36.30
C2N NAP E . 24.44 -17.69 35.85
C3N NAP E . 24.65 -17.50 34.49
C7N NAP E . 25.82 -16.68 34.04
O7N NAP E . 26.45 -16.04 34.85
N7N NAP E . 26.14 -16.69 32.75
C4N NAP E . 23.77 -18.07 33.59
C5N NAP E . 22.71 -18.81 34.08
C6N NAP E . 22.55 -18.97 35.44
P2B NAP E . 18.05 -29.58 44.11
O1X NAP E . 17.02 -28.50 44.27
O2X NAP E . 17.91 -30.40 42.86
O3X NAP E . 18.31 -30.36 45.37
PA NAP F . 0.51 43.06 24.26
O1A NAP F . 1.05 43.06 22.85
O2A NAP F . 1.24 42.31 25.35
O5B NAP F . 0.30 44.57 24.74
C5B NAP F . 0.27 44.86 26.13
C4B NAP F . -0.17 46.31 26.29
O4B NAP F . -0.14 46.70 27.66
C3B NAP F . 0.79 47.22 25.54
O3B NAP F . 0.09 47.89 24.49
C2B NAP F . 1.28 48.23 26.55
O2B NAP F . 1.11 49.52 25.98
C1B NAP F . 0.39 48.01 27.77
N9A NAP F . 1.20 48.14 29.01
C8A NAP F . 2.43 47.65 29.19
N7A NAP F . 2.90 47.97 30.43
C5A NAP F . 1.94 48.67 31.05
C6A NAP F . 1.77 49.31 32.37
N6A NAP F . 2.74 49.25 33.31
N1A NAP F . 0.61 49.96 32.62
C2A NAP F . -0.37 50.03 31.69
N3A NAP F . -0.28 49.47 30.48
C4A NAP F . 0.82 48.80 30.10
O3 NAP F . -1.00 42.57 24.22
PN NAP F . -1.34 41.03 24.51
O1N NAP F . -0.14 40.19 24.17
O2N NAP F . -2.68 40.70 23.91
O5D NAP F . -1.51 41.09 26.10
C5D NAP F . -2.79 40.95 26.66
C4D NAP F . -2.66 40.34 28.04
O4D NAP F . -3.89 39.70 28.36
C3D NAP F . -1.58 39.28 28.04
O3D NAP F . -0.55 39.64 28.95
C2D NAP F . -2.23 38.00 28.50
O2D NAP F . -1.63 37.62 29.74
C1D NAP F . -3.70 38.34 28.73
N1N NAP F . -4.54 37.49 27.90
C2N NAP F . -5.54 36.81 28.46
C3N NAP F . -6.37 35.99 27.71
C7N NAP F . -7.47 35.24 28.39
O7N NAP F . -7.50 35.19 29.60
N7N NAP F . -8.39 34.64 27.65
C4N NAP F . -6.15 35.89 26.34
C5N NAP F . -5.11 36.61 25.78
C6N NAP F . -4.32 37.41 26.58
P2B NAP F . 2.27 50.14 25.05
O1X NAP F . 3.40 49.14 25.19
O2X NAP F . 1.64 50.18 23.68
O3X NAP F . 2.57 51.48 25.67
PA NAP G . 22.68 -24.08 -36.73
O1A NAP G . 23.47 -23.01 -36.02
O2A NAP G . 21.48 -23.73 -37.55
O5B NAP G . 23.68 -24.95 -37.62
C5B NAP G . 23.16 -25.70 -38.72
C4B NAP G . 24.27 -26.59 -39.23
O4B NAP G . 23.84 -27.31 -40.39
C3B NAP G . 25.46 -25.75 -39.64
O3B NAP G . 26.59 -26.07 -38.81
C2B NAP G . 25.76 -26.10 -41.08
O2B NAP G . 27.15 -26.40 -41.16
C1B NAP G . 24.90 -27.33 -41.35
N9A NAP G . 24.35 -27.25 -42.72
C8A NAP G . 23.86 -26.15 -43.31
N7A NAP G . 23.45 -26.42 -44.58
C5A NAP G . 23.68 -27.72 -44.81
C6A NAP G . 23.49 -28.65 -45.94
N6A NAP G . 22.95 -28.24 -47.10
N1A NAP G . 23.86 -29.94 -45.76
C2A NAP G . 24.41 -30.36 -44.60
N3A NAP G . 24.61 -29.57 -43.54
C4A NAP G . 24.28 -28.27 -43.58
O3 NAP G . 22.26 -25.18 -35.64
PN NAP G . 20.81 -25.10 -34.96
O1N NAP G . 20.32 -23.68 -35.01
O2N NAP G . 20.84 -25.85 -33.66
O5D NAP G . 19.99 -25.98 -36.02
C5D NAP G . 19.53 -27.26 -35.65
C4D NAP G . 18.27 -27.58 -36.42
O4D NAP G . 17.53 -28.55 -35.69
C3D NAP G . 17.41 -26.33 -36.53
O3D NAP G . 17.23 -26.00 -37.91
C2D NAP G . 16.07 -26.68 -35.93
O2D NAP G . 15.08 -26.61 -36.96
C1D NAP G . 16.19 -28.12 -35.44
N1N NAP G . 15.92 -28.18 -34.01
C2N NAP G . 15.02 -29.05 -33.55
C3N NAP G . 14.73 -29.15 -32.20
C7N NAP G . 13.71 -30.14 -31.74
O7N NAP G . 13.01 -30.69 -32.56
N7N NAP G . 13.59 -30.38 -30.44
C4N NAP G . 15.40 -28.32 -31.31
C5N NAP G . 16.33 -27.43 -31.81
C6N NAP G . 16.58 -27.38 -33.17
P2B NAP G . 28.21 -25.21 -41.42
O1X NAP G . 27.32 -24.02 -41.69
O2X NAP G . 28.98 -25.14 -40.13
O3X NAP G . 28.99 -25.67 -42.62
PA NAP H . -41.31 5.25 -26.64
O1A NAP H . -41.47 4.81 -25.21
O2A NAP H . -40.64 4.36 -27.64
O5B NAP H . -42.74 5.69 -27.20
C5B NAP H . -42.95 5.69 -28.62
C4B NAP H . -44.29 6.35 -28.88
O4B NAP H . -44.61 6.31 -30.26
C3B NAP H . -45.38 5.61 -28.14
O3B NAP H . -45.98 6.46 -27.16
C2B NAP H . -46.41 5.22 -29.17
O2B NAP H . -47.68 5.64 -28.69
C1B NAP H . -45.99 6.00 -30.42
N9A NAP H . -46.20 5.15 -31.62
C8A NAP H . -45.91 3.85 -31.72
N7A NAP H . -46.24 3.37 -32.96
C5A NAP H . -46.74 4.40 -33.65
C6A NAP H . -47.28 4.59 -35.02
N6A NAP H . -47.34 3.57 -35.90
N1A NAP H . -47.71 5.83 -35.36
C2A NAP H . -47.66 6.86 -34.48
N3A NAP H . -47.18 6.75 -33.24
C4A NAP H . -46.72 5.57 -32.77
O3 NAP H . -40.56 6.67 -26.64
PN NAP H . -38.98 6.73 -26.85
O1N NAP H . -38.37 5.43 -26.41
O2N NAP H . -38.46 8.03 -26.31
O5D NAP H . -38.94 6.81 -28.45
C5D NAP H . -38.55 8.02 -29.06
C4D NAP H . -37.91 7.72 -30.40
O4D NAP H . -37.06 8.80 -30.74
C3D NAP H . -37.05 6.47 -30.28
O3D NAP H . -37.53 5.47 -31.16
C2D NAP H . -35.66 6.88 -30.70
O2D NAP H . -35.32 6.15 -31.89
C1D NAP H . -35.73 8.36 -31.02
N1N NAP H . -34.79 9.10 -30.19
C2N NAP H . -33.92 9.94 -30.76
C3N NAP H . -33.02 10.66 -30.00
C7N NAP H . -32.06 11.58 -30.69
O7N NAP H . -31.95 11.54 -31.90
N7N NAP H . -31.35 12.43 -29.96
C4N NAP H . -33.02 10.51 -28.62
C5N NAP H . -33.93 9.64 -28.05
C6N NAP H . -34.81 8.94 -28.85
P2B NAP H . -48.53 4.65 -27.74
O1X NAP H . -47.74 3.37 -27.77
O2X NAP H . -48.53 5.36 -26.41
O3X NAP H . -49.87 4.55 -28.42
#